data_8ZES
#
_entry.id   8ZES
#
_cell.length_a   126.640
_cell.length_b   194.240
_cell.length_c   264.370
_cell.angle_alpha   90.00
_cell.angle_beta   90.00
_cell.angle_gamma   90.00
#
_symmetry.space_group_name_H-M   'I 21 21 21'
#
loop_
_entity.id
_entity.type
_entity.pdbx_description
1 polymer 'Spike protein S1'
2 polymer 'Nanobody P2C5'
3 branched 2-acetamido-2-deoxy-beta-D-glucopyranose-(1-4)-2-acetamido-2-deoxy-beta-D-glucopyranose
4 non-polymer 2-acetamido-2-deoxy-beta-D-glucopyranose
#
loop_
_entity_poly.entity_id
_entity_poly.type
_entity_poly.pdbx_seq_one_letter_code
_entity_poly.pdbx_strand_id
1 'polypeptide(L)'
;TNLCPFGEVFNATRFASVYAWNRKRISNCVADYSVLYNSASFSTFKCYGVSPTKLNDLCFTNVYADSFVIRGDEVRQIAP
GQTGKIADYNYKLPDDFTGCVIAWNSNNLDSKVGGNYNYLYRLFRKSNLKPFERDISTEIYQAGSTPCNGVEGFNCYFPL
QSYGFQPTNGVGYQPYRVVVLSFELLHAPATVCGPKKSTNLVKNKCVNFGSHHHHHHHHHH
;
C,A,G,I,D
2 'polypeptide(L)'
;EVQLVESGGGSVQAGGSLRLSCVASGYTYCSYDMSWYRQAPGKEREFVSIIRRDGSTAYTDAVKGRFAISRDNAKNTLYL
QMNSLEPEDTAMYYCKSWACSSGEYLYQGDWGQGTQVTVSSAAAEQKLISEEDLNGAAHHHHHHGS
;
E,B,F,H,J
#
loop_
_chem_comp.id
_chem_comp.type
_chem_comp.name
_chem_comp.formula
NAG D-saccharide, beta linking 2-acetamido-2-deoxy-beta-D-glucopyranose 'C8 H15 N O6'
#
# COMPACT_ATOMS: atom_id res chain seq x y z
N ASN A 2 25.44 -7.40 21.71
CA ASN A 2 24.86 -8.78 21.69
C ASN A 2 24.04 -9.05 20.40
N LEU A 3 23.37 -7.99 19.84
CA LEU A 3 22.29 -8.09 18.89
C LEU A 3 22.84 -8.41 17.51
N CYS A 4 22.08 -9.21 16.71
CA CYS A 4 22.53 -9.88 15.46
C CYS A 4 22.70 -8.92 14.25
N PRO A 5 23.56 -9.24 13.21
CA PRO A 5 24.08 -8.27 12.23
C PRO A 5 23.33 -8.38 10.91
N PHE A 6 22.02 -8.23 11.01
CA PHE A 6 21.12 -8.55 9.93
C PHE A 6 21.19 -7.41 8.94
N GLY A 7 21.07 -6.15 9.45
CA GLY A 7 21.27 -4.90 8.74
C GLY A 7 22.45 -4.91 7.76
N GLU A 8 23.53 -5.65 8.07
CA GLU A 8 24.55 -5.83 7.04
C GLU A 8 24.13 -6.81 5.92
N VAL A 9 23.37 -7.92 6.16
CA VAL A 9 22.88 -8.77 5.03
C VAL A 9 21.91 -7.95 4.15
N PHE A 10 20.88 -7.39 4.78
CA PHE A 10 19.70 -6.92 4.09
C PHE A 10 20.00 -5.53 3.53
N ASN A 11 20.36 -4.54 4.39
CA ASN A 11 20.53 -3.14 4.02
C ASN A 11 21.89 -2.94 3.30
N ALA A 12 22.44 -4.00 2.57
CA ALA A 12 23.74 -4.10 1.93
C ALA A 12 23.85 -3.30 0.62
N THR A 13 25.03 -2.78 0.28
CA THR A 13 25.31 -1.87 -0.82
C THR A 13 25.11 -2.55 -2.16
N ARG A 14 25.74 -3.75 -2.25
CA ARG A 14 25.75 -4.58 -3.44
C ARG A 14 25.35 -6.00 -3.01
N PHE A 15 24.84 -6.80 -3.96
CA PHE A 15 24.33 -8.15 -3.68
C PHE A 15 24.88 -9.12 -4.71
N ALA A 16 24.73 -10.44 -4.35
CA ALA A 16 25.29 -11.49 -5.17
C ALA A 16 24.48 -11.68 -6.46
N SER A 17 25.15 -11.84 -7.60
CA SER A 17 24.64 -12.64 -8.72
C SER A 17 24.22 -14.05 -8.26
N VAL A 18 23.26 -14.66 -8.92
CA VAL A 18 22.54 -15.74 -8.28
C VAL A 18 23.30 -17.09 -8.37
N TYR A 19 24.05 -17.43 -9.46
CA TYR A 19 24.98 -18.58 -9.50
C TYR A 19 26.05 -18.53 -8.41
N ALA A 20 26.42 -17.27 -8.08
CA ALA A 20 27.55 -16.87 -7.29
C ALA A 20 27.07 -16.33 -5.91
N TRP A 21 26.26 -17.18 -5.29
CA TRP A 21 25.41 -16.70 -4.21
C TRP A 21 26.16 -16.62 -2.90
N ASN A 22 26.07 -15.45 -2.26
CA ASN A 22 26.63 -15.21 -0.93
C ASN A 22 25.93 -16.07 0.10
N ARG A 23 26.62 -16.14 1.24
CA ARG A 23 26.08 -16.60 2.49
C ARG A 23 26.86 -15.87 3.60
N LYS A 24 26.19 -15.51 4.70
CA LYS A 24 26.88 -15.54 6.00
C LYS A 24 26.21 -16.65 6.81
N ARG A 25 26.98 -17.47 7.56
CA ARG A 25 26.46 -18.03 8.79
C ARG A 25 26.41 -16.96 9.90
N ILE A 26 25.30 -16.92 10.64
CA ILE A 26 25.07 -16.14 11.83
C ILE A 26 25.11 -17.06 13.05
N SER A 27 25.88 -16.63 14.10
CA SER A 27 25.94 -17.29 15.39
C SER A 27 26.27 -16.33 16.56
N ASN A 28 25.99 -16.86 17.78
CA ASN A 28 26.34 -16.35 19.10
C ASN A 28 25.82 -14.89 19.21
N CYS A 29 24.49 -14.76 19.02
CA CYS A 29 23.80 -13.46 18.97
C CYS A 29 22.25 -13.63 19.04
N VAL A 30 21.56 -12.50 19.30
CA VAL A 30 20.12 -12.45 19.57
C VAL A 30 19.43 -11.88 18.33
N ALA A 31 18.36 -12.56 17.89
CA ALA A 31 17.66 -12.33 16.62
C ALA A 31 16.19 -11.97 16.86
N ASP A 32 15.88 -10.65 16.87
CA ASP A 32 14.52 -10.13 16.62
C ASP A 32 14.22 -10.18 15.11
N TYR A 33 13.57 -11.25 14.70
CA TYR A 33 13.08 -11.42 13.33
C TYR A 33 11.77 -10.66 13.05
N SER A 34 11.03 -10.08 14.04
CA SER A 34 9.74 -9.40 13.79
C SER A 34 9.92 -8.16 12.91
N VAL A 35 11.07 -7.47 13.08
CA VAL A 35 11.45 -6.38 12.17
C VAL A 35 11.83 -6.84 10.75
N LEU A 36 11.75 -8.16 10.42
CA LEU A 36 11.63 -8.68 9.04
C LEU A 36 10.22 -8.98 8.52
N TYR A 37 9.39 -9.71 9.34
CA TYR A 37 8.17 -10.36 8.83
C TYR A 37 7.14 -9.28 8.49
N ASN A 38 6.73 -8.52 9.49
CA ASN A 38 5.92 -7.31 9.31
C ASN A 38 6.82 -6.06 9.29
N SER A 39 8.02 -6.12 8.67
CA SER A 39 8.72 -4.97 8.15
C SER A 39 7.92 -4.47 6.97
N ALA A 40 7.62 -5.40 6.04
CA ALA A 40 6.63 -5.13 5.00
C ALA A 40 7.08 -4.08 3.98
N SER A 41 8.26 -3.44 4.15
CA SER A 41 9.17 -3.15 3.05
C SER A 41 9.47 -4.37 2.14
N PHE A 42 9.54 -5.61 2.67
CA PHE A 42 9.80 -6.81 1.89
C PHE A 42 8.52 -7.28 1.21
N SER A 43 8.47 -7.32 -0.15
CA SER A 43 7.49 -8.06 -0.98
C SER A 43 7.14 -9.48 -0.45
N THR A 44 7.95 -10.52 -0.76
CA THR A 44 7.58 -11.94 -0.58
C THR A 44 8.22 -12.44 0.71
N PHE A 45 7.57 -13.42 1.37
CA PHE A 45 7.89 -13.86 2.73
C PHE A 45 7.17 -15.17 3.10
N LYS A 46 7.84 -16.30 2.82
CA LYS A 46 7.23 -17.64 2.84
C LYS A 46 8.09 -18.49 3.78
N CYS A 47 7.48 -18.96 4.89
CA CYS A 47 8.16 -19.78 5.89
C CYS A 47 7.68 -21.23 5.78
N TYR A 48 8.67 -22.15 5.76
CA TYR A 48 8.45 -23.55 5.45
C TYR A 48 9.07 -24.29 6.65
N GLY A 49 8.34 -25.27 7.23
CA GLY A 49 8.72 -25.90 8.48
C GLY A 49 8.41 -25.03 9.73
N VAL A 50 7.91 -23.79 9.56
CA VAL A 50 7.99 -22.70 10.53
C VAL A 50 6.68 -21.88 10.57
N SER A 51 6.11 -21.66 11.78
CA SER A 51 5.24 -20.51 12.05
C SER A 51 6.10 -19.26 12.18
N PRO A 52 5.91 -18.15 11.41
CA PRO A 52 6.72 -16.94 11.63
C PRO A 52 6.46 -16.09 12.91
N THR A 53 5.57 -16.47 13.85
CA THR A 53 5.70 -16.02 15.26
C THR A 53 6.84 -16.77 15.92
N LYS A 54 6.72 -18.12 15.92
CA LYS A 54 7.26 -18.98 17.00
C LYS A 54 8.81 -19.00 17.08
N LEU A 55 9.42 -18.82 15.90
CA LEU A 55 10.84 -18.56 15.74
C LEU A 55 11.34 -17.41 16.59
N ASN A 56 10.54 -16.35 16.87
CA ASN A 56 11.03 -15.14 17.51
C ASN A 56 11.28 -15.35 19.02
N ASP A 57 10.89 -16.50 19.61
CA ASP A 57 11.58 -17.00 20.80
C ASP A 57 11.79 -18.51 20.61
N LEU A 58 12.67 -18.85 19.66
CA LEU A 58 13.14 -20.23 19.47
C LEU A 58 14.56 -20.28 18.85
N CYS A 59 15.28 -21.37 19.19
CA CYS A 59 16.72 -21.48 19.33
C CYS A 59 17.34 -22.48 18.34
N PHE A 60 18.53 -22.14 17.79
CA PHE A 60 19.23 -22.87 16.74
C PHE A 60 20.75 -22.89 16.93
N THR A 61 21.40 -23.97 16.41
CA THR A 61 22.86 -24.08 16.32
C THR A 61 23.36 -22.97 15.39
N ASN A 62 22.77 -22.89 14.17
CA ASN A 62 23.09 -21.83 13.24
C ASN A 62 21.91 -21.39 12.38
N VAL A 63 21.91 -20.06 12.08
CA VAL A 63 21.18 -19.41 11.02
C VAL A 63 22.13 -19.06 9.86
N TYR A 64 21.77 -19.44 8.60
CA TYR A 64 22.57 -19.15 7.41
C TYR A 64 21.73 -18.38 6.38
N ALA A 65 22.33 -17.33 5.74
CA ALA A 65 21.61 -16.19 5.14
C ALA A 65 22.12 -15.89 3.73
N ASP A 66 21.42 -16.49 2.75
CA ASP A 66 21.90 -16.66 1.38
C ASP A 66 21.47 -15.45 0.55
N SER A 67 22.29 -14.39 0.52
CA SER A 67 22.05 -13.11 -0.15
C SER A 67 22.24 -13.28 -1.66
N PHE A 68 21.22 -13.04 -2.56
CA PHE A 68 21.44 -12.95 -4.01
C PHE A 68 20.29 -12.32 -4.80
N VAL A 69 20.40 -12.19 -6.15
CA VAL A 69 19.57 -11.33 -6.99
C VAL A 69 19.26 -12.05 -8.33
N ILE A 70 17.93 -12.11 -8.55
CA ILE A 70 17.24 -12.70 -9.70
C ILE A 70 16.20 -11.71 -10.27
N ARG A 71 15.55 -12.12 -11.39
CA ARG A 71 14.30 -11.57 -11.91
C ARG A 71 13.15 -11.94 -11.01
N GLY A 72 12.15 -11.04 -10.89
CA GLY A 72 10.91 -11.28 -10.17
C GLY A 72 10.16 -12.55 -10.53
N ASP A 73 10.01 -12.84 -11.83
CA ASP A 73 9.29 -14.06 -12.26
C ASP A 73 9.98 -15.36 -11.72
N GLU A 74 11.31 -15.33 -11.44
CA GLU A 74 12.08 -16.46 -10.96
C GLU A 74 11.89 -16.71 -9.44
N VAL A 75 11.26 -15.81 -8.66
CA VAL A 75 11.09 -15.90 -7.20
C VAL A 75 10.27 -17.12 -6.77
N ARG A 76 9.35 -17.52 -7.63
CA ARG A 76 8.74 -18.82 -7.53
C ARG A 76 9.74 -19.96 -7.27
N GLN A 77 10.97 -19.92 -7.81
CA GLN A 77 11.92 -21.04 -7.78
C GLN A 77 12.73 -21.16 -6.47
N ILE A 78 12.73 -20.10 -5.64
CA ILE A 78 13.39 -20.06 -4.33
C ILE A 78 12.36 -20.60 -3.32
N ALA A 79 12.22 -21.91 -3.48
CA ALA A 79 11.15 -22.63 -2.85
C ALA A 79 11.42 -24.11 -3.09
N PRO A 80 11.09 -24.99 -2.09
CA PRO A 80 11.16 -26.45 -2.28
C PRO A 80 10.38 -27.02 -3.48
N GLY A 81 10.74 -28.23 -3.90
CA GLY A 81 10.13 -28.94 -5.02
C GLY A 81 10.20 -28.24 -6.39
N GLN A 82 10.97 -27.14 -6.56
CA GLN A 82 10.81 -26.25 -7.71
C GLN A 82 11.72 -26.70 -8.86
N THR A 83 11.49 -26.05 -10.01
CA THR A 83 11.97 -26.45 -11.30
C THR A 83 12.31 -25.22 -12.16
N GLY A 84 13.21 -25.46 -13.15
CA GLY A 84 13.68 -24.49 -14.13
C GLY A 84 15.02 -23.85 -13.76
N LYS A 85 15.48 -22.92 -14.63
CA LYS A 85 16.84 -22.34 -14.60
C LYS A 85 17.48 -22.16 -13.25
N ILE A 86 16.79 -21.68 -12.22
CA ILE A 86 17.43 -21.22 -10.98
C ILE A 86 17.55 -22.39 -9.97
N ALA A 87 16.43 -23.02 -9.59
CA ALA A 87 16.44 -24.20 -8.71
C ALA A 87 17.30 -25.32 -9.31
N ASP A 88 17.33 -25.49 -10.63
CA ASP A 88 18.20 -26.44 -11.31
C ASP A 88 19.68 -26.04 -11.30
N TYR A 89 20.03 -24.77 -11.69
CA TYR A 89 21.40 -24.38 -12.12
C TYR A 89 22.10 -23.25 -11.30
N ASN A 90 21.47 -22.65 -10.29
CA ASN A 90 22.08 -21.47 -9.67
C ASN A 90 22.08 -21.66 -8.16
N TYR A 91 20.85 -21.84 -7.61
CA TYR A 91 20.58 -22.13 -6.22
C TYR A 91 19.34 -23.02 -6.03
N LYS A 92 19.54 -24.24 -5.53
CA LYS A 92 18.43 -25.13 -5.17
C LYS A 92 18.04 -24.82 -3.76
N LEU A 93 16.83 -25.21 -3.34
CA LEU A 93 16.54 -25.53 -1.93
C LEU A 93 16.23 -27.03 -1.77
N PRO A 94 16.40 -27.60 -0.55
CA PRO A 94 16.11 -29.02 -0.31
C PRO A 94 14.61 -29.16 -0.12
N ASP A 95 14.10 -30.36 -0.39
CA ASP A 95 12.65 -30.63 -0.45
C ASP A 95 11.98 -30.53 0.94
N ASP A 96 12.70 -30.77 2.04
CA ASP A 96 12.14 -30.63 3.39
C ASP A 96 12.88 -29.49 4.10
N PHE A 97 12.95 -28.34 3.43
CA PHE A 97 13.60 -27.12 3.88
C PHE A 97 12.83 -26.60 5.10
N THR A 98 13.63 -26.10 6.06
CA THR A 98 13.19 -25.42 7.27
C THR A 98 13.83 -24.04 7.18
N GLY A 99 12.97 -23.01 7.14
CA GLY A 99 13.44 -21.65 6.95
C GLY A 99 12.42 -20.73 6.28
N CYS A 100 12.90 -19.46 6.10
CA CYS A 100 12.12 -18.38 5.51
C CYS A 100 12.82 -17.90 4.22
N VAL A 101 11.98 -17.30 3.32
CA VAL A 101 12.41 -16.83 2.01
C VAL A 101 11.92 -15.39 1.93
N ILE A 102 12.84 -14.43 1.97
CA ILE A 102 12.52 -13.02 1.75
C ILE A 102 12.97 -12.67 0.32
N ALA A 103 12.12 -11.92 -0.39
CA ALA A 103 12.56 -11.01 -1.43
C ALA A 103 11.87 -9.66 -1.37
N TRP A 104 12.48 -8.72 -2.10
CA TRP A 104 11.92 -7.41 -2.39
C TRP A 104 12.38 -6.90 -3.75
N ASN A 105 11.50 -6.11 -4.37
CA ASN A 105 11.80 -5.49 -5.65
C ASN A 105 12.86 -4.40 -5.47
N SER A 106 13.84 -4.43 -6.35
CA SER A 106 15.07 -3.70 -6.19
C SER A 106 15.42 -3.00 -7.51
N ASN A 107 14.40 -2.43 -8.18
CA ASN A 107 14.54 -1.90 -9.55
C ASN A 107 15.15 -0.50 -9.48
N ASN A 108 14.58 0.31 -8.58
CA ASN A 108 15.15 1.50 -7.95
C ASN A 108 16.66 1.43 -7.66
N LEU A 109 17.22 0.26 -7.18
CA LEU A 109 18.64 0.10 -6.89
C LEU A 109 19.45 -0.50 -8.07
N ASP A 110 19.09 -1.74 -8.46
CA ASP A 110 19.92 -2.68 -9.22
C ASP A 110 19.63 -2.66 -10.73
N SER A 111 18.81 -1.71 -11.25
CA SER A 111 18.76 -1.36 -12.66
C SER A 111 19.56 -0.09 -12.94
N LYS A 112 20.10 0.03 -14.16
CA LYS A 112 20.64 1.30 -14.64
C LYS A 112 20.25 1.47 -16.11
N VAL A 113 20.04 2.76 -16.43
CA VAL A 113 20.07 3.37 -17.76
C VAL A 113 20.90 2.59 -18.79
N GLY A 114 20.22 1.77 -19.60
CA GLY A 114 20.91 0.91 -20.57
C GLY A 114 21.56 -0.39 -20.02
N GLY A 115 21.25 -0.79 -18.76
CA GLY A 115 21.30 -2.15 -18.27
C GLY A 115 22.50 -2.45 -17.35
N ASN A 116 22.27 -2.74 -16.05
CA ASN A 116 23.28 -3.24 -15.12
C ASN A 116 23.68 -4.64 -15.56
N TYR A 117 24.96 -4.89 -15.94
CA TYR A 117 25.37 -6.23 -16.38
C TYR A 117 25.78 -7.12 -15.20
N ASN A 118 25.94 -6.56 -13.98
CA ASN A 118 26.81 -7.08 -12.93
C ASN A 118 26.06 -8.12 -12.11
N TYR A 119 24.71 -8.29 -12.26
CA TYR A 119 23.98 -9.47 -11.75
C TYR A 119 23.84 -10.45 -12.91
N LEU A 120 23.83 -11.75 -12.56
CA LEU A 120 24.17 -12.80 -13.53
C LEU A 120 23.64 -14.15 -13.07
N TYR A 121 23.54 -15.06 -14.09
CA TYR A 121 22.89 -16.36 -13.96
C TYR A 121 23.41 -17.44 -14.95
N ARG A 122 23.30 -18.67 -14.45
CA ARG A 122 23.82 -19.84 -15.10
C ARG A 122 22.68 -20.35 -15.92
N LEU A 123 22.84 -20.27 -17.24
CA LEU A 123 21.88 -20.91 -18.18
C LEU A 123 22.08 -22.44 -18.17
N PHE A 124 21.88 -23.39 -19.08
CA PHE A 124 22.62 -24.66 -19.01
C PHE A 124 23.70 -25.01 -17.93
N ARG A 125 23.71 -26.31 -17.67
CA ARG A 125 24.73 -27.04 -16.90
C ARG A 125 24.50 -28.54 -17.07
N LYS A 126 25.58 -29.32 -16.88
CA LYS A 126 25.71 -30.73 -17.25
C LYS A 126 24.66 -31.58 -16.54
N SER A 127 24.38 -31.30 -15.24
CA SER A 127 23.23 -31.81 -14.50
C SER A 127 22.77 -30.77 -13.48
N ASN A 128 21.66 -31.08 -12.78
CA ASN A 128 21.07 -30.17 -11.80
C ASN A 128 21.90 -30.15 -10.53
N LEU A 129 21.80 -29.01 -9.82
CA LEU A 129 22.49 -28.73 -8.57
C LEU A 129 21.87 -29.58 -7.44
N LYS A 130 22.75 -30.01 -6.54
CA LYS A 130 22.25 -30.58 -5.29
C LYS A 130 21.86 -29.42 -4.39
N PRO A 131 20.96 -29.63 -3.36
CA PRO A 131 20.61 -28.58 -2.36
C PRO A 131 21.76 -27.78 -1.76
N PHE A 132 21.72 -26.44 -1.89
CA PHE A 132 22.77 -25.49 -1.56
C PHE A 132 24.12 -25.74 -2.28
N GLU A 133 24.11 -26.31 -3.50
CA GLU A 133 25.30 -26.33 -4.32
C GLU A 133 25.43 -24.88 -4.84
N ARG A 134 26.68 -24.41 -4.97
CA ARG A 134 27.04 -23.25 -5.79
C ARG A 134 27.93 -23.70 -6.95
N ASP A 135 27.80 -23.05 -8.10
CA ASP A 135 28.73 -23.30 -9.18
C ASP A 135 29.20 -21.98 -9.72
N ILE A 136 30.52 -21.94 -10.07
CA ILE A 136 31.21 -20.76 -10.67
C ILE A 136 32.05 -21.06 -11.96
N SER A 137 31.87 -22.31 -12.57
CA SER A 137 32.36 -22.82 -13.88
C SER A 137 32.39 -21.76 -14.93
N THR A 138 33.53 -21.46 -15.56
CA THR A 138 33.64 -20.58 -16.72
C THR A 138 33.76 -21.42 -18.02
N GLU A 139 33.13 -22.65 -18.01
CA GLU A 139 33.69 -23.75 -18.85
C GLU A 139 32.57 -23.97 -19.84
N ILE A 140 32.87 -24.10 -21.15
CA ILE A 140 31.88 -24.16 -22.24
C ILE A 140 30.93 -25.37 -22.10
N TYR A 141 29.66 -25.18 -22.48
CA TYR A 141 28.63 -26.20 -22.39
C TYR A 141 28.56 -26.93 -23.72
N GLN A 142 28.57 -28.26 -23.64
CA GLN A 142 28.39 -29.14 -24.82
C GLN A 142 26.88 -29.32 -24.92
N ALA A 143 26.21 -28.60 -25.83
CA ALA A 143 24.81 -28.78 -26.20
C ALA A 143 24.67 -29.99 -27.10
N GLY A 144 25.40 -29.99 -28.23
CA GLY A 144 25.37 -31.06 -29.19
C GLY A 144 26.16 -32.27 -28.67
N SER A 145 25.98 -33.38 -29.39
CA SER A 145 26.94 -34.46 -29.56
C SER A 145 28.26 -33.94 -30.14
N THR A 146 28.17 -32.92 -31.01
CA THR A 146 29.25 -32.26 -31.69
C THR A 146 30.27 -31.67 -30.69
N PRO A 147 31.61 -31.92 -30.83
CA PRO A 147 32.67 -31.39 -29.98
C PRO A 147 32.83 -29.88 -30.04
N CYS A 148 33.46 -29.28 -29.00
CA CYS A 148 33.54 -27.82 -28.91
C CYS A 148 34.76 -27.22 -29.55
N ASN A 149 35.91 -27.91 -29.60
CA ASN A 149 37.23 -27.30 -29.85
C ASN A 149 37.59 -26.19 -28.83
N GLY A 150 36.84 -26.06 -27.69
CA GLY A 150 36.70 -24.82 -26.93
C GLY A 150 36.53 -23.58 -27.80
N VAL A 151 35.56 -23.61 -28.74
CA VAL A 151 35.16 -22.45 -29.52
C VAL A 151 33.65 -22.30 -29.26
N GLU A 152 33.29 -21.09 -28.78
CA GLU A 152 31.90 -20.73 -28.56
C GLU A 152 31.25 -20.48 -29.91
N GLY A 153 30.04 -21.02 -30.16
CA GLY A 153 29.61 -21.30 -31.55
C GLY A 153 28.36 -22.17 -31.58
N PHE A 154 28.18 -22.90 -32.70
CA PHE A 154 27.00 -23.76 -32.91
C PHE A 154 27.03 -24.86 -31.86
N ASN A 155 25.96 -25.00 -31.02
CA ASN A 155 25.84 -26.06 -30.00
C ASN A 155 26.95 -26.07 -28.93
N CYS A 156 27.54 -24.90 -28.67
CA CYS A 156 28.75 -24.75 -27.86
C CYS A 156 28.70 -23.34 -27.27
N TYR A 157 28.19 -23.28 -26.02
CA TYR A 157 27.61 -22.10 -25.42
C TYR A 157 28.34 -21.81 -24.11
N PHE A 158 28.62 -20.51 -23.87
CA PHE A 158 29.30 -20.04 -22.69
C PHE A 158 28.28 -19.93 -21.56
N PRO A 159 28.32 -20.76 -20.49
CA PRO A 159 27.11 -21.04 -19.68
C PRO A 159 26.59 -19.96 -18.69
N LEU A 160 27.29 -18.80 -18.55
CA LEU A 160 26.78 -17.71 -17.73
C LEU A 160 26.25 -16.58 -18.58
N GLN A 161 25.15 -15.92 -18.11
CA GLN A 161 24.67 -14.68 -18.70
C GLN A 161 24.48 -13.57 -17.66
N SER A 162 24.64 -12.33 -18.13
CA SER A 162 24.09 -11.10 -17.54
C SER A 162 22.59 -11.00 -17.81
N TYR A 163 21.79 -10.74 -16.75
CA TYR A 163 20.45 -10.18 -16.91
C TYR A 163 20.26 -8.78 -17.50
N GLY A 164 21.07 -7.77 -17.15
CA GLY A 164 21.03 -6.49 -17.88
C GLY A 164 19.81 -5.62 -17.53
N PHE A 165 19.49 -5.55 -16.25
CA PHE A 165 18.32 -4.84 -15.74
C PHE A 165 18.31 -3.34 -16.08
N GLN A 166 17.39 -2.95 -17.00
CA GLN A 166 16.98 -1.55 -17.24
C GLN A 166 15.80 -1.17 -16.33
N PRO A 167 15.63 0.12 -15.90
CA PRO A 167 14.39 0.52 -15.17
C PRO A 167 13.12 0.44 -16.03
N THR A 168 13.22 0.64 -17.36
CA THR A 168 12.08 0.56 -18.25
C THR A 168 11.50 -0.88 -18.42
N ASN A 169 12.11 -1.97 -17.88
CA ASN A 169 11.57 -3.32 -17.81
C ASN A 169 10.18 -3.39 -17.16
N GLY A 170 9.38 -4.42 -17.54
CA GLY A 170 8.20 -4.85 -16.82
C GLY A 170 8.54 -5.69 -15.59
N VAL A 171 7.56 -5.86 -14.69
CA VAL A 171 7.74 -6.14 -13.25
C VAL A 171 8.38 -7.52 -13.00
N GLY A 172 8.09 -8.52 -13.85
CA GLY A 172 8.65 -9.87 -13.83
C GLY A 172 10.13 -9.90 -14.21
N TYR A 173 10.52 -9.12 -15.25
CA TYR A 173 11.91 -8.88 -15.67
C TYR A 173 12.61 -7.75 -14.87
N GLN A 174 12.01 -7.21 -13.78
CA GLN A 174 12.73 -6.38 -12.82
C GLN A 174 13.54 -7.26 -11.84
N PRO A 175 14.61 -6.68 -11.21
CA PRO A 175 15.42 -7.43 -10.26
C PRO A 175 14.73 -7.52 -8.87
N TYR A 176 14.68 -8.73 -8.30
CA TYR A 176 14.41 -8.89 -6.86
C TYR A 176 15.67 -9.40 -6.10
N ARG A 177 15.92 -8.70 -4.97
CA ARG A 177 16.85 -9.11 -3.94
C ARG A 177 16.26 -10.13 -2.96
N VAL A 178 17.01 -11.21 -2.74
CA VAL A 178 16.54 -12.42 -2.12
C VAL A 178 17.48 -12.74 -0.94
N VAL A 179 16.88 -13.06 0.21
CA VAL A 179 17.59 -13.68 1.31
C VAL A 179 16.88 -14.99 1.62
N VAL A 180 17.65 -15.97 2.09
CA VAL A 180 17.10 -17.28 2.45
C VAL A 180 17.67 -17.64 3.81
N LEU A 181 16.91 -17.31 4.87
CA LEU A 181 17.18 -17.75 6.23
C LEU A 181 16.88 -19.24 6.35
N SER A 182 17.96 -20.03 6.61
CA SER A 182 17.93 -21.48 6.71
C SER A 182 18.34 -21.82 8.14
N PHE A 183 17.57 -22.71 8.79
CA PHE A 183 17.65 -23.02 10.20
C PHE A 183 18.04 -24.50 10.39
N GLU A 184 18.95 -24.72 11.36
CA GLU A 184 19.51 -25.98 11.75
C GLU A 184 19.69 -26.07 13.24
N LEU A 185 19.58 -27.29 13.75
CA LEU A 185 20.12 -27.63 15.05
C LEU A 185 20.59 -29.11 15.05
N LEU A 186 21.82 -29.26 14.49
CA LEU A 186 22.68 -30.43 14.66
C LEU A 186 23.68 -30.18 15.81
N HIS A 187 24.16 -31.33 16.31
CA HIS A 187 23.83 -31.69 17.72
C HIS A 187 24.53 -30.84 18.80
N ALA A 188 25.72 -30.20 18.57
CA ALA A 188 26.43 -29.34 19.57
C ALA A 188 25.97 -27.86 19.53
N PRO A 189 26.20 -26.99 20.54
CA PRO A 189 25.11 -26.30 21.26
C PRO A 189 24.34 -25.19 20.57
N ALA A 190 23.23 -24.81 21.21
CA ALA A 190 22.39 -23.66 20.86
C ALA A 190 23.18 -22.34 20.82
N THR A 191 22.95 -21.46 19.82
CA THR A 191 23.68 -20.18 19.73
C THR A 191 22.84 -18.97 19.21
N VAL A 192 21.51 -19.11 18.92
CA VAL A 192 20.76 -18.03 18.23
C VAL A 192 19.27 -18.09 18.63
N CYS A 193 18.74 -17.10 19.37
CA CYS A 193 17.30 -17.10 19.77
C CYS A 193 16.73 -15.68 19.87
N GLY A 194 15.44 -15.56 20.25
CA GLY A 194 15.03 -14.80 21.42
C GLY A 194 14.61 -13.34 21.18
N PRO A 195 14.40 -12.50 22.25
CA PRO A 195 14.24 -12.94 23.67
C PRO A 195 12.90 -13.67 23.95
N GLU B 1 38.22 -5.03 -4.02
CA GLU B 1 37.19 -4.20 -4.74
C GLU B 1 37.21 -4.34 -6.28
N VAL B 2 38.41 -4.11 -6.88
CA VAL B 2 38.76 -4.02 -8.31
C VAL B 2 38.06 -2.83 -9.02
N GLN B 3 38.94 -1.93 -9.50
CA GLN B 3 38.67 -1.14 -10.68
C GLN B 3 39.44 -1.81 -11.83
N LEU B 4 38.73 -2.38 -12.81
CA LEU B 4 39.27 -2.61 -14.17
C LEU B 4 39.17 -1.36 -15.04
N VAL B 5 40.05 -1.23 -16.05
CA VAL B 5 40.04 -0.16 -17.04
C VAL B 5 40.59 -0.71 -18.34
N GLU B 6 39.88 -0.47 -19.46
CA GLU B 6 40.37 -0.85 -20.80
C GLU B 6 41.28 0.28 -21.31
N SER B 7 42.01 -0.02 -22.41
CA SER B 7 42.79 0.99 -23.14
C SER B 7 43.29 0.49 -24.50
N GLY B 8 43.65 1.45 -25.36
CA GLY B 8 44.31 1.21 -26.64
C GLY B 8 43.35 0.84 -27.77
N GLY B 9 42.23 1.61 -27.93
CA GLY B 9 41.30 1.44 -29.04
C GLY B 9 41.31 2.65 -29.97
N GLY B 10 40.37 2.65 -30.94
CA GLY B 10 40.14 3.73 -31.87
C GLY B 10 40.07 3.25 -33.32
N SER B 11 39.90 4.25 -34.23
CA SER B 11 39.69 4.00 -35.66
C SER B 11 40.98 3.52 -36.33
N VAL B 12 40.84 2.56 -37.27
CA VAL B 12 41.94 1.96 -38.02
C VAL B 12 41.41 1.43 -39.34
N GLN B 13 42.25 1.43 -40.39
CA GLN B 13 42.13 0.64 -41.62
C GLN B 13 41.77 -0.85 -41.39
N ALA B 14 40.83 -1.34 -42.24
CA ALA B 14 40.57 -2.80 -42.33
C ALA B 14 41.81 -3.57 -42.79
N GLY B 15 41.96 -4.84 -42.35
CA GLY B 15 43.20 -5.61 -42.51
C GLY B 15 44.27 -5.35 -41.44
N GLY B 16 44.36 -4.15 -40.80
CA GLY B 16 45.36 -3.85 -39.77
C GLY B 16 45.16 -4.63 -38.45
N SER B 17 45.90 -4.17 -37.40
CA SER B 17 45.91 -4.80 -36.08
C SER B 17 45.60 -3.81 -34.97
N LEU B 18 45.16 -4.34 -33.81
CA LEU B 18 45.18 -3.60 -32.56
C LEU B 18 45.32 -4.50 -31.32
N ARG B 19 46.00 -3.94 -30.29
CA ARG B 19 46.24 -4.48 -28.97
C ARG B 19 45.38 -3.74 -27.96
N LEU B 20 44.44 -4.44 -27.31
CA LEU B 20 43.67 -3.91 -26.19
C LEU B 20 44.33 -4.33 -24.88
N SER B 21 44.27 -3.41 -23.91
CA SER B 21 45.00 -3.51 -22.65
C SER B 21 43.95 -3.30 -21.55
N CYS B 22 43.72 -4.34 -20.71
CA CYS B 22 42.90 -4.21 -19.50
C CYS B 22 43.85 -4.16 -18.30
N VAL B 23 44.12 -2.94 -17.81
CA VAL B 23 44.76 -2.70 -16.53
C VAL B 23 43.78 -2.99 -15.38
N ALA B 24 44.16 -3.76 -14.36
CA ALA B 24 43.40 -3.92 -13.10
C ALA B 24 43.67 -2.80 -12.07
N SER B 25 43.16 -2.98 -10.81
CA SER B 25 43.75 -2.53 -9.54
C SER B 25 42.97 -3.10 -8.32
N GLY B 26 43.11 -2.48 -7.15
CA GLY B 26 43.32 -3.10 -5.84
C GLY B 26 42.46 -4.33 -5.51
N TYR B 27 43.15 -5.44 -5.33
CA TYR B 27 42.64 -6.72 -5.91
C TYR B 27 41.99 -7.41 -4.71
N THR B 28 41.79 -8.73 -4.89
CA THR B 28 41.02 -9.58 -3.98
C THR B 28 41.66 -10.97 -3.84
N TYR B 29 40.91 -11.86 -3.17
CA TYR B 29 41.41 -13.02 -2.44
C TYR B 29 41.12 -14.25 -3.30
N CYS B 30 41.90 -14.30 -4.42
CA CYS B 30 41.54 -14.81 -5.77
C CYS B 30 42.61 -14.44 -6.82
N SER B 31 42.81 -15.29 -7.85
CA SER B 31 42.97 -14.80 -9.24
C SER B 31 41.76 -15.34 -10.04
N TYR B 32 40.81 -14.41 -10.25
CA TYR B 32 39.79 -14.31 -11.27
C TYR B 32 40.23 -14.88 -12.60
N ASP B 33 39.43 -15.77 -13.18
CA ASP B 33 39.40 -15.99 -14.65
C ASP B 33 38.94 -14.68 -15.33
N MET B 34 39.37 -14.36 -16.57
CA MET B 34 39.09 -13.05 -17.21
C MET B 34 38.72 -13.23 -18.68
N SER B 35 37.85 -12.32 -19.15
CA SER B 35 37.27 -12.37 -20.51
C SER B 35 37.19 -11.01 -21.20
N TRP B 36 37.11 -11.08 -22.54
CA TRP B 36 36.69 -9.97 -23.39
C TRP B 36 35.30 -10.20 -24.00
N TYR B 37 34.54 -9.09 -24.09
CA TYR B 37 33.23 -8.98 -24.69
C TYR B 37 33.17 -7.70 -25.55
N ARG B 38 32.22 -7.67 -26.50
CA ARG B 38 31.98 -6.50 -27.33
C ARG B 38 30.48 -6.21 -27.51
N GLN B 39 30.16 -4.97 -27.90
CA GLN B 39 28.81 -4.53 -28.22
C GLN B 39 28.78 -4.08 -29.68
N ALA B 40 28.39 -4.98 -30.63
CA ALA B 40 28.20 -4.68 -32.07
C ALA B 40 27.02 -3.73 -32.37
N PRO B 41 27.17 -2.37 -32.23
CA PRO B 41 26.27 -1.53 -31.41
C PRO B 41 24.88 -1.57 -32.04
N GLY B 42 23.83 -2.00 -31.30
CA GLY B 42 22.68 -2.71 -31.86
C GLY B 42 22.53 -4.14 -31.34
N LYS B 43 23.28 -5.13 -31.91
CA LYS B 43 23.44 -6.47 -31.31
C LYS B 43 23.86 -6.30 -29.81
N GLU B 44 23.38 -7.22 -28.92
CA GLU B 44 23.52 -7.09 -27.44
C GLU B 44 25.01 -7.25 -27.06
N ARG B 45 25.37 -7.16 -25.77
CA ARG B 45 26.77 -7.30 -25.30
C ARG B 45 27.11 -8.80 -25.35
N GLU B 46 28.15 -9.22 -26.13
CA GLU B 46 28.35 -10.58 -26.66
C GLU B 46 29.79 -11.05 -26.43
N PHE B 47 29.91 -12.39 -26.21
CA PHE B 47 31.10 -13.07 -25.70
C PHE B 47 32.18 -13.02 -26.79
N VAL B 48 33.44 -12.63 -26.45
CA VAL B 48 34.53 -12.67 -27.42
C VAL B 48 35.50 -13.82 -27.12
N SER B 49 36.07 -13.84 -25.90
CA SER B 49 37.05 -14.82 -25.45
C SER B 49 37.23 -14.80 -23.93
N ILE B 50 37.92 -15.85 -23.42
CA ILE B 50 38.29 -16.03 -22.02
C ILE B 50 39.74 -16.56 -21.95
N ILE B 51 40.42 -16.21 -20.85
CA ILE B 51 41.54 -16.96 -20.27
C ILE B 51 41.17 -17.25 -18.81
N ARG B 52 41.46 -18.47 -18.35
CA ARG B 52 41.11 -18.89 -16.99
C ARG B 52 42.37 -18.67 -16.14
N ARG B 53 42.22 -18.85 -14.83
CA ARG B 53 43.33 -19.18 -13.91
C ARG B 53 44.20 -20.33 -14.43
N ASP B 54 43.56 -21.46 -14.74
CA ASP B 54 44.24 -22.62 -15.29
C ASP B 54 44.87 -22.34 -16.67
N GLY B 55 44.63 -21.18 -17.33
CA GLY B 55 45.43 -20.74 -18.46
C GLY B 55 44.82 -21.19 -19.81
N SER B 56 43.86 -22.16 -19.83
CA SER B 56 43.06 -22.44 -21.02
C SER B 56 42.33 -21.20 -21.55
N THR B 57 42.57 -20.92 -22.83
CA THR B 57 41.67 -20.07 -23.59
C THR B 57 40.46 -20.89 -24.06
N ALA B 58 39.39 -20.13 -24.28
CA ALA B 58 38.40 -20.38 -25.31
C ALA B 58 38.05 -19.04 -26.03
N TYR B 59 37.69 -19.12 -27.31
CA TYR B 59 37.35 -17.99 -28.16
C TYR B 59 36.00 -18.28 -28.79
N THR B 60 35.25 -17.22 -29.11
CA THR B 60 34.04 -17.33 -29.89
C THR B 60 34.48 -17.58 -31.34
N ASP B 61 33.66 -18.39 -32.04
CA ASP B 61 33.90 -18.86 -33.42
C ASP B 61 34.15 -17.70 -34.38
N ALA B 62 33.55 -16.53 -34.17
CA ALA B 62 33.67 -15.31 -34.95
C ALA B 62 35.12 -14.92 -35.24
N VAL B 63 35.96 -14.97 -34.19
CA VAL B 63 37.28 -14.37 -34.24
C VAL B 63 38.37 -15.42 -34.20
N LYS B 64 38.02 -16.73 -34.41
CA LYS B 64 38.93 -17.84 -34.21
C LYS B 64 40.03 -17.73 -35.30
N GLY B 65 41.28 -17.83 -34.84
CA GLY B 65 42.45 -17.82 -35.70
C GLY B 65 42.72 -16.45 -36.31
N ARG B 66 42.46 -15.39 -35.50
CA ARG B 66 42.52 -13.99 -35.90
C ARG B 66 42.79 -13.10 -34.68
N PHE B 67 42.07 -13.35 -33.56
CA PHE B 67 42.33 -12.77 -32.26
C PHE B 67 43.06 -13.74 -31.28
N ALA B 68 43.63 -13.15 -30.22
CA ALA B 68 44.50 -13.81 -29.25
C ALA B 68 44.43 -13.13 -27.88
N ILE B 69 44.22 -13.91 -26.79
CA ILE B 69 44.07 -13.39 -25.42
C ILE B 69 45.28 -13.84 -24.57
N SER B 70 45.85 -12.91 -23.76
CA SER B 70 47.03 -13.19 -22.95
C SER B 70 47.11 -12.28 -21.73
N ARG B 71 47.72 -12.71 -20.62
CA ARG B 71 47.98 -11.83 -19.47
C ARG B 71 49.44 -11.90 -19.00
N ASP B 72 49.94 -10.74 -18.53
CA ASP B 72 51.25 -10.55 -17.89
C ASP B 72 51.03 -10.14 -16.43
N ASN B 73 50.88 -11.12 -15.52
CA ASN B 73 50.48 -10.89 -14.13
C ASN B 73 51.42 -9.98 -13.33
N ALA B 74 52.67 -9.90 -13.82
CA ALA B 74 53.64 -8.84 -13.53
C ALA B 74 53.04 -7.43 -13.61
N LYS B 75 52.45 -7.09 -14.76
CA LYS B 75 51.81 -5.79 -14.96
C LYS B 75 50.41 -5.79 -14.32
N ASN B 76 49.78 -6.96 -14.14
CA ASN B 76 48.37 -7.16 -13.81
C ASN B 76 47.50 -6.56 -14.93
N THR B 77 47.87 -6.97 -16.15
CA THR B 77 47.44 -6.39 -17.40
C THR B 77 47.11 -7.55 -18.34
N LEU B 78 46.04 -7.38 -19.11
CA LEU B 78 45.40 -8.40 -19.94
C LEU B 78 45.31 -7.84 -21.35
N TYR B 79 45.70 -8.68 -22.31
CA TYR B 79 45.90 -8.32 -23.70
C TYR B 79 44.87 -9.06 -24.55
N LEU B 80 44.16 -8.29 -25.42
CA LEU B 80 43.54 -8.77 -26.64
C LEU B 80 44.31 -8.22 -27.84
N GLN B 81 45.04 -9.15 -28.51
CA GLN B 81 45.64 -8.93 -29.82
C GLN B 81 44.59 -9.30 -30.85
N MET B 82 44.35 -8.35 -31.80
CA MET B 82 43.37 -8.49 -32.86
C MET B 82 44.11 -8.27 -34.18
N ASN B 83 44.20 -9.33 -35.01
CA ASN B 83 44.74 -9.29 -36.36
C ASN B 83 43.59 -9.41 -37.36
N SER B 84 43.83 -8.91 -38.60
CA SER B 84 42.96 -9.14 -39.75
C SER B 84 41.55 -8.64 -39.40
N LEU B 85 41.53 -7.34 -39.02
CA LEU B 85 40.31 -6.69 -38.60
C LEU B 85 39.40 -6.45 -39.82
N GLU B 86 38.11 -6.81 -39.70
CA GLU B 86 37.08 -6.38 -40.64
C GLU B 86 36.22 -5.30 -39.98
N PRO B 87 35.39 -4.56 -40.77
CA PRO B 87 34.37 -3.69 -40.17
C PRO B 87 33.34 -4.29 -39.20
N GLU B 88 33.02 -5.61 -39.29
CA GLU B 88 32.20 -6.37 -38.32
C GLU B 88 32.71 -6.26 -36.88
N ASP B 89 34.04 -6.26 -36.72
CA ASP B 89 34.72 -6.18 -35.44
C ASP B 89 34.80 -4.73 -34.90
N THR B 90 34.10 -3.75 -35.52
CA THR B 90 33.73 -2.52 -34.84
C THR B 90 32.73 -2.82 -33.71
N ALA B 91 32.87 -2.08 -32.60
CA ALA B 91 32.14 -2.28 -31.36
C ALA B 91 32.86 -1.52 -30.23
N MET B 92 32.13 -1.27 -29.12
CA MET B 92 32.77 -1.02 -27.82
C MET B 92 33.14 -2.39 -27.24
N TYR B 93 34.43 -2.56 -26.92
CA TYR B 93 35.00 -3.78 -26.35
C TYR B 93 35.12 -3.59 -24.85
N TYR B 94 34.79 -4.63 -24.06
CA TYR B 94 34.83 -4.66 -22.60
C TYR B 94 35.59 -5.87 -22.06
N CYS B 95 36.45 -5.66 -21.01
CA CYS B 95 37.01 -6.75 -20.22
C CYS B 95 36.10 -7.05 -18.99
N LYS B 96 36.24 -8.31 -18.54
CA LYS B 96 35.32 -8.92 -17.58
C LYS B 96 36.17 -9.81 -16.70
N SER B 97 36.26 -9.43 -15.41
CA SER B 97 36.67 -10.34 -14.36
C SER B 97 35.48 -11.22 -14.05
N TRP B 98 35.68 -12.54 -13.83
CA TRP B 98 34.62 -13.45 -13.43
C TRP B 98 34.57 -13.67 -11.94
N ALA B 99 33.59 -14.49 -11.57
CA ALA B 99 33.54 -15.03 -10.26
C ALA B 99 34.70 -16.03 -10.11
N CYS B 100 35.30 -15.85 -8.91
CA CYS B 100 36.05 -16.88 -8.25
C CYS B 100 35.88 -16.70 -6.71
N SER B 101 36.44 -17.70 -5.97
CA SER B 101 36.18 -17.94 -4.55
C SER B 101 37.37 -17.59 -3.61
N SER B 102 37.26 -17.86 -2.29
CA SER B 102 38.33 -18.35 -1.38
C SER B 102 37.72 -18.47 0.02
N GLY B 103 36.76 -19.39 0.21
CA GLY B 103 36.39 -19.95 1.53
C GLY B 103 35.26 -19.21 2.29
N GLU B 104 35.02 -17.93 2.01
CA GLU B 104 33.66 -17.38 2.09
C GLU B 104 33.52 -16.08 1.31
N TYR B 105 34.60 -15.27 1.24
CA TYR B 105 34.70 -14.15 0.32
C TYR B 105 34.60 -14.71 -1.13
N LEU B 106 33.76 -14.01 -1.89
CA LEU B 106 33.17 -14.52 -3.11
C LEU B 106 33.17 -13.34 -4.01
N TYR B 107 34.23 -13.16 -4.80
CA TYR B 107 34.31 -12.04 -5.74
C TYR B 107 33.37 -12.32 -6.92
N GLN B 108 32.41 -11.37 -7.13
CA GLN B 108 31.30 -11.51 -8.05
C GLN B 108 31.78 -11.41 -9.48
N GLY B 109 32.80 -10.59 -9.72
CA GLY B 109 33.06 -10.10 -11.05
C GLY B 109 32.73 -8.63 -11.18
N ASP B 110 33.39 -8.06 -12.22
CA ASP B 110 33.38 -6.64 -12.53
C ASP B 110 33.58 -6.49 -14.06
N TRP B 111 32.98 -5.43 -14.62
CA TRP B 111 33.26 -4.97 -15.97
C TRP B 111 33.94 -3.59 -15.92
N GLY B 112 34.61 -3.26 -17.04
CA GLY B 112 35.26 -1.97 -17.25
C GLY B 112 34.46 -1.03 -18.14
N GLN B 113 35.03 0.18 -18.39
CA GLN B 113 34.35 1.27 -19.09
C GLN B 113 34.17 0.96 -20.57
N GLY B 114 35.17 0.31 -21.16
CA GLY B 114 35.23 -0.14 -22.54
C GLY B 114 36.11 0.80 -23.36
N THR B 115 36.44 0.35 -24.58
CA THR B 115 37.11 1.18 -25.58
C THR B 115 36.53 0.85 -26.96
N GLN B 116 36.29 1.91 -27.76
CA GLN B 116 35.66 1.81 -29.07
C GLN B 116 36.72 1.45 -30.11
N VAL B 117 36.55 0.29 -30.77
CA VAL B 117 37.32 -0.14 -31.94
C VAL B 117 36.44 0.07 -33.16
N THR B 118 37.03 0.56 -34.27
CA THR B 118 36.34 1.12 -35.41
C THR B 118 37.12 0.84 -36.71
N VAL B 119 36.47 0.30 -37.79
CA VAL B 119 37.16 -0.33 -38.95
C VAL B 119 36.40 -0.05 -40.25
N SER B 120 37.05 0.15 -41.45
CA SER B 120 36.33 0.79 -42.59
C SER B 120 36.78 0.41 -44.00
N SER B 121 36.06 0.95 -45.05
CA SER B 121 36.34 0.72 -46.47
C SER B 121 36.12 1.99 -47.32
N ASN C 2 6.69 7.92 -30.53
CA ASN C 2 7.05 7.40 -29.16
C ASN C 2 5.85 7.67 -28.17
N LEU C 3 4.64 7.20 -28.63
CA LEU C 3 3.28 7.55 -28.19
C LEU C 3 3.00 6.89 -26.85
N CYS C 4 2.15 7.55 -26.04
CA CYS C 4 1.90 7.19 -24.61
C CYS C 4 1.04 5.92 -24.39
N PRO C 5 1.07 5.24 -23.18
CA PRO C 5 0.53 3.90 -22.93
C PRO C 5 -0.82 3.96 -22.23
N PHE C 6 -1.73 4.68 -22.83
CA PHE C 6 -2.97 4.99 -22.16
C PHE C 6 -3.88 3.78 -22.35
N GLY C 7 -3.95 3.28 -23.60
CA GLY C 7 -4.64 2.07 -24.00
C GLY C 7 -4.40 0.88 -23.06
N GLU C 8 -3.19 0.81 -22.46
CA GLU C 8 -2.95 -0.12 -21.36
C GLU C 8 -3.80 0.16 -20.10
N VAL C 9 -3.88 1.43 -19.64
CA VAL C 9 -4.66 1.79 -18.42
C VAL C 9 -6.14 1.51 -18.66
N PHE C 10 -6.67 2.10 -19.73
CA PHE C 10 -8.10 2.26 -19.93
C PHE C 10 -8.62 0.94 -20.51
N ASN C 11 -8.11 0.56 -21.71
CA ASN C 11 -8.69 -0.47 -22.58
C ASN C 11 -8.18 -1.84 -22.05
N ALA C 12 -8.32 -2.11 -20.73
CA ALA C 12 -7.67 -3.12 -19.88
C ALA C 12 -8.71 -4.10 -19.31
N THR C 13 -8.22 -5.33 -19.07
CA THR C 13 -9.03 -6.54 -18.96
C THR C 13 -9.87 -6.54 -17.70
N ARG C 14 -9.18 -6.27 -16.58
CA ARG C 14 -9.71 -6.19 -15.21
C ARG C 14 -9.10 -4.91 -14.61
N PHE C 15 -9.62 -4.45 -13.46
CA PHE C 15 -9.33 -3.18 -12.83
C PHE C 15 -9.25 -3.39 -11.34
N ALA C 16 -8.67 -2.36 -10.66
CA ALA C 16 -8.43 -2.45 -9.22
C ALA C 16 -9.73 -2.37 -8.41
N SER C 17 -9.89 -3.21 -7.39
CA SER C 17 -10.68 -2.86 -6.21
C SER C 17 -10.20 -1.53 -5.58
N VAL C 18 -11.12 -0.80 -4.93
CA VAL C 18 -10.87 0.62 -4.75
C VAL C 18 -9.91 0.90 -3.57
N TYR C 19 -9.92 0.14 -2.44
CA TYR C 19 -8.90 0.19 -1.38
C TYR C 19 -7.51 -0.05 -1.92
N ALA C 20 -7.45 -0.92 -2.94
CA ALA C 20 -6.30 -1.57 -3.50
C ALA C 20 -5.94 -0.99 -4.88
N TRP C 21 -5.91 0.33 -4.89
CA TRP C 21 -5.96 1.06 -6.13
C TRP C 21 -4.61 1.05 -6.86
N ASN C 22 -4.63 0.62 -8.11
CA ASN C 22 -3.55 0.73 -9.06
C ASN C 22 -3.11 2.18 -9.26
N ARG C 23 -1.92 2.25 -9.83
CA ARG C 23 -1.33 3.44 -10.41
C ARG C 23 -0.36 2.94 -11.50
N LYS C 24 -0.29 3.62 -12.63
CA LYS C 24 0.94 3.69 -13.42
C LYS C 24 1.43 5.13 -13.28
N ARG C 25 2.73 5.33 -13.07
CA ARG C 25 3.42 6.52 -13.59
C ARG C 25 3.63 6.41 -15.12
N ILE C 26 3.32 7.47 -15.86
CA ILE C 26 3.52 7.62 -17.29
C ILE C 26 4.60 8.66 -17.50
N SER C 27 5.62 8.40 -18.37
CA SER C 27 6.72 9.33 -18.66
C SER C 27 7.38 9.16 -20.05
N ASN C 28 8.06 10.22 -20.52
CA ASN C 28 8.97 10.31 -21.68
C ASN C 28 8.19 9.80 -22.93
N CYS C 29 7.06 10.48 -23.21
CA CYS C 29 6.09 10.13 -24.22
C CYS C 29 5.07 11.24 -24.57
N VAL C 30 4.36 11.06 -25.70
CA VAL C 30 3.48 12.07 -26.30
C VAL C 30 2.03 11.66 -26.01
N ALA C 31 1.25 12.62 -25.51
CA ALA C 31 -0.11 12.43 -24.99
C ALA C 31 -1.09 13.30 -25.79
N ASP C 32 -1.79 12.71 -26.77
CA ASP C 32 -3.08 13.20 -27.27
C ASP C 32 -4.19 12.80 -26.27
N TYR C 33 -4.51 13.74 -25.38
CA TYR C 33 -5.61 13.60 -24.44
C TYR C 33 -6.98 13.91 -25.10
N SER C 34 -7.10 14.46 -26.34
CA SER C 34 -8.41 14.80 -26.94
C SER C 34 -9.25 13.56 -27.20
N VAL C 35 -8.59 12.45 -27.57
CA VAL C 35 -9.26 11.16 -27.66
C VAL C 35 -9.66 10.55 -26.29
N LEU C 36 -9.45 11.26 -25.15
CA LEU C 36 -10.14 11.07 -23.86
C LEU C 36 -11.41 11.94 -23.65
N TYR C 37 -11.27 13.28 -23.83
CA TYR C 37 -12.24 14.24 -23.31
C TYR C 37 -13.53 14.11 -24.11
N ASN C 38 -13.47 14.37 -25.40
CA ASN C 38 -14.57 14.09 -26.34
C ASN C 38 -14.33 12.72 -27.01
N SER C 39 -13.84 11.68 -26.29
CA SER C 39 -14.14 10.28 -26.58
C SER C 39 -15.62 10.07 -26.27
N ALA C 40 -16.01 10.45 -25.03
CA ALA C 40 -17.42 10.65 -24.69
C ALA C 40 -18.22 9.33 -24.68
N SER C 41 -17.58 8.18 -24.96
CA SER C 41 -17.66 6.91 -24.25
C SER C 41 -17.79 7.06 -22.70
N PHE C 42 -17.01 7.99 -22.10
CA PHE C 42 -16.92 8.18 -20.67
C PHE C 42 -18.13 8.97 -20.14
N SER C 43 -18.93 8.37 -19.23
CA SER C 43 -19.87 9.05 -18.31
C SER C 43 -19.35 10.38 -17.71
N THR C 44 -18.53 10.33 -16.63
CA THR C 44 -18.08 11.54 -15.91
C THR C 44 -16.69 11.97 -16.44
N PHE C 45 -16.35 13.29 -16.32
CA PHE C 45 -15.08 13.86 -16.76
C PHE C 45 -14.94 15.31 -16.23
N LYS C 46 -14.25 15.49 -15.10
CA LYS C 46 -14.15 16.74 -14.36
C LYS C 46 -12.64 17.03 -14.19
N CYS C 47 -12.15 18.16 -14.73
CA CYS C 47 -10.76 18.63 -14.65
C CYS C 47 -10.69 19.80 -13.67
N TYR C 48 -9.71 19.71 -12.76
CA TYR C 48 -9.56 20.60 -11.63
C TYR C 48 -8.14 21.15 -11.74
N GLY C 49 -7.98 22.49 -11.61
CA GLY C 49 -6.68 23.13 -11.81
C GLY C 49 -6.33 23.36 -13.29
N VAL C 50 -7.17 22.85 -14.24
CA VAL C 50 -6.80 22.68 -15.63
C VAL C 50 -8.06 22.93 -16.51
N SER C 51 -7.89 23.71 -17.60
CA SER C 51 -8.80 23.70 -18.74
C SER C 51 -8.55 22.43 -19.56
N PRO C 52 -9.55 21.56 -19.85
CA PRO C 52 -9.30 20.41 -20.75
C PRO C 52 -9.05 20.65 -22.25
N THR C 53 -8.99 21.87 -22.79
CA THR C 53 -8.23 22.15 -24.02
C THR C 53 -6.73 22.14 -23.69
N LYS C 54 -6.35 23.06 -22.78
CA LYS C 54 -5.02 23.63 -22.68
C LYS C 54 -3.96 22.61 -22.23
N LEU C 55 -4.37 21.56 -21.52
CA LEU C 55 -3.54 20.37 -21.28
C LEU C 55 -3.01 19.74 -22.57
N ASN C 56 -3.76 19.75 -23.70
CA ASN C 56 -3.43 19.00 -24.89
C ASN C 56 -2.28 19.67 -25.68
N ASP C 57 -1.84 20.88 -25.27
CA ASP C 57 -0.49 21.34 -25.58
C ASP C 57 0.09 21.96 -24.31
N LEU C 58 0.30 21.13 -23.27
CA LEU C 58 1.03 21.52 -22.07
C LEU C 58 1.74 20.29 -21.46
N CYS C 59 2.84 20.66 -20.73
CA CYS C 59 3.96 19.79 -20.40
C CYS C 59 4.11 19.58 -18.89
N PHE C 60 4.49 18.33 -18.52
CA PHE C 60 4.61 17.85 -17.15
C PHE C 60 5.81 16.94 -16.95
N THR C 61 6.36 16.96 -15.72
CA THR C 61 7.43 16.04 -15.29
C THR C 61 6.86 14.63 -15.30
N ASN C 62 5.68 14.42 -14.67
CA ASN C 62 5.00 13.12 -14.72
C ASN C 62 3.47 13.24 -14.67
N VAL C 63 2.84 12.27 -15.38
CA VAL C 63 1.44 11.91 -15.29
C VAL C 63 1.29 10.58 -14.54
N TYR C 64 0.37 10.51 -13.56
CA TYR C 64 0.06 9.33 -12.78
C TYR C 64 -1.42 8.97 -12.87
N ALA C 65 -1.75 7.67 -12.99
CA ALA C 65 -3.02 7.18 -13.56
C ALA C 65 -3.67 6.09 -12.69
N ASP C 66 -4.52 6.54 -11.76
CA ASP C 66 -4.96 5.77 -10.60
C ASP C 66 -6.23 4.98 -10.97
N SER C 67 -6.03 3.77 -11.54
CA SER C 67 -7.06 2.92 -12.09
C SER C 67 -7.79 2.23 -10.91
N PHE C 68 -9.14 2.36 -10.76
CA PHE C 68 -9.91 1.50 -9.81
C PHE C 68 -11.45 1.54 -10.01
N VAL C 69 -12.25 0.82 -9.17
CA VAL C 69 -13.66 0.50 -9.41
C VAL C 69 -14.48 0.62 -8.11
N ILE C 70 -15.56 1.43 -8.21
CA ILE C 70 -16.55 1.77 -7.19
C ILE C 70 -17.99 1.63 -7.74
N ARG C 71 -18.98 1.82 -6.85
CA ARG C 71 -20.38 2.11 -7.16
C ARG C 71 -20.54 3.49 -7.77
N GLY C 72 -21.50 3.62 -8.72
CA GLY C 72 -21.90 4.89 -9.33
C GLY C 72 -22.21 6.02 -8.31
N ASP C 73 -23.02 5.73 -7.28
CA ASP C 73 -23.31 6.65 -6.17
C ASP C 73 -22.09 7.32 -5.53
N GLU C 74 -21.02 6.54 -5.39
CA GLU C 74 -19.79 6.94 -4.74
C GLU C 74 -18.91 7.88 -5.63
N VAL C 75 -19.19 8.09 -6.94
CA VAL C 75 -18.28 8.83 -7.82
C VAL C 75 -18.25 10.34 -7.45
N ARG C 76 -19.29 10.84 -6.77
CA ARG C 76 -19.18 12.06 -5.96
C ARG C 76 -17.86 12.19 -5.20
N GLN C 77 -17.37 11.10 -4.59
CA GLN C 77 -16.25 11.10 -3.65
C GLN C 77 -14.84 11.19 -4.27
N ILE C 78 -14.72 10.89 -5.58
CA ILE C 78 -13.49 11.01 -6.38
C ILE C 78 -13.38 12.47 -6.86
N ALA C 79 -13.13 13.28 -5.86
CA ALA C 79 -13.28 14.71 -6.03
C ALA C 79 -12.77 15.33 -4.74
N PRO C 80 -12.05 16.47 -4.83
CA PRO C 80 -11.48 17.15 -3.64
C PRO C 80 -12.44 17.38 -2.46
N GLY C 81 -11.91 17.38 -1.23
CA GLY C 81 -12.59 17.70 0.02
C GLY C 81 -13.95 17.01 0.30
N GLN C 82 -14.13 15.81 -0.28
CA GLN C 82 -15.30 14.98 -0.14
C GLN C 82 -15.21 14.12 1.14
N THR C 83 -16.29 13.37 1.39
CA THR C 83 -16.60 12.75 2.65
C THR C 83 -17.32 11.42 2.43
N GLY C 84 -17.19 10.52 3.43
CA GLY C 84 -17.77 9.17 3.46
C GLY C 84 -16.79 8.08 3.02
N LYS C 85 -17.29 6.83 2.99
CA LYS C 85 -16.54 5.57 2.82
C LYS C 85 -15.26 5.70 2.00
N ILE C 86 -15.29 6.33 0.81
CA ILE C 86 -14.23 6.16 -0.19
C ILE C 86 -13.14 7.23 -0.01
N ALA C 87 -13.48 8.53 -0.04
CA ALA C 87 -12.53 9.60 0.22
C ALA C 87 -11.89 9.45 1.60
N ASP C 88 -12.66 8.97 2.62
CA ASP C 88 -12.12 8.66 3.93
C ASP C 88 -11.18 7.44 3.98
N TYR C 89 -11.59 6.27 3.41
CA TYR C 89 -11.00 4.95 3.70
C TYR C 89 -10.39 4.18 2.49
N ASN C 90 -10.43 4.65 1.25
CA ASN C 90 -10.04 3.82 0.13
C ASN C 90 -9.05 4.56 -0.76
N TYR C 91 -9.56 5.70 -1.30
CA TYR C 91 -8.78 6.69 -2.04
C TYR C 91 -9.27 8.13 -1.80
N LYS C 92 -8.40 8.96 -1.20
CA LYS C 92 -8.66 10.36 -1.05
C LYS C 92 -8.13 11.03 -2.30
N LEU C 93 -8.63 12.25 -2.59
CA LEU C 93 -7.82 13.22 -3.35
C LEU C 93 -7.39 14.38 -2.47
N PRO C 94 -6.32 15.13 -2.85
CA PRO C 94 -5.87 16.29 -2.06
C PRO C 94 -6.84 17.42 -2.38
N ASP C 95 -6.94 18.33 -1.42
CA ASP C 95 -7.85 19.48 -1.47
C ASP C 95 -7.42 20.48 -2.58
N ASP C 96 -6.14 20.48 -3.01
CA ASP C 96 -5.54 21.34 -4.00
C ASP C 96 -5.29 20.61 -5.32
N PHE C 97 -6.23 19.73 -5.76
CA PHE C 97 -5.89 18.73 -6.77
C PHE C 97 -5.75 19.40 -8.14
N THR C 98 -4.75 18.95 -8.92
CA THR C 98 -4.49 19.32 -10.30
C THR C 98 -4.58 18.01 -11.09
N GLY C 99 -5.54 17.93 -12.02
CA GLY C 99 -5.80 16.71 -12.75
C GLY C 99 -7.24 16.54 -13.23
N CYS C 100 -7.46 15.36 -13.87
CA CYS C 100 -8.77 14.94 -14.37
C CYS C 100 -9.25 13.68 -13.62
N VAL C 101 -10.58 13.51 -13.57
CA VAL C 101 -11.29 12.40 -12.99
C VAL C 101 -12.25 11.88 -14.08
N ILE C 102 -11.95 10.69 -14.59
CA ILE C 102 -12.78 9.96 -15.55
C ILE C 102 -13.46 8.85 -14.76
N ALA C 103 -14.77 8.66 -15.03
CA ALA C 103 -15.39 7.35 -14.87
C ALA C 103 -16.28 6.98 -16.06
N TRP C 104 -16.60 5.68 -16.10
CA TRP C 104 -17.62 5.13 -16.98
C TRP C 104 -18.29 3.89 -16.37
N ASN C 105 -19.57 3.71 -16.71
CA ASN C 105 -20.35 2.60 -16.22
C ASN C 105 -19.86 1.31 -16.88
N SER C 106 -19.69 0.29 -16.06
CA SER C 106 -18.97 -0.91 -16.40
C SER C 106 -19.78 -2.12 -15.94
N ASN C 107 -21.12 -2.08 -16.14
CA ASN C 107 -22.04 -3.06 -15.59
C ASN C 107 -22.07 -4.28 -16.52
N ASN C 108 -22.18 -4.00 -17.83
CA ASN C 108 -21.78 -4.85 -18.95
C ASN C 108 -20.51 -5.71 -18.73
N LEU C 109 -19.44 -5.20 -18.06
CA LEU C 109 -18.20 -5.95 -17.78
C LEU C 109 -18.19 -6.60 -16.38
N ASP C 110 -18.25 -5.76 -15.32
CA ASP C 110 -17.82 -6.04 -13.96
C ASP C 110 -18.97 -6.46 -13.03
N SER C 111 -20.19 -6.71 -13.56
CA SER C 111 -21.23 -7.48 -12.90
C SER C 111 -21.27 -8.92 -13.41
N LYS C 112 -21.67 -9.87 -12.54
CA LYS C 112 -22.02 -11.20 -13.02
C LYS C 112 -23.24 -11.67 -12.26
N VAL C 113 -24.00 -12.47 -13.02
CA VAL C 113 -25.08 -13.37 -12.60
C VAL C 113 -24.88 -13.89 -11.17
N GLY C 114 -25.58 -13.27 -10.20
CA GLY C 114 -25.42 -13.61 -8.78
C GLY C 114 -24.25 -12.95 -8.03
N GLY C 115 -23.48 -12.05 -8.67
CA GLY C 115 -22.71 -11.01 -7.98
C GLY C 115 -21.20 -11.22 -8.04
N ASN C 116 -20.43 -10.40 -8.77
CA ASN C 116 -18.98 -10.39 -8.81
C ASN C 116 -18.47 -9.99 -7.44
N TYR C 117 -17.74 -10.87 -6.70
CA TYR C 117 -17.24 -10.48 -5.38
C TYR C 117 -15.88 -9.77 -5.45
N ASN C 118 -15.23 -9.72 -6.63
CA ASN C 118 -13.79 -9.59 -6.76
C ASN C 118 -13.37 -8.11 -6.74
N TYR C 119 -14.34 -7.14 -6.83
CA TYR C 119 -14.11 -5.73 -6.53
C TYR C 119 -14.61 -5.50 -5.11
N LEU C 120 -13.93 -4.55 -4.43
CA LEU C 120 -13.96 -4.52 -2.97
C LEU C 120 -13.60 -3.11 -2.46
N TYR C 121 -13.99 -2.91 -1.17
CA TYR C 121 -13.89 -1.64 -0.46
C TYR C 121 -13.76 -1.75 1.07
N ARG C 122 -13.06 -0.76 1.60
CA ARG C 122 -12.65 -0.67 2.98
C ARG C 122 -13.79 0.05 3.68
N LEU C 123 -14.52 -0.70 4.49
CA LEU C 123 -15.70 -0.23 5.16
C LEU C 123 -15.44 0.56 6.44
N PHE C 124 -14.28 0.38 7.09
CA PHE C 124 -13.91 1.05 8.33
C PHE C 124 -12.39 1.23 8.38
N ARG C 125 -11.94 2.19 9.20
CA ARG C 125 -10.51 2.38 9.48
C ARG C 125 -10.34 3.38 10.63
N LYS C 126 -9.22 3.25 11.36
CA LYS C 126 -9.00 3.87 12.69
C LYS C 126 -9.07 5.40 12.59
N SER C 127 -8.44 5.98 11.53
CA SER C 127 -8.65 7.36 11.10
C SER C 127 -8.55 7.41 9.56
N ASN C 128 -8.89 8.58 9.01
CA ASN C 128 -9.09 8.79 7.59
C ASN C 128 -7.74 8.87 6.86
N LEU C 129 -7.77 8.56 5.57
CA LEU C 129 -6.63 8.51 4.67
C LEU C 129 -6.06 9.90 4.38
N LYS C 130 -4.73 9.97 4.28
CA LYS C 130 -4.10 11.15 3.72
C LYS C 130 -4.27 11.09 2.19
N PRO C 131 -4.15 12.24 1.46
CA PRO C 131 -4.10 12.28 -0.01
C PRO C 131 -3.16 11.26 -0.67
N PHE C 132 -3.71 10.45 -1.60
CA PHE C 132 -3.06 9.29 -2.19
C PHE C 132 -2.51 8.24 -1.21
N GLU C 133 -3.14 8.07 -0.04
CA GLU C 133 -2.80 6.95 0.82
C GLU C 133 -3.51 5.75 0.18
N ARG C 134 -2.81 4.59 0.21
CA ARG C 134 -3.36 3.27 -0.06
C ARG C 134 -3.33 2.41 1.20
N ASP C 135 -4.36 1.62 1.38
CA ASP C 135 -4.38 0.76 2.54
C ASP C 135 -4.88 -0.59 2.08
N ILE C 136 -4.17 -1.64 2.57
CA ILE C 136 -4.40 -3.05 2.27
C ILE C 136 -4.46 -3.98 3.51
N SER C 137 -4.53 -3.38 4.78
CA SER C 137 -4.81 -4.01 6.10
C SER C 137 -5.80 -5.11 6.02
N THR C 138 -5.48 -6.35 6.43
CA THR C 138 -6.49 -7.41 6.56
C THR C 138 -6.94 -7.56 8.04
N GLU C 139 -6.88 -6.46 8.85
CA GLU C 139 -6.63 -6.62 10.30
C GLU C 139 -7.91 -6.07 10.90
N ILE C 140 -8.54 -6.77 11.86
CA ILE C 140 -9.89 -6.51 12.37
C ILE C 140 -10.06 -5.08 12.95
N TYR C 141 -11.25 -4.49 12.78
CA TYR C 141 -11.52 -3.14 13.25
C TYR C 141 -12.12 -3.22 14.64
N GLN C 142 -11.55 -2.39 15.54
CA GLN C 142 -12.03 -2.22 16.91
C GLN C 142 -13.12 -1.17 16.84
N ALA C 143 -14.38 -1.60 16.92
CA ALA C 143 -15.52 -0.72 17.04
C ALA C 143 -15.66 -0.30 18.52
N GLY C 144 -15.76 -1.29 19.43
CA GLY C 144 -15.93 -1.04 20.84
C GLY C 144 -14.65 -0.50 21.50
N SER C 145 -14.85 -0.11 22.76
CA SER C 145 -13.85 -0.12 23.82
C SER C 145 -13.20 -1.49 23.98
N THR C 146 -14.07 -2.51 23.86
CA THR C 146 -13.78 -3.92 24.01
C THR C 146 -12.67 -4.38 23.02
N PRO C 147 -11.59 -5.10 23.48
CA PRO C 147 -10.55 -5.66 22.61
C PRO C 147 -11.03 -6.76 21.66
N CYS C 148 -10.36 -6.95 20.51
CA CYS C 148 -10.93 -7.80 19.45
C CYS C 148 -10.36 -9.20 19.36
N ASN C 149 -9.16 -9.46 19.86
CA ASN C 149 -8.59 -10.81 19.93
C ASN C 149 -8.27 -11.42 18.53
N GLY C 150 -8.42 -10.65 17.42
CA GLY C 150 -8.73 -11.23 16.12
C GLY C 150 -9.86 -12.28 16.13
N VAL C 151 -10.99 -11.95 16.76
CA VAL C 151 -12.24 -12.69 16.64
C VAL C 151 -13.31 -11.71 16.12
N GLU C 152 -13.88 -12.06 14.96
CA GLU C 152 -14.90 -11.24 14.34
C GLU C 152 -16.21 -11.48 15.06
N GLY C 153 -17.00 -10.44 15.36
CA GLY C 153 -18.09 -10.56 16.34
C GLY C 153 -18.85 -9.25 16.50
N PHE C 154 -19.55 -9.16 17.64
CA PHE C 154 -20.09 -7.91 18.18
C PHE C 154 -18.95 -6.91 18.35
N ASN C 155 -19.08 -5.69 17.77
CA ASN C 155 -18.09 -4.60 17.96
C ASN C 155 -16.69 -4.93 17.38
N CYS C 156 -16.62 -5.84 16.40
CA CYS C 156 -15.34 -6.38 15.95
C CYS C 156 -15.55 -6.90 14.53
N TYR C 157 -15.18 -6.06 13.54
CA TYR C 157 -15.67 -6.16 12.16
C TYR C 157 -14.47 -6.27 11.24
N PHE C 158 -14.57 -7.12 10.21
CA PHE C 158 -13.49 -7.43 9.27
C PHE C 158 -13.48 -6.32 8.22
N PRO C 159 -12.45 -5.45 8.13
CA PRO C 159 -12.60 -4.12 7.53
C PRO C 159 -12.75 -3.97 6.00
N LEU C 160 -12.65 -5.08 5.22
CA LEU C 160 -13.00 -5.02 3.81
C LEU C 160 -14.39 -5.64 3.55
N GLN C 161 -15.09 -5.11 2.52
CA GLN C 161 -16.21 -5.79 1.91
C GLN C 161 -16.04 -5.93 0.39
N SER C 162 -16.64 -7.00 -0.12
CA SER C 162 -17.10 -7.12 -1.50
C SER C 162 -18.34 -6.25 -1.74
N TYR C 163 -18.32 -5.43 -2.82
CA TYR C 163 -19.54 -5.03 -3.51
C TYR C 163 -19.95 -6.20 -4.37
N GLY C 164 -21.26 -6.45 -4.48
CA GLY C 164 -21.73 -7.73 -4.98
C GLY C 164 -22.31 -7.54 -6.36
N PHE C 165 -21.58 -6.90 -7.33
CA PHE C 165 -22.22 -6.34 -8.51
C PHE C 165 -22.97 -7.40 -9.34
N GLN C 166 -24.32 -7.38 -9.26
CA GLN C 166 -25.24 -8.08 -10.15
C GLN C 166 -25.64 -7.12 -11.27
N PRO C 167 -25.96 -7.62 -12.52
CA PRO C 167 -26.58 -6.72 -13.52
C PRO C 167 -28.00 -6.25 -13.13
N THR C 168 -28.77 -7.06 -12.34
CA THR C 168 -30.01 -6.81 -11.57
C THR C 168 -30.07 -5.44 -10.86
N ASN C 169 -28.92 -4.94 -10.35
CA ASN C 169 -28.78 -3.70 -9.56
C ASN C 169 -29.39 -2.47 -10.23
N GLY C 170 -29.79 -1.46 -9.42
CA GLY C 170 -30.02 -0.09 -9.86
C GLY C 170 -28.73 0.68 -10.14
N VAL C 171 -28.82 1.79 -10.89
CA VAL C 171 -27.72 2.43 -11.62
C VAL C 171 -26.64 2.99 -10.67
N GLY C 172 -27.05 3.48 -9.47
CA GLY C 172 -26.17 3.96 -8.42
C GLY C 172 -25.35 2.83 -7.77
N TYR C 173 -25.96 1.65 -7.50
CA TYR C 173 -25.32 0.40 -7.09
C TYR C 173 -24.66 -0.39 -8.26
N GLN C 174 -24.60 0.13 -9.51
CA GLN C 174 -23.80 -0.49 -10.56
C GLN C 174 -22.32 -0.08 -10.45
N PRO C 175 -21.39 -0.87 -11.05
CA PRO C 175 -19.96 -0.55 -10.99
C PRO C 175 -19.55 0.54 -11.99
N TYR C 176 -18.81 1.57 -11.54
CA TYR C 176 -18.08 2.45 -12.42
C TYR C 176 -16.55 2.25 -12.30
N ARG C 177 -15.92 2.14 -13.49
CA ARG C 177 -14.47 2.20 -13.71
C ARG C 177 -13.93 3.63 -13.73
N VAL C 178 -12.89 3.90 -12.94
CA VAL C 178 -12.43 5.22 -12.56
C VAL C 178 -10.95 5.34 -12.89
N VAL C 179 -10.58 6.44 -13.53
CA VAL C 179 -9.20 6.83 -13.70
C VAL C 179 -9.05 8.19 -13.10
N VAL C 180 -7.85 8.46 -12.57
CA VAL C 180 -7.51 9.76 -12.01
C VAL C 180 -6.14 10.15 -12.55
N LEU C 181 -6.13 10.88 -13.69
CA LEU C 181 -4.94 11.52 -14.22
C LEU C 181 -4.55 12.72 -13.35
N SER C 182 -3.39 12.60 -12.66
CA SER C 182 -2.87 13.55 -11.70
C SER C 182 -1.53 14.07 -12.31
N PHE C 183 -1.35 15.40 -12.30
CA PHE C 183 -0.33 16.14 -13.04
C PHE C 183 0.56 16.90 -12.06
N GLU C 184 1.88 16.83 -12.30
CA GLU C 184 2.89 17.47 -11.47
C GLU C 184 4.10 17.81 -12.34
N LEU C 185 4.89 18.80 -11.84
CA LEU C 185 5.84 19.53 -12.67
C LEU C 185 6.88 20.10 -11.68
N LEU C 186 7.91 19.27 -11.40
CA LEU C 186 8.88 19.37 -10.31
C LEU C 186 10.26 19.87 -10.78
N HIS C 187 11.34 19.85 -9.94
CA HIS C 187 12.64 20.55 -10.17
C HIS C 187 13.32 20.21 -11.52
N ALA C 188 13.13 18.98 -12.07
CA ALA C 188 13.72 18.42 -13.31
C ALA C 188 12.84 18.63 -14.53
N PRO C 189 13.17 18.20 -15.80
CA PRO C 189 12.52 18.76 -16.99
C PRO C 189 11.13 18.23 -17.36
N ALA C 190 10.52 18.84 -18.39
CA ALA C 190 9.34 18.34 -19.10
C ALA C 190 9.55 16.92 -19.67
N THR C 191 8.55 16.01 -19.56
CA THR C 191 8.60 14.68 -20.19
C THR C 191 7.26 14.21 -20.81
N VAL C 192 6.13 14.96 -20.75
CA VAL C 192 4.82 14.51 -21.21
C VAL C 192 4.02 15.70 -21.76
N CYS C 193 3.77 15.77 -23.07
CA CYS C 193 3.11 16.93 -23.72
C CYS C 193 2.38 16.47 -24.99
N GLY C 194 1.70 17.44 -25.64
CA GLY C 194 1.93 17.73 -27.04
C GLY C 194 0.95 17.04 -28.03
N PRO C 195 1.25 17.06 -29.39
CA PRO C 195 2.40 17.75 -30.04
C PRO C 195 2.85 19.20 -29.69
N GLU D 1 -1.58 -14.71 -13.46
CA GLU D 1 -2.48 -14.51 -12.26
C GLU D 1 -2.58 -15.91 -11.58
N VAL D 2 -3.50 -15.97 -10.63
CA VAL D 2 -3.71 -17.13 -9.80
C VAL D 2 -4.92 -17.83 -10.37
N GLN D 3 -4.79 -19.16 -10.47
CA GLN D 3 -5.99 -20.02 -10.36
C GLN D 3 -5.95 -20.61 -8.93
N LEU D 4 -6.87 -20.19 -8.05
CA LEU D 4 -7.25 -21.00 -6.88
C LEU D 4 -8.28 -22.06 -7.25
N VAL D 5 -8.28 -23.19 -6.50
CA VAL D 5 -9.31 -24.21 -6.62
C VAL D 5 -9.51 -24.86 -5.25
N GLU D 6 -10.76 -24.98 -4.77
CA GLU D 6 -11.10 -25.67 -3.52
C GLU D 6 -11.22 -27.17 -3.81
N SER D 7 -11.30 -27.96 -2.73
CA SER D 7 -11.63 -29.39 -2.79
C SER D 7 -11.98 -29.96 -1.41
N GLY D 8 -12.65 -31.12 -1.47
CA GLY D 8 -12.78 -31.99 -0.30
C GLY D 8 -13.98 -31.63 0.58
N GLY D 9 -15.15 -31.46 -0.07
CA GLY D 9 -16.42 -31.20 0.61
C GLY D 9 -17.41 -32.33 0.37
N GLY D 10 -18.65 -32.13 0.81
CA GLY D 10 -19.79 -33.02 0.55
C GLY D 10 -20.61 -33.27 1.82
N SER D 11 -21.53 -34.25 1.72
CA SER D 11 -22.51 -34.55 2.75
C SER D 11 -21.86 -35.21 3.97
N VAL D 12 -22.27 -34.87 5.21
CA VAL D 12 -21.67 -35.38 6.44
C VAL D 12 -22.72 -35.37 7.56
N GLN D 13 -22.61 -36.32 8.51
CA GLN D 13 -23.36 -36.28 9.75
C GLN D 13 -22.98 -35.10 10.63
N ALA D 14 -23.95 -34.52 11.36
CA ALA D 14 -23.65 -33.61 12.49
C ALA D 14 -22.77 -34.23 13.59
N GLY D 15 -21.94 -33.38 14.25
CA GLY D 15 -20.84 -33.85 15.10
C GLY D 15 -19.55 -34.28 14.37
N GLY D 16 -19.56 -34.68 13.06
CA GLY D 16 -18.36 -35.14 12.35
C GLY D 16 -17.31 -34.07 12.02
N SER D 17 -16.33 -34.41 11.15
CA SER D 17 -15.24 -33.51 10.72
C SER D 17 -15.12 -33.42 9.20
N LEU D 18 -14.54 -32.31 8.69
CA LEU D 18 -13.98 -32.28 7.34
C LEU D 18 -12.79 -31.30 7.18
N ARG D 19 -11.89 -31.64 6.24
CA ARG D 19 -10.72 -30.89 5.81
C ARG D 19 -10.99 -30.36 4.39
N LEU D 20 -11.00 -29.03 4.23
CA LEU D 20 -11.03 -28.36 2.92
C LEU D 20 -9.60 -28.03 2.49
N SER D 21 -9.38 -28.13 1.19
CA SER D 21 -8.07 -28.05 0.56
C SER D 21 -8.15 -27.01 -0.55
N CYS D 22 -7.43 -25.87 -0.41
CA CYS D 22 -7.34 -24.86 -1.47
C CYS D 22 -5.95 -24.98 -2.08
N VAL D 23 -5.91 -25.64 -3.23
CA VAL D 23 -4.77 -25.71 -4.15
C VAL D 23 -4.61 -24.36 -4.85
N ALA D 24 -3.40 -23.75 -4.83
CA ALA D 24 -3.06 -22.58 -5.67
C ALA D 24 -2.63 -22.93 -7.12
N SER D 25 -2.18 -21.90 -7.90
CA SER D 25 -1.10 -21.89 -8.91
C SER D 25 -0.79 -20.47 -9.41
N GLY D 26 0.43 -20.18 -9.89
CA GLY D 26 0.80 -18.90 -10.55
C GLY D 26 1.67 -17.94 -9.74
N TYR D 27 1.50 -17.98 -8.41
CA TYR D 27 2.12 -17.15 -7.36
C TYR D 27 1.83 -15.66 -7.53
N THR D 28 2.29 -14.99 -8.61
CA THR D 28 2.51 -13.55 -8.72
C THR D 28 3.62 -13.11 -7.77
N TYR D 29 3.91 -11.79 -7.71
CA TYR D 29 5.21 -11.27 -7.29
C TYR D 29 5.22 -10.80 -5.83
N CYS D 30 4.47 -11.49 -4.94
CA CYS D 30 4.09 -11.04 -3.61
C CYS D 30 3.32 -12.12 -2.81
N SER D 31 3.42 -12.07 -1.47
CA SER D 31 2.99 -13.03 -0.47
C SER D 31 1.61 -12.68 0.14
N TYR D 32 0.62 -13.39 -0.41
CA TYR D 32 -0.80 -13.18 -0.20
C TYR D 32 -1.18 -13.75 1.16
N ASP D 33 -1.76 -12.91 2.05
CA ASP D 33 -2.69 -13.32 3.10
C ASP D 33 -3.88 -14.08 2.47
N MET D 34 -4.46 -15.08 3.17
CA MET D 34 -5.50 -15.93 2.59
C MET D 34 -6.60 -16.18 3.62
N SER D 35 -7.85 -16.33 3.08
CA SER D 35 -9.05 -16.52 3.89
C SER D 35 -10.01 -17.57 3.34
N TRP D 36 -10.88 -18.05 4.27
CA TRP D 36 -12.06 -18.85 3.95
C TRP D 36 -13.35 -18.07 4.21
N TYR D 37 -14.34 -18.29 3.31
CA TYR D 37 -15.67 -17.71 3.33
C TYR D 37 -16.71 -18.79 2.96
N ARG D 38 -17.98 -18.55 3.34
CA ARG D 38 -19.08 -19.42 2.98
C ARG D 38 -20.35 -18.65 2.56
N GLN D 39 -21.24 -19.33 1.82
CA GLN D 39 -22.52 -18.83 1.32
C GLN D 39 -23.65 -19.67 1.96
N ALA D 40 -24.22 -19.23 3.11
CA ALA D 40 -25.39 -19.86 3.79
C ALA D 40 -26.73 -19.78 3.02
N PRO D 41 -26.98 -20.68 2.01
CA PRO D 41 -27.34 -20.28 0.63
C PRO D 41 -28.69 -19.56 0.67
N GLY D 42 -28.78 -18.30 0.20
CA GLY D 42 -29.71 -17.30 0.75
C GLY D 42 -28.98 -16.11 1.39
N LYS D 43 -28.55 -16.21 2.67
CA LYS D 43 -27.60 -15.27 3.29
C LYS D 43 -26.39 -15.04 2.33
N GLU D 44 -25.83 -13.80 2.27
CA GLU D 44 -24.81 -13.43 1.25
C GLU D 44 -23.49 -14.15 1.61
N ARG D 45 -22.43 -13.96 0.79
CA ARG D 45 -21.11 -14.56 0.98
C ARG D 45 -20.41 -13.88 2.18
N GLU D 46 -20.03 -14.66 3.23
CA GLU D 46 -19.75 -14.20 4.60
C GLU D 46 -18.44 -14.82 5.14
N PHE D 47 -17.76 -14.06 6.01
CA PHE D 47 -16.37 -14.26 6.43
C PHE D 47 -16.30 -15.46 7.36
N VAL D 48 -15.35 -16.40 7.14
CA VAL D 48 -15.14 -17.52 8.07
C VAL D 48 -13.85 -17.36 8.89
N SER D 49 -12.70 -17.20 8.22
CA SER D 49 -11.39 -17.06 8.86
C SER D 49 -10.31 -16.53 7.88
N ILE D 50 -9.15 -16.15 8.45
CA ILE D 50 -7.97 -15.68 7.74
C ILE D 50 -6.70 -16.29 8.38
N ILE D 51 -5.65 -16.46 7.56
CA ILE D 51 -4.24 -16.49 7.95
C ILE D 51 -3.52 -15.41 7.14
N ARG D 52 -2.59 -14.68 7.77
CA ARG D 52 -1.88 -13.58 7.11
C ARG D 52 -0.54 -14.16 6.61
N ARG D 53 0.22 -13.34 5.88
CA ARG D 53 1.68 -13.59 5.69
C ARG D 53 2.39 -13.57 7.06
N ASP D 54 2.11 -12.62 7.98
CA ASP D 54 2.65 -12.64 9.33
C ASP D 54 2.15 -13.86 10.14
N GLY D 55 1.19 -14.66 9.68
CA GLY D 55 0.88 -15.96 10.24
C GLY D 55 -0.18 -15.92 11.34
N SER D 56 -0.54 -14.74 11.89
CA SER D 56 -1.72 -14.57 12.73
C SER D 56 -3.00 -15.06 12.01
N THR D 57 -3.71 -15.97 12.70
CA THR D 57 -5.10 -16.21 12.41
C THR D 57 -5.96 -15.13 13.08
N ALA D 58 -7.13 -14.96 12.44
CA ALA D 58 -8.37 -14.62 13.09
C ALA D 58 -9.54 -15.46 12.50
N TYR D 59 -10.55 -15.73 13.31
CA TYR D 59 -11.72 -16.54 12.97
C TYR D 59 -12.95 -15.72 13.31
N THR D 60 -14.04 -15.97 12.59
CA THR D 60 -15.34 -15.41 12.91
C THR D 60 -15.86 -16.13 14.15
N ASP D 61 -16.57 -15.40 15.04
CA ASP D 61 -17.03 -15.87 16.35
C ASP D 61 -17.85 -17.15 16.24
N ALA D 62 -18.61 -17.36 15.13
CA ALA D 62 -19.38 -18.54 14.79
C ALA D 62 -18.64 -19.86 15.00
N VAL D 63 -17.40 -19.94 14.51
CA VAL D 63 -16.69 -21.21 14.38
C VAL D 63 -15.48 -21.27 15.32
N LYS D 64 -15.41 -20.38 16.33
CA LYS D 64 -14.17 -20.15 17.08
C LYS D 64 -14.01 -21.38 17.99
N GLY D 65 -12.81 -22.02 17.98
CA GLY D 65 -12.53 -23.18 18.82
C GLY D 65 -13.31 -24.42 18.38
N ARG D 66 -13.41 -24.57 17.06
CA ARG D 66 -14.16 -25.62 16.35
C ARG D 66 -13.54 -25.86 14.97
N PHE D 67 -13.26 -24.78 14.24
CA PHE D 67 -12.46 -24.76 13.02
C PHE D 67 -11.02 -24.25 13.25
N ALA D 68 -10.17 -24.55 12.26
CA ALA D 68 -8.75 -24.31 12.26
C ALA D 68 -8.25 -24.08 10.82
N ILE D 69 -7.46 -23.01 10.61
CA ILE D 69 -6.89 -22.65 9.31
C ILE D 69 -5.38 -22.85 9.34
N SER D 70 -4.84 -23.50 8.30
CA SER D 70 -3.40 -23.76 8.19
C SER D 70 -2.95 -23.75 6.74
N ARG D 71 -1.71 -23.34 6.51
CA ARG D 71 -1.07 -23.44 5.22
C ARG D 71 0.28 -24.13 5.38
N ASP D 72 0.56 -24.91 4.33
CA ASP D 72 1.83 -25.55 4.04
C ASP D 72 2.49 -24.88 2.82
N ASN D 73 3.28 -23.82 3.07
CA ASN D 73 3.83 -22.94 2.04
C ASN D 73 4.70 -23.64 1.00
N ALA D 74 5.25 -24.80 1.42
CA ALA D 74 5.80 -25.85 0.56
C ALA D 74 4.89 -26.18 -0.61
N LYS D 75 3.64 -26.58 -0.34
CA LYS D 75 2.68 -26.89 -1.40
C LYS D 75 2.06 -25.60 -1.98
N ASN D 76 2.05 -24.50 -1.22
CA ASN D 76 1.26 -23.29 -1.38
C ASN D 76 -0.24 -23.66 -1.42
N THR D 77 -0.61 -24.39 -0.35
CA THR D 77 -1.87 -25.09 -0.20
C THR D 77 -2.45 -24.74 1.18
N LEU D 78 -3.78 -24.62 1.25
CA LEU D 78 -4.45 -24.01 2.38
C LEU D 78 -5.52 -24.98 2.86
N TYR D 79 -5.54 -25.17 4.18
CA TYR D 79 -6.34 -26.17 4.87
C TYR D 79 -7.32 -25.42 5.77
N LEU D 80 -8.62 -25.79 5.67
CA LEU D 80 -9.63 -25.59 6.71
C LEU D 80 -10.03 -26.95 7.29
N GLN D 81 -9.59 -27.18 8.54
CA GLN D 81 -10.03 -28.26 9.40
C GLN D 81 -11.27 -27.77 10.15
N MET D 82 -12.35 -28.55 10.06
CA MET D 82 -13.65 -28.27 10.63
C MET D 82 -14.03 -29.44 11.52
N ASN D 83 -14.10 -29.22 12.85
CA ASN D 83 -14.57 -30.19 13.85
C ASN D 83 -15.96 -29.75 14.35
N SER D 84 -16.75 -30.70 14.85
CA SER D 84 -18.00 -30.45 15.58
C SER D 84 -18.95 -29.64 14.68
N LEU D 85 -19.21 -30.24 13.51
CA LEU D 85 -20.07 -29.64 12.49
C LEU D 85 -21.54 -29.65 12.97
N GLU D 86 -22.25 -28.51 12.85
CA GLU D 86 -23.71 -28.45 12.96
C GLU D 86 -24.31 -28.24 11.57
N PRO D 87 -25.65 -28.46 11.39
CA PRO D 87 -26.33 -28.04 10.16
C PRO D 87 -26.21 -26.59 9.69
N GLU D 88 -26.01 -25.60 10.62
CA GLU D 88 -25.73 -24.17 10.33
C GLU D 88 -24.54 -23.98 9.38
N ASP D 89 -23.51 -24.82 9.57
CA ASP D 89 -22.27 -24.80 8.81
C ASP D 89 -22.42 -25.50 7.44
N THR D 90 -23.65 -25.85 6.99
CA THR D 90 -23.91 -26.05 5.58
C THR D 90 -23.78 -24.74 4.82
N ALA D 91 -23.26 -24.84 3.57
CA ALA D 91 -22.93 -23.72 2.70
C ALA D 91 -21.99 -24.20 1.58
N MET D 92 -21.87 -23.42 0.49
CA MET D 92 -20.70 -23.47 -0.40
C MET D 92 -19.61 -22.64 0.27
N TYR D 93 -18.45 -23.29 0.48
CA TYR D 93 -17.27 -22.69 1.11
C TYR D 93 -16.30 -22.27 0.02
N TYR D 94 -15.69 -21.08 0.14
CA TYR D 94 -14.76 -20.45 -0.80
C TYR D 94 -13.46 -20.00 -0.12
N CYS D 95 -12.29 -20.21 -0.76
CA CYS D 95 -11.01 -19.60 -0.39
C CYS D 95 -10.79 -18.29 -1.16
N LYS D 96 -9.98 -17.41 -0.54
CA LYS D 96 -9.84 -16.00 -0.93
C LYS D 96 -8.40 -15.62 -0.69
N SER D 97 -7.68 -15.36 -1.79
CA SER D 97 -6.43 -14.63 -1.75
C SER D 97 -6.76 -13.17 -1.59
N TRP D 98 -6.00 -12.43 -0.76
CA TRP D 98 -6.19 -10.99 -0.62
C TRP D 98 -5.25 -10.19 -1.50
N ALA D 99 -5.43 -8.86 -1.42
CA ALA D 99 -4.44 -8.00 -1.95
C ALA D 99 -3.18 -8.08 -1.06
N CYS D 100 -2.07 -8.03 -1.85
CA CYS D 100 -0.79 -7.52 -1.36
C CYS D 100 -0.06 -6.70 -2.45
N SER D 101 1.13 -6.16 -2.12
CA SER D 101 1.88 -5.18 -2.93
C SER D 101 3.16 -5.74 -3.49
N SER D 102 3.77 -5.16 -4.53
CA SER D 102 5.21 -5.38 -4.76
C SER D 102 5.89 -4.14 -5.35
N GLY D 103 5.61 -2.97 -4.72
CA GLY D 103 5.92 -1.66 -5.26
C GLY D 103 5.02 -1.18 -6.40
N GLU D 104 4.49 -2.10 -7.24
CA GLU D 104 3.47 -1.66 -8.19
C GLU D 104 2.68 -2.78 -8.84
N TYR D 105 3.15 -4.04 -8.91
CA TYR D 105 2.30 -5.06 -9.56
C TYR D 105 1.06 -5.20 -8.65
N LEU D 106 1.12 -5.10 -7.28
CA LEU D 106 -0.14 -5.00 -6.53
C LEU D 106 -1.07 -6.09 -7.09
N TYR D 107 -0.90 -7.32 -6.61
CA TYR D 107 -1.88 -8.39 -6.76
C TYR D 107 -3.21 -8.04 -6.07
N GLN D 108 -4.29 -7.99 -6.91
CA GLN D 108 -5.67 -7.98 -6.55
C GLN D 108 -5.99 -9.29 -5.81
N GLY D 109 -7.09 -9.35 -5.06
CA GLY D 109 -7.70 -10.65 -4.71
C GLY D 109 -7.97 -11.64 -5.87
N ASP D 110 -8.22 -12.89 -5.49
CA ASP D 110 -8.92 -13.90 -6.31
C ASP D 110 -9.74 -14.79 -5.37
N TRP D 111 -10.87 -15.31 -5.91
CA TRP D 111 -11.63 -16.37 -5.29
C TRP D 111 -11.58 -17.64 -6.15
N GLY D 112 -11.94 -18.77 -5.52
CA GLY D 112 -12.07 -20.06 -6.19
C GLY D 112 -13.54 -20.44 -6.44
N GLN D 113 -13.73 -21.65 -6.99
CA GLN D 113 -15.02 -22.15 -7.47
C GLN D 113 -15.95 -22.47 -6.30
N GLY D 114 -15.37 -23.01 -5.23
CA GLY D 114 -16.02 -23.37 -3.98
C GLY D 114 -16.23 -24.89 -3.91
N THR D 115 -16.60 -25.39 -2.71
CA THR D 115 -17.07 -26.77 -2.49
C THR D 115 -18.20 -26.77 -1.44
N GLN D 116 -19.25 -27.56 -1.71
CA GLN D 116 -20.49 -27.61 -0.93
C GLN D 116 -20.27 -28.55 0.26
N VAL D 117 -20.41 -28.02 1.48
CA VAL D 117 -20.48 -28.76 2.75
C VAL D 117 -21.93 -28.80 3.19
N THR D 118 -22.42 -29.94 3.74
CA THR D 118 -23.86 -30.25 3.87
C THR D 118 -24.11 -31.16 5.10
N VAL D 119 -24.99 -30.84 6.06
CA VAL D 119 -24.97 -31.38 7.46
C VAL D 119 -26.40 -31.61 8.01
N SER D 120 -26.65 -32.60 8.91
CA SER D 120 -27.84 -33.44 8.98
C SER D 120 -28.09 -34.08 10.37
N SER D 121 -29.04 -35.08 10.51
CA SER D 121 -29.20 -36.01 11.64
C SER D 121 -29.62 -37.42 11.16
N GLU E 1 60.64 -30.88 16.54
CA GLU E 1 60.08 -29.74 17.34
C GLU E 1 60.22 -30.14 18.84
N VAL E 2 59.90 -29.12 19.64
CA VAL E 2 60.18 -28.94 21.04
C VAL E 2 58.84 -28.98 21.73
N GLN E 3 58.77 -29.54 22.93
CA GLN E 3 57.76 -29.17 23.93
C GLN E 3 58.43 -28.22 24.93
N LEU E 4 58.12 -26.93 24.93
CA LEU E 4 58.32 -26.05 26.11
C LEU E 4 57.16 -26.16 27.12
N VAL E 5 57.44 -25.85 28.40
CA VAL E 5 56.44 -25.82 29.46
C VAL E 5 56.91 -24.84 30.53
N GLU E 6 56.04 -23.92 30.98
CA GLU E 6 56.30 -22.97 32.07
C GLU E 6 56.04 -23.67 33.41
N SER E 7 56.50 -23.03 34.51
CA SER E 7 56.21 -23.46 35.89
C SER E 7 56.62 -22.41 36.94
N GLY E 8 56.01 -22.56 38.14
CA GLY E 8 56.34 -21.77 39.32
C GLY E 8 55.72 -20.38 39.32
N GLY E 9 54.39 -20.33 39.14
CA GLY E 9 53.56 -19.14 39.29
C GLY E 9 52.56 -19.35 40.45
N GLY E 10 51.55 -18.45 40.48
CA GLY E 10 50.46 -18.40 41.43
C GLY E 10 50.40 -17.04 42.14
N SER E 11 49.62 -17.00 43.24
CA SER E 11 49.36 -15.77 43.99
C SER E 11 50.61 -15.34 44.78
N VAL E 12 50.84 -14.01 44.88
CA VAL E 12 51.89 -13.43 45.73
C VAL E 12 51.46 -12.07 46.24
N GLN E 13 51.94 -11.68 47.44
CA GLN E 13 52.00 -10.32 47.97
C GLN E 13 52.59 -9.31 47.00
N ALA E 14 51.99 -8.11 46.83
CA ALA E 14 52.63 -6.91 46.28
C ALA E 14 54.03 -6.66 46.85
N GLY E 15 54.98 -6.33 45.95
CA GLY E 15 56.38 -6.13 46.24
C GLY E 15 57.24 -7.36 46.56
N GLY E 16 56.70 -8.59 46.70
CA GLY E 16 57.46 -9.85 46.79
C GLY E 16 58.23 -10.23 45.50
N SER E 17 58.65 -11.53 45.42
CA SER E 17 59.41 -12.08 44.29
C SER E 17 58.74 -13.33 43.73
N LEU E 18 59.00 -13.61 42.44
CA LEU E 18 58.78 -14.95 41.88
C LEU E 18 59.78 -15.31 40.76
N ARG E 19 60.10 -16.61 40.69
CA ARG E 19 60.99 -17.26 39.75
C ARG E 19 60.14 -18.15 38.84
N LEU E 20 60.11 -17.84 37.53
CA LEU E 20 59.49 -18.69 36.54
C LEU E 20 60.55 -19.57 35.90
N SER E 21 60.11 -20.78 35.58
CA SER E 21 60.97 -21.87 35.10
C SER E 21 60.33 -22.36 33.80
N CYS E 22 61.06 -22.22 32.66
CA CYS E 22 60.65 -22.82 31.39
C CYS E 22 61.55 -24.02 31.18
N VAL E 23 60.98 -25.19 31.46
CA VAL E 23 61.53 -26.50 31.13
C VAL E 23 61.36 -26.73 29.62
N ALA E 24 62.45 -27.07 28.88
CA ALA E 24 62.35 -27.48 27.48
C ALA E 24 62.00 -28.99 27.29
N SER E 25 62.10 -29.42 26.00
CA SER E 25 62.31 -30.78 25.53
C SER E 25 62.74 -30.83 24.03
N GLY E 26 62.76 -32.04 23.44
CA GLY E 26 62.68 -32.29 22.00
C GLY E 26 63.96 -31.93 21.21
N TYR E 27 64.11 -30.66 20.83
CA TYR E 27 65.40 -30.03 20.54
C TYR E 27 66.02 -30.49 19.20
N THR E 28 66.92 -29.68 18.63
CA THR E 28 67.06 -29.44 17.19
C THR E 28 68.51 -29.06 16.88
N TYR E 29 68.79 -28.70 15.61
CA TYR E 29 70.14 -28.72 15.05
C TYR E 29 70.77 -27.32 14.98
N CYS E 30 70.64 -26.53 16.07
CA CYS E 30 70.46 -25.10 16.25
C CYS E 30 71.05 -24.63 17.60
N SER E 31 71.34 -23.34 17.73
CA SER E 31 71.21 -22.62 19.02
C SER E 31 69.73 -22.52 19.50
N TYR E 32 69.16 -21.29 19.60
CA TYR E 32 67.75 -20.93 19.79
C TYR E 32 67.85 -19.89 20.88
N ASP E 33 67.77 -18.61 20.45
CA ASP E 33 67.47 -17.45 21.31
C ASP E 33 66.11 -17.67 22.00
N MET E 34 65.91 -17.19 23.24
CA MET E 34 64.68 -17.46 24.02
C MET E 34 64.19 -16.17 24.70
N SER E 35 62.85 -16.08 24.87
CA SER E 35 62.16 -14.93 25.45
C SER E 35 61.00 -15.26 26.37
N TRP E 36 60.65 -14.24 27.20
CA TRP E 36 59.42 -14.22 27.97
C TRP E 36 58.44 -13.14 27.50
N TYR E 37 57.14 -13.49 27.57
CA TYR E 37 56.00 -12.65 27.22
C TYR E 37 54.88 -12.82 28.26
N ARG E 38 53.95 -11.86 28.31
CA ARG E 38 52.79 -11.93 29.22
C ARG E 38 51.50 -11.38 28.57
N GLN E 39 50.35 -11.80 29.12
CA GLN E 39 49.03 -11.41 28.64
C GLN E 39 48.30 -10.71 29.80
N ALA E 40 48.29 -9.34 29.80
CA ALA E 40 47.49 -8.45 30.67
C ALA E 40 45.95 -8.58 30.52
N PRO E 41 45.28 -9.64 31.11
CA PRO E 41 44.38 -10.54 30.36
C PRO E 41 43.19 -9.74 29.82
N GLY E 42 42.98 -9.71 28.48
CA GLY E 42 42.39 -8.57 27.79
C GLY E 42 43.34 -7.92 26.79
N LYS E 43 44.22 -6.98 27.24
CA LYS E 43 45.33 -6.47 26.45
C LYS E 43 46.11 -7.68 25.81
N GLU E 44 46.62 -7.47 24.56
CA GLU E 44 47.33 -8.42 23.69
C GLU E 44 48.51 -9.10 24.46
N ARG E 45 49.02 -10.23 23.90
CA ARG E 45 50.24 -10.91 24.36
C ARG E 45 51.42 -10.00 23.98
N GLU E 46 52.26 -9.61 24.98
CA GLU E 46 53.18 -8.47 24.93
C GLU E 46 54.58 -8.88 25.46
N PHE E 47 55.60 -8.22 24.87
CA PHE E 47 57.02 -8.60 24.98
C PHE E 47 57.49 -8.30 26.40
N VAL E 48 58.19 -9.27 27.05
CA VAL E 48 58.77 -8.97 28.38
C VAL E 48 60.31 -8.82 28.31
N SER E 49 60.99 -9.85 27.79
CA SER E 49 62.45 -9.91 27.70
C SER E 49 62.94 -11.03 26.76
N ILE E 50 64.24 -10.98 26.42
CA ILE E 50 64.97 -11.97 25.60
C ILE E 50 66.35 -12.22 26.21
N ILE E 51 66.89 -13.43 25.99
CA ILE E 51 68.33 -13.75 25.94
C ILE E 51 68.60 -14.42 24.60
N ARG E 52 69.74 -14.06 23.98
CA ARG E 52 70.10 -14.61 22.68
C ARG E 52 71.06 -15.76 22.95
N ARG E 53 71.38 -16.53 21.90
CA ARG E 53 72.62 -17.31 21.74
C ARG E 53 73.86 -16.52 22.17
N ASP E 54 74.09 -15.36 21.57
CA ASP E 54 75.23 -14.49 21.89
C ASP E 54 75.15 -13.96 23.35
N GLY E 55 74.04 -14.17 24.09
CA GLY E 55 74.02 -14.00 25.53
C GLY E 55 73.58 -12.60 25.95
N SER E 56 73.54 -11.59 25.02
CA SER E 56 72.86 -10.31 25.25
C SER E 56 71.39 -10.52 25.65
N THR E 57 71.04 -9.94 26.80
CA THR E 57 69.67 -9.63 27.12
C THR E 57 69.29 -8.33 26.41
N ALA E 58 67.96 -8.26 26.21
CA ALA E 58 67.20 -7.03 26.27
C ALA E 58 65.88 -7.26 27.08
N TYR E 59 65.41 -6.23 27.76
CA TYR E 59 64.18 -6.22 28.53
C TYR E 59 63.33 -5.07 28.00
N THR E 60 62.00 -5.22 28.15
CA THR E 60 61.05 -4.17 27.89
C THR E 60 61.16 -3.16 29.05
N ASP E 61 60.96 -1.86 28.73
CA ASP E 61 61.27 -0.75 29.68
C ASP E 61 60.40 -0.87 30.94
N ALA E 62 59.20 -1.46 30.90
CA ALA E 62 58.30 -1.81 31.99
C ALA E 62 58.98 -2.45 33.20
N VAL E 63 59.82 -3.45 32.96
CA VAL E 63 60.35 -4.30 34.01
C VAL E 63 61.85 -4.10 34.20
N LYS E 64 62.42 -2.99 33.67
CA LYS E 64 63.87 -2.86 33.51
C LYS E 64 64.44 -2.67 34.91
N GLY E 65 65.44 -3.51 35.27
CA GLY E 65 66.09 -3.42 36.57
C GLY E 65 65.16 -3.76 37.75
N ARG E 66 64.37 -4.80 37.50
CA ARG E 66 63.36 -5.37 38.39
C ARG E 66 63.22 -6.87 38.11
N PHE E 67 63.11 -7.23 36.81
CA PHE E 67 63.20 -8.60 36.30
C PHE E 67 64.57 -8.90 35.63
N ALA E 68 64.84 -10.21 35.56
CA ALA E 68 66.12 -10.78 35.19
C ALA E 68 65.93 -12.14 34.51
N ILE E 69 66.56 -12.35 33.33
CA ILE E 69 66.39 -13.54 32.50
C ILE E 69 67.73 -14.31 32.46
N SER E 70 67.69 -15.64 32.64
CA SER E 70 68.89 -16.45 32.79
C SER E 70 68.63 -17.89 32.35
N ARG E 71 69.70 -18.59 31.91
CA ARG E 71 69.75 -19.86 31.20
C ARG E 71 70.72 -20.79 31.93
N ASP E 72 70.31 -22.05 32.27
CA ASP E 72 71.16 -23.15 32.72
C ASP E 72 71.13 -24.27 31.66
N ASN E 73 72.03 -24.16 30.68
CA ASN E 73 72.03 -24.98 29.46
C ASN E 73 72.18 -26.48 29.72
N ALA E 74 72.74 -26.79 30.91
CA ALA E 74 72.66 -28.09 31.57
C ALA E 74 71.26 -28.67 31.59
N LYS E 75 70.29 -27.93 32.14
CA LYS E 75 68.90 -28.38 32.18
C LYS E 75 68.21 -28.09 30.84
N ASN E 76 68.70 -27.13 30.05
CA ASN E 76 68.08 -26.44 28.93
C ASN E 76 66.80 -25.75 29.43
N THR E 77 66.99 -24.98 30.50
CA THR E 77 65.96 -24.44 31.36
C THR E 77 66.21 -22.93 31.49
N LEU E 78 65.09 -22.19 31.51
CA LEU E 78 65.08 -20.74 31.38
C LEU E 78 64.38 -20.17 32.59
N TYR E 79 65.03 -19.17 33.18
CA TYR E 79 64.61 -18.53 34.41
C TYR E 79 64.23 -17.09 34.11
N LEU E 80 63.02 -16.68 34.59
CA LEU E 80 62.64 -15.31 34.85
C LEU E 80 62.51 -15.11 36.36
N GLN E 81 63.50 -14.35 36.89
CA GLN E 81 63.48 -13.82 38.24
C GLN E 81 62.78 -12.47 38.18
N MET E 82 61.76 -12.29 39.04
CA MET E 82 60.89 -11.12 39.09
C MET E 82 60.94 -10.59 40.53
N ASN E 83 61.56 -9.42 40.73
CA ASN E 83 61.63 -8.71 42.00
C ASN E 83 60.71 -7.49 41.93
N SER E 84 60.23 -7.04 43.10
CA SER E 84 59.49 -5.78 43.23
C SER E 84 58.26 -5.85 42.35
N LEU E 85 57.46 -6.89 42.55
CA LEU E 85 56.22 -7.14 41.84
C LEU E 85 55.19 -6.08 42.27
N GLU E 86 54.50 -5.44 41.28
CA GLU E 86 53.27 -4.72 41.50
C GLU E 86 52.09 -5.54 40.94
N PRO E 87 50.83 -5.14 41.25
CA PRO E 87 49.66 -5.72 40.58
C PRO E 87 49.57 -5.64 39.04
N GLU E 88 50.21 -4.64 38.37
CA GLU E 88 50.37 -4.51 36.90
C GLU E 88 50.98 -5.77 36.26
N ASP E 89 51.95 -6.37 36.96
CA ASP E 89 52.67 -7.55 36.54
C ASP E 89 51.88 -8.84 36.80
N THR E 90 50.59 -8.79 37.21
CA THR E 90 49.66 -9.89 37.00
C THR E 90 49.43 -10.09 35.51
N ALA E 91 49.23 -11.38 35.13
CA ALA E 91 49.10 -11.84 33.75
C ALA E 91 49.34 -13.36 33.71
N MET E 92 48.92 -14.01 32.61
CA MET E 92 49.48 -15.29 32.20
C MET E 92 50.82 -14.98 31.49
N TYR E 93 51.90 -15.59 31.99
CA TYR E 93 53.26 -15.42 31.49
C TYR E 93 53.61 -16.61 30.59
N TYR E 94 54.25 -16.35 29.43
CA TYR E 94 54.64 -17.34 28.43
C TYR E 94 56.13 -17.26 28.05
N CYS E 95 56.83 -18.41 27.90
CA CYS E 95 58.16 -18.50 27.29
C CYS E 95 58.09 -18.82 25.80
N LYS E 96 59.14 -18.43 25.08
CA LYS E 96 59.16 -18.37 23.61
C LYS E 96 60.56 -18.75 23.18
N SER E 97 60.69 -19.89 22.50
CA SER E 97 61.82 -20.22 21.67
C SER E 97 61.68 -19.44 20.38
N TRP E 98 62.73 -18.86 19.80
CA TRP E 98 62.71 -18.18 18.52
C TRP E 98 63.17 -19.06 17.39
N ALA E 99 62.95 -18.50 16.20
CA ALA E 99 63.53 -18.98 15.01
C ALA E 99 65.04 -18.67 15.06
N CYS E 100 65.67 -19.60 14.36
CA CYS E 100 67.05 -20.05 14.52
C CYS E 100 67.37 -21.02 13.38
N SER E 101 68.62 -21.09 12.86
CA SER E 101 69.07 -21.69 11.61
C SER E 101 69.89 -22.95 11.79
N SER E 102 70.42 -23.58 10.72
CA SER E 102 71.14 -24.87 10.88
C SER E 102 71.84 -25.37 9.62
N GLY E 103 72.43 -24.45 8.82
CA GLY E 103 72.83 -24.58 7.42
C GLY E 103 71.77 -24.99 6.37
N GLU E 104 70.50 -25.21 6.81
CA GLU E 104 69.46 -25.82 5.99
C GLU E 104 68.24 -25.91 6.90
N TYR E 105 68.23 -26.86 7.87
CA TYR E 105 67.07 -26.98 8.79
C TYR E 105 66.89 -25.65 9.57
N LEU E 106 65.66 -25.19 9.72
CA LEU E 106 65.27 -23.88 10.13
C LEU E 106 64.14 -24.17 11.13
N TYR E 107 64.50 -24.15 12.42
CA TYR E 107 63.55 -24.21 13.52
C TYR E 107 62.76 -22.90 13.58
N GLN E 108 61.42 -23.00 13.44
CA GLN E 108 60.49 -21.93 13.75
C GLN E 108 60.46 -21.79 15.27
N GLY E 109 59.83 -20.77 15.77
CA GLY E 109 59.45 -20.70 17.19
C GLY E 109 58.61 -21.85 17.76
N ASP E 110 58.49 -21.84 19.09
CA ASP E 110 57.43 -22.50 19.86
C ASP E 110 57.15 -21.67 21.13
N TRP E 111 55.90 -21.72 21.62
CA TRP E 111 55.44 -21.19 22.88
C TRP E 111 54.96 -22.33 23.82
N GLY E 112 54.89 -22.02 25.11
CA GLY E 112 54.36 -22.92 26.12
C GLY E 112 52.94 -22.60 26.58
N GLN E 113 52.48 -23.32 27.60
CA GLN E 113 51.11 -23.29 28.12
C GLN E 113 50.82 -21.96 28.81
N GLY E 114 51.83 -21.52 29.58
CA GLY E 114 51.82 -20.33 30.40
C GLY E 114 51.61 -20.72 31.85
N THR E 115 51.86 -19.73 32.74
CA THR E 115 51.50 -19.83 34.15
C THR E 115 50.98 -18.45 34.61
N GLN E 116 49.89 -18.46 35.41
CA GLN E 116 49.24 -17.28 35.93
C GLN E 116 50.01 -16.77 37.15
N VAL E 117 50.53 -15.52 37.05
CA VAL E 117 51.12 -14.75 38.12
C VAL E 117 50.11 -13.68 38.52
N THR E 118 49.96 -13.40 39.84
CA THR E 118 48.81 -12.73 40.42
C THR E 118 49.23 -11.94 41.68
N VAL E 119 48.91 -10.62 41.84
CA VAL E 119 49.54 -9.69 42.81
C VAL E 119 48.51 -8.69 43.37
N SER E 120 48.58 -8.25 44.64
CA SER E 120 47.41 -7.67 45.32
C SER E 120 47.75 -7.02 46.67
N SER E 121 46.73 -6.36 47.29
CA SER E 121 46.78 -5.66 48.58
C SER E 121 45.46 -5.80 49.36
N LEU F 3 -43.97 -9.53 -12.86
CA LEU F 3 -45.37 -8.97 -12.74
C LEU F 3 -45.41 -7.43 -13.13
N CYS F 4 -45.19 -7.07 -14.42
CA CYS F 4 -44.37 -6.02 -15.07
C CYS F 4 -44.45 -4.53 -14.59
N PRO F 5 -43.48 -3.59 -14.95
CA PRO F 5 -43.26 -2.30 -14.29
C PRO F 5 -43.88 -1.12 -15.03
N PHE F 6 -45.13 -1.25 -15.41
CA PHE F 6 -45.63 -0.39 -16.46
C PHE F 6 -46.05 0.93 -15.83
N GLY F 7 -46.80 0.83 -14.70
CA GLY F 7 -47.19 1.96 -13.87
C GLY F 7 -46.08 2.99 -13.61
N GLU F 8 -44.84 2.52 -13.52
CA GLU F 8 -43.66 3.38 -13.51
C GLU F 8 -43.46 4.16 -14.83
N VAL F 9 -43.57 3.52 -16.02
CA VAL F 9 -43.39 4.21 -17.33
C VAL F 9 -44.48 5.27 -17.49
N PHE F 10 -45.74 4.82 -17.36
CA PHE F 10 -46.89 5.58 -17.80
C PHE F 10 -47.21 6.63 -16.74
N ASN F 11 -47.53 6.18 -15.49
CA ASN F 11 -47.93 7.09 -14.41
C ASN F 11 -46.63 7.68 -13.76
N ALA F 12 -45.67 8.15 -14.59
CA ALA F 12 -44.41 8.80 -14.19
C ALA F 12 -44.58 10.29 -14.00
N THR F 13 -43.86 10.87 -13.02
CA THR F 13 -44.31 12.24 -12.66
C THR F 13 -43.53 13.23 -13.54
N ARG F 14 -42.35 12.93 -14.17
CA ARG F 14 -41.76 13.73 -15.23
C ARG F 14 -41.41 12.80 -16.40
N PHE F 15 -41.29 13.38 -17.60
CA PHE F 15 -41.03 12.64 -18.83
C PHE F 15 -39.92 13.35 -19.62
N ALA F 16 -39.41 12.62 -20.60
CA ALA F 16 -38.25 13.09 -21.37
C ALA F 16 -38.62 14.19 -22.37
N SER F 17 -37.81 15.22 -22.48
CA SER F 17 -37.60 15.95 -23.74
C SER F 17 -37.29 15.04 -24.91
N VAL F 18 -37.71 15.43 -26.13
CA VAL F 18 -37.84 14.43 -27.18
C VAL F 18 -36.48 14.07 -27.84
N TYR F 19 -35.52 15.01 -28.04
CA TYR F 19 -34.13 14.69 -28.43
C TYR F 19 -33.43 13.72 -27.48
N ALA F 20 -33.84 13.86 -26.20
CA ALA F 20 -33.25 13.32 -25.00
C ALA F 20 -34.11 12.18 -24.43
N TRP F 21 -34.46 11.27 -25.32
CA TRP F 21 -35.59 10.39 -25.08
C TRP F 21 -35.23 9.24 -24.18
N ASN F 22 -36.00 9.08 -23.10
CA ASN F 22 -35.91 7.92 -22.21
C ASN F 22 -36.14 6.60 -22.95
N ARG F 23 -35.66 5.56 -22.26
CA ARG F 23 -36.00 4.19 -22.55
C ARG F 23 -35.87 3.46 -21.21
N LYS F 24 -36.79 2.54 -20.93
CA LYS F 24 -36.54 1.38 -20.11
C LYS F 24 -36.55 0.19 -21.08
N ARG F 25 -35.65 -0.78 -20.91
CA ARG F 25 -35.93 -2.17 -21.26
C ARG F 25 -36.84 -2.78 -20.17
N ILE F 26 -37.84 -3.55 -20.58
CA ILE F 26 -38.67 -4.41 -19.74
C ILE F 26 -38.32 -5.87 -20.02
N SER F 27 -38.12 -6.69 -18.97
CA SER F 27 -37.77 -8.12 -19.10
C SER F 27 -38.18 -8.96 -17.88
N ASN F 28 -38.31 -10.29 -18.11
CA ASN F 28 -38.47 -11.38 -17.14
C ASN F 28 -39.67 -11.04 -16.22
N CYS F 29 -40.84 -10.88 -16.88
CA CYS F 29 -42.08 -10.43 -16.25
C CYS F 29 -43.33 -10.63 -17.14
N VAL F 30 -44.51 -10.53 -16.50
CA VAL F 30 -45.81 -10.81 -17.13
C VAL F 30 -46.49 -9.48 -17.43
N ALA F 31 -46.96 -9.34 -18.68
CA ALA F 31 -47.42 -8.09 -19.28
C ALA F 31 -48.88 -8.22 -19.71
N ASP F 32 -49.83 -7.79 -18.85
CA ASP F 32 -51.23 -7.49 -19.22
C ASP F 32 -51.23 -6.10 -19.85
N TYR F 33 -51.18 -6.09 -21.20
CA TYR F 33 -51.32 -4.89 -21.98
C TYR F 33 -52.80 -4.50 -22.15
N SER F 34 -53.85 -5.30 -21.77
CA SER F 34 -55.25 -4.90 -22.00
C SER F 34 -55.64 -3.68 -21.18
N VAL F 35 -55.09 -3.57 -19.97
CA VAL F 35 -55.26 -2.33 -19.20
C VAL F 35 -54.41 -1.14 -19.70
N LEU F 36 -53.74 -1.26 -20.88
CA LEU F 36 -53.38 -0.11 -21.77
C LEU F 36 -54.36 0.21 -22.91
N TYR F 37 -54.78 -0.81 -23.70
CA TYR F 37 -55.41 -0.58 -25.02
C TYR F 37 -56.79 0.03 -24.78
N ASN F 38 -57.67 -0.71 -24.10
CA ASN F 38 -58.96 -0.21 -23.62
C ASN F 38 -58.83 0.26 -22.14
N SER F 39 -57.69 0.86 -21.74
CA SER F 39 -57.64 1.84 -20.65
C SER F 39 -58.40 3.07 -21.12
N ALA F 40 -57.98 3.58 -22.29
CA ALA F 40 -58.75 4.53 -23.08
C ALA F 40 -58.85 5.92 -22.40
N SER F 41 -58.25 6.12 -21.21
CA SER F 41 -57.42 7.25 -20.81
C SER F 41 -56.51 7.78 -21.96
N PHE F 42 -55.86 6.88 -22.75
CA PHE F 42 -54.86 7.25 -23.75
C PHE F 42 -55.60 7.68 -25.03
N SER F 43 -55.44 8.97 -25.45
CA SER F 43 -55.77 9.51 -26.78
C SER F 43 -55.41 8.58 -27.96
N THR F 44 -54.13 8.52 -28.42
CA THR F 44 -53.75 7.73 -29.62
C THR F 44 -53.21 6.36 -29.13
N PHE F 45 -53.29 5.35 -30.02
CA PHE F 45 -52.96 3.95 -29.71
C PHE F 45 -52.90 3.10 -30.98
N LYS F 46 -51.72 2.97 -31.56
CA LYS F 46 -51.55 2.66 -32.99
C LYS F 46 -50.48 1.56 -33.03
N CYS F 47 -50.84 0.31 -33.38
CA CYS F 47 -49.97 -0.88 -33.36
C CYS F 47 -49.66 -1.30 -34.80
N TYR F 48 -48.36 -1.54 -35.07
CA TYR F 48 -47.80 -1.66 -36.40
C TYR F 48 -47.05 -3.01 -36.35
N GLY F 49 -47.26 -3.90 -37.31
CA GLY F 49 -46.75 -5.27 -37.24
C GLY F 49 -47.56 -6.18 -36.29
N VAL F 50 -48.59 -5.67 -35.56
CA VAL F 50 -49.16 -6.35 -34.40
C VAL F 50 -50.68 -6.12 -34.35
N SER F 51 -51.47 -7.20 -34.12
CA SER F 51 -52.86 -7.06 -33.65
C SER F 51 -52.83 -6.74 -32.17
N PRO F 52 -53.45 -5.64 -31.64
CA PRO F 52 -53.48 -5.44 -30.17
C PRO F 52 -54.37 -6.39 -29.31
N THR F 53 -55.06 -7.42 -29.82
CA THR F 53 -55.39 -8.61 -29.02
C THR F 53 -54.14 -9.45 -28.83
N LYS F 54 -53.57 -9.92 -29.96
CA LYS F 54 -52.72 -11.10 -30.03
C LYS F 54 -51.38 -10.96 -29.29
N LEU F 55 -50.89 -9.72 -29.12
CA LEU F 55 -49.81 -9.41 -28.20
C LEU F 55 -50.06 -9.91 -26.77
N ASN F 56 -51.32 -9.85 -26.27
CA ASN F 56 -51.65 -10.04 -24.87
C ASN F 56 -51.59 -11.54 -24.50
N ASP F 57 -51.41 -12.46 -25.48
CA ASP F 57 -50.85 -13.76 -25.22
C ASP F 57 -49.82 -14.06 -26.32
N LEU F 58 -48.73 -13.28 -26.35
CA LEU F 58 -47.56 -13.55 -27.18
C LEU F 58 -46.29 -12.98 -26.53
N CYS F 59 -45.18 -13.67 -26.88
CA CYS F 59 -43.93 -13.74 -26.16
C CYS F 59 -42.77 -13.14 -26.96
N PHE F 60 -41.85 -12.46 -26.21
CA PHE F 60 -40.72 -11.69 -26.73
C PHE F 60 -39.48 -11.79 -25.86
N THR F 61 -38.30 -11.67 -26.50
CA THR F 61 -37.01 -11.60 -25.83
C THR F 61 -36.97 -10.34 -24.98
N ASN F 62 -37.33 -9.17 -25.57
CA ASN F 62 -37.47 -7.93 -24.82
C ASN F 62 -38.51 -6.98 -25.41
N VAL F 63 -39.12 -6.21 -24.46
CA VAL F 63 -39.91 -5.02 -24.69
C VAL F 63 -39.12 -3.78 -24.27
N TYR F 64 -39.05 -2.74 -25.11
CA TYR F 64 -38.41 -1.46 -24.83
C TYR F 64 -39.38 -0.29 -24.96
N ALA F 65 -39.33 0.70 -24.04
CA ALA F 65 -40.44 1.62 -23.71
C ALA F 65 -39.95 3.09 -23.66
N ASP F 66 -40.07 3.76 -24.83
CA ASP F 66 -39.36 4.99 -25.15
C ASP F 66 -40.25 6.15 -24.71
N SER F 67 -40.11 6.56 -23.43
CA SER F 67 -40.95 7.59 -22.79
C SER F 67 -40.46 8.97 -23.26
N PHE F 68 -41.30 9.83 -23.91
CA PHE F 68 -40.93 11.25 -24.18
C PHE F 68 -42.10 12.16 -24.57
N VAL F 69 -41.84 13.48 -24.88
CA VAL F 69 -42.88 14.53 -24.90
C VAL F 69 -42.60 15.49 -26.07
N ILE F 70 -43.66 15.65 -26.91
CA ILE F 70 -43.76 16.51 -28.09
C ILE F 70 -45.04 17.36 -28.06
N ARG F 71 -45.17 18.24 -29.07
CA ARG F 71 -46.42 18.87 -29.47
C ARG F 71 -47.35 17.86 -30.11
N GLY F 72 -48.68 18.04 -29.89
CA GLY F 72 -49.72 17.23 -30.52
C GLY F 72 -49.61 17.10 -32.04
N ASP F 73 -49.41 18.23 -32.76
CA ASP F 73 -49.17 18.24 -34.21
C ASP F 73 -48.13 17.24 -34.73
N GLU F 74 -47.05 17.07 -33.93
CA GLU F 74 -45.91 16.24 -34.26
C GLU F 74 -46.17 14.72 -34.07
N VAL F 75 -47.31 14.28 -33.45
CA VAL F 75 -47.54 12.87 -33.14
C VAL F 75 -47.74 12.03 -34.43
N ARG F 76 -48.19 12.68 -35.54
CA ARG F 76 -47.93 12.30 -36.93
C ARG F 76 -46.62 11.49 -37.10
N GLN F 77 -45.52 12.05 -36.57
CA GLN F 77 -44.16 11.64 -36.87
C GLN F 77 -43.67 10.40 -36.10
N ILE F 78 -44.35 10.01 -35.01
CA ILE F 78 -44.07 8.83 -34.18
C ILE F 78 -44.77 7.63 -34.84
N ALA F 79 -44.21 7.31 -35.99
CA ALA F 79 -44.96 6.52 -36.96
C ALA F 79 -44.00 6.24 -38.11
N PRO F 80 -43.99 5.00 -38.66
CA PRO F 80 -42.91 4.60 -39.61
C PRO F 80 -42.70 5.51 -40.83
N GLY F 81 -41.44 5.59 -41.31
CA GLY F 81 -41.02 6.31 -42.50
C GLY F 81 -41.47 7.78 -42.67
N GLN F 82 -41.69 8.47 -41.52
CA GLN F 82 -42.21 9.84 -41.46
C GLN F 82 -41.07 10.86 -41.63
N THR F 83 -41.46 12.14 -41.63
CA THR F 83 -40.68 13.24 -42.13
C THR F 83 -40.92 14.52 -41.30
N GLY F 84 -39.91 15.39 -41.29
CA GLY F 84 -39.88 16.64 -40.54
C GLY F 84 -39.14 16.53 -39.20
N LYS F 85 -39.11 17.68 -38.49
CA LYS F 85 -38.48 17.98 -37.18
C LYS F 85 -38.06 16.71 -36.39
N ILE F 86 -39.02 15.83 -36.08
CA ILE F 86 -38.88 14.85 -35.01
C ILE F 86 -38.31 13.54 -35.54
N ALA F 87 -38.95 12.90 -36.52
CA ALA F 87 -38.46 11.67 -37.13
C ALA F 87 -37.08 11.91 -37.77
N ASP F 88 -36.81 13.11 -38.31
CA ASP F 88 -35.48 13.48 -38.78
C ASP F 88 -34.44 13.68 -37.68
N TYR F 89 -34.74 14.49 -36.61
CA TYR F 89 -33.72 15.04 -35.69
C TYR F 89 -33.84 14.66 -34.18
N ASN F 90 -34.84 13.90 -33.72
CA ASN F 90 -35.04 13.73 -32.28
C ASN F 90 -35.17 12.28 -31.92
N TYR F 91 -36.22 11.68 -32.52
CA TYR F 91 -36.54 10.27 -32.45
C TYR F 91 -37.12 9.72 -33.77
N LYS F 92 -36.36 8.83 -34.42
CA LYS F 92 -36.87 8.17 -35.62
C LYS F 92 -37.59 6.92 -35.13
N LEU F 93 -38.52 6.39 -35.96
CA LEU F 93 -38.84 4.94 -35.94
C LEU F 93 -38.39 4.30 -37.23
N PRO F 94 -38.04 2.99 -37.24
CA PRO F 94 -37.55 2.31 -38.44
C PRO F 94 -38.72 2.06 -39.35
N ASP F 95 -38.40 1.86 -40.64
CA ASP F 95 -39.41 1.81 -41.70
C ASP F 95 -40.30 0.54 -41.58
N ASP F 96 -39.79 -0.53 -40.97
CA ASP F 96 -40.42 -1.83 -40.78
C ASP F 96 -40.75 -2.06 -39.30
N PHE F 97 -41.30 -1.04 -38.62
CA PHE F 97 -41.42 -1.06 -37.15
C PHE F 97 -42.46 -2.11 -36.72
N THR F 98 -42.16 -2.83 -35.63
CA THR F 98 -43.05 -3.76 -34.96
C THR F 98 -43.19 -3.23 -33.53
N GLY F 99 -44.43 -2.90 -33.14
CA GLY F 99 -44.70 -2.28 -31.86
C GLY F 99 -45.94 -1.38 -31.84
N CYS F 100 -46.15 -0.75 -30.65
CA CYS F 100 -47.26 0.17 -30.37
C CYS F 100 -46.73 1.59 -30.06
N VAL F 101 -47.55 2.60 -30.35
CA VAL F 101 -47.32 4.01 -30.18
C VAL F 101 -48.55 4.53 -29.42
N ILE F 102 -48.32 4.87 -28.14
CA ILE F 102 -49.30 5.47 -27.27
C ILE F 102 -48.92 6.94 -27.15
N ALA F 103 -49.93 7.82 -27.22
CA ALA F 103 -49.82 9.14 -26.62
C ALA F 103 -51.11 9.50 -25.87
N TRP F 104 -50.93 10.55 -25.06
CA TRP F 104 -52.03 11.27 -24.43
C TRP F 104 -51.71 12.74 -24.22
N ASN F 105 -52.76 13.58 -24.30
CA ASN F 105 -52.62 15.01 -24.10
C ASN F 105 -52.35 15.26 -22.62
N SER F 106 -51.36 16.12 -22.38
CA SER F 106 -50.76 16.28 -21.08
C SER F 106 -50.65 17.76 -20.76
N ASN F 107 -51.69 18.54 -21.07
CA ASN F 107 -51.67 19.99 -21.00
C ASN F 107 -51.95 20.42 -19.55
N ASN F 108 -52.99 19.82 -18.97
CA ASN F 108 -53.22 19.65 -17.53
C ASN F 108 -51.94 19.38 -16.68
N LEU F 109 -50.94 18.60 -17.15
CA LEU F 109 -49.66 18.35 -16.45
C LEU F 109 -48.52 19.32 -16.82
N ASP F 110 -48.10 19.28 -18.11
CA ASP F 110 -46.80 19.73 -18.60
C ASP F 110 -46.85 21.13 -19.24
N SER F 111 -47.97 21.87 -19.12
CA SER F 111 -48.02 23.31 -19.31
C SER F 111 -47.97 24.02 -17.97
N LYS F 112 -47.33 25.20 -17.97
CA LYS F 112 -47.17 26.09 -16.82
C LYS F 112 -47.61 27.46 -17.31
N VAL F 113 -48.50 28.15 -16.54
CA VAL F 113 -48.69 29.60 -16.51
C VAL F 113 -47.44 30.40 -16.91
N GLY F 114 -47.37 30.86 -18.18
CA GLY F 114 -46.17 31.51 -18.73
C GLY F 114 -45.01 30.59 -19.17
N GLY F 115 -45.23 29.27 -19.29
CA GLY F 115 -44.57 28.37 -20.26
C GLY F 115 -43.56 27.44 -19.61
N ASN F 116 -43.78 26.10 -19.54
CA ASN F 116 -42.76 25.15 -19.05
C ASN F 116 -41.68 25.08 -20.15
N TYR F 117 -40.42 25.44 -19.80
CA TYR F 117 -39.32 25.39 -20.77
C TYR F 117 -38.67 24.01 -20.83
N ASN F 118 -39.03 23.09 -19.93
CA ASN F 118 -38.17 22.00 -19.47
C ASN F 118 -38.28 20.81 -20.42
N TYR F 119 -39.28 20.77 -21.35
CA TYR F 119 -39.30 19.83 -22.47
C TYR F 119 -38.76 20.60 -23.68
N LEU F 120 -38.13 19.84 -24.59
CA LEU F 120 -37.20 20.42 -25.55
C LEU F 120 -37.06 19.50 -26.77
N TYR F 121 -36.53 20.12 -27.86
CA TYR F 121 -36.41 19.53 -29.19
C TYR F 121 -35.27 20.09 -30.04
N ARG F 122 -34.78 19.22 -30.92
CA ARG F 122 -33.59 19.41 -31.72
C ARG F 122 -34.15 19.99 -32.99
N LEU F 123 -33.89 21.28 -33.20
CA LEU F 123 -34.43 22.01 -34.31
C LEU F 123 -33.64 21.83 -35.62
N PHE F 124 -32.37 21.44 -35.57
CA PHE F 124 -31.49 21.28 -36.72
C PHE F 124 -30.46 20.19 -36.45
N ARG F 125 -29.89 19.61 -37.54
CA ARG F 125 -28.79 18.64 -37.45
C ARG F 125 -28.25 18.34 -38.84
N LYS F 126 -26.96 17.98 -38.91
CA LYS F 126 -26.15 17.95 -40.15
C LYS F 126 -26.75 16.96 -41.17
N SER F 127 -27.21 15.78 -40.70
CA SER F 127 -28.08 14.87 -41.44
C SER F 127 -29.02 14.14 -40.47
N ASN F 128 -29.97 13.39 -41.06
CA ASN F 128 -31.10 12.81 -40.36
C ASN F 128 -30.67 11.59 -39.57
N LEU F 129 -31.46 11.30 -38.52
CA LEU F 129 -31.22 10.23 -37.55
C LEU F 129 -31.44 8.85 -38.17
N LYS F 130 -30.60 7.89 -37.76
CA LYS F 130 -30.87 6.50 -38.08
C LYS F 130 -31.98 6.03 -37.10
N PRO F 131 -32.72 4.92 -37.41
CA PRO F 131 -33.69 4.31 -36.48
C PRO F 131 -33.23 4.11 -35.03
N PHE F 132 -33.97 4.65 -34.05
CA PHE F 132 -33.62 4.79 -32.64
C PHE F 132 -32.26 5.44 -32.34
N GLU F 133 -31.84 6.40 -33.18
CA GLU F 133 -30.68 7.21 -32.83
C GLU F 133 -31.23 8.20 -31.79
N ARG F 134 -30.37 8.52 -30.82
CA ARG F 134 -30.51 9.63 -29.88
C ARG F 134 -29.38 10.61 -30.08
N ASP F 135 -29.67 11.89 -29.93
CA ASP F 135 -28.60 12.86 -30.04
C ASP F 135 -28.82 13.87 -28.95
N ILE F 136 -27.67 14.22 -28.28
CA ILE F 136 -27.57 15.20 -27.18
C ILE F 136 -26.48 16.30 -27.37
N SER F 137 -25.86 16.41 -28.61
CA SER F 137 -25.01 17.50 -29.14
C SER F 137 -25.36 18.87 -28.64
N THR F 138 -24.46 19.59 -27.94
CA THR F 138 -24.63 21.01 -27.67
C THR F 138 -23.65 21.79 -28.59
N GLU F 139 -23.33 21.25 -29.82
CA GLU F 139 -22.47 21.88 -30.78
C GLU F 139 -23.34 22.60 -31.80
N ILE F 140 -22.95 23.82 -32.16
CA ILE F 140 -23.69 24.81 -32.95
C ILE F 140 -23.94 24.32 -34.37
N TYR F 141 -25.07 24.73 -34.96
CA TYR F 141 -25.42 24.33 -36.31
C TYR F 141 -24.88 25.37 -37.31
N GLN F 142 -24.17 24.86 -38.32
CA GLN F 142 -23.65 25.65 -39.42
C GLN F 142 -24.78 25.71 -40.44
N ALA F 143 -25.44 26.89 -40.51
CA ALA F 143 -26.36 27.21 -41.58
C ALA F 143 -25.55 27.66 -42.82
N GLY F 144 -24.73 28.70 -42.64
CA GLY F 144 -23.94 29.28 -43.72
C GLY F 144 -22.83 28.39 -44.26
N SER F 145 -22.27 28.83 -45.38
CA SER F 145 -20.88 28.58 -45.79
C SER F 145 -19.88 28.97 -44.70
N THR F 146 -20.20 30.14 -44.11
CA THR F 146 -19.44 30.84 -43.10
C THR F 146 -19.22 29.92 -41.86
N PRO F 147 -17.96 29.78 -41.32
CA PRO F 147 -17.70 29.04 -40.07
C PRO F 147 -18.29 29.71 -38.82
N CYS F 148 -18.62 28.95 -37.77
CA CYS F 148 -19.45 29.48 -36.69
C CYS F 148 -18.74 29.93 -35.41
N ASN F 149 -17.47 29.55 -35.22
CA ASN F 149 -16.53 30.24 -34.35
C ASN F 149 -16.91 30.14 -32.85
N GLY F 150 -17.91 29.28 -32.48
CA GLY F 150 -18.66 29.45 -31.26
C GLY F 150 -19.21 30.85 -31.05
N VAL F 151 -19.87 31.43 -32.06
CA VAL F 151 -20.75 32.59 -31.89
C VAL F 151 -22.14 32.15 -32.38
N GLU F 152 -23.15 32.25 -31.53
CA GLU F 152 -24.55 32.15 -31.96
C GLU F 152 -24.91 33.47 -32.62
N GLY F 153 -25.59 33.47 -33.79
CA GLY F 153 -25.89 34.69 -34.53
C GLY F 153 -26.61 34.38 -35.84
N PHE F 154 -26.43 35.30 -36.82
CA PHE F 154 -26.85 35.05 -38.21
C PHE F 154 -26.12 33.81 -38.74
N ASN F 155 -26.90 32.84 -39.30
CA ASN F 155 -26.35 31.64 -39.93
C ASN F 155 -25.68 30.67 -38.94
N CYS F 156 -25.97 30.76 -37.63
CA CYS F 156 -25.19 30.08 -36.61
C CYS F 156 -26.07 29.92 -35.38
N TYR F 157 -26.71 28.73 -35.26
CA TYR F 157 -27.90 28.53 -34.42
C TYR F 157 -27.60 27.41 -33.44
N PHE F 158 -27.97 27.62 -32.16
CA PHE F 158 -27.75 26.66 -31.08
C PHE F 158 -28.82 25.60 -31.21
N PRO F 159 -28.50 24.31 -31.54
CA PRO F 159 -29.48 23.42 -32.17
C PRO F 159 -30.64 22.81 -31.36
N LEU F 160 -30.70 23.08 -30.03
CA LEU F 160 -31.84 22.64 -29.22
C LEU F 160 -32.75 23.81 -28.88
N GLN F 161 -34.07 23.56 -28.81
CA GLN F 161 -35.03 24.55 -28.35
C GLN F 161 -35.98 24.00 -27.29
N SER F 162 -36.43 24.90 -26.41
CA SER F 162 -37.62 24.72 -25.59
C SER F 162 -38.90 24.89 -26.43
N TYR F 163 -39.85 23.94 -26.33
CA TYR F 163 -41.25 24.23 -26.51
C TYR F 163 -41.75 24.85 -25.22
N GLY F 164 -42.65 25.83 -25.34
CA GLY F 164 -42.89 26.76 -24.26
C GLY F 164 -44.30 26.55 -23.71
N PHE F 165 -44.65 25.31 -23.32
CA PHE F 165 -46.07 24.94 -23.18
C PHE F 165 -46.80 25.79 -22.14
N GLN F 166 -47.65 26.74 -22.61
CA GLN F 166 -48.66 27.46 -21.84
C GLN F 166 -49.99 26.71 -21.92
N PRO F 167 -50.88 26.75 -20.88
CA PRO F 167 -52.27 26.30 -21.04
C PRO F 167 -53.10 27.12 -22.05
N THR F 168 -52.81 28.40 -22.29
CA THR F 168 -53.57 29.19 -23.28
C THR F 168 -53.24 28.78 -24.76
N ASN F 169 -52.27 27.88 -25.07
CA ASN F 169 -52.01 27.30 -26.41
C ASN F 169 -53.26 26.62 -27.03
N GLY F 170 -53.29 26.56 -28.38
CA GLY F 170 -54.17 25.65 -29.11
C GLY F 170 -53.68 24.20 -29.14
N VAL F 171 -54.58 23.27 -29.49
CA VAL F 171 -54.51 21.83 -29.17
C VAL F 171 -53.30 21.13 -29.81
N GLY F 172 -52.91 21.57 -31.03
CA GLY F 172 -51.74 21.07 -31.76
C GLY F 172 -50.42 21.48 -31.13
N TYR F 173 -50.31 22.76 -30.64
CA TYR F 173 -49.20 23.26 -29.82
C TYR F 173 -49.34 22.90 -28.30
N GLN F 174 -50.29 22.07 -27.87
CA GLN F 174 -50.28 21.50 -26.52
C GLN F 174 -49.32 20.28 -26.46
N PRO F 175 -48.83 19.92 -25.23
CA PRO F 175 -47.91 18.79 -25.08
C PRO F 175 -48.62 17.43 -25.08
N TYR F 176 -48.12 16.47 -25.87
CA TYR F 176 -48.47 15.06 -25.70
C TYR F 176 -47.30 14.22 -25.15
N ARG F 177 -47.62 13.42 -24.12
CA ARG F 177 -46.81 12.33 -23.58
C ARG F 177 -46.93 11.04 -24.36
N VAL F 178 -45.77 10.48 -24.75
CA VAL F 178 -45.63 9.48 -25.78
C VAL F 178 -44.85 8.30 -25.19
N VAL F 179 -45.37 7.11 -25.43
CA VAL F 179 -44.65 5.87 -25.18
C VAL F 179 -44.57 5.14 -26.50
N VAL F 180 -43.47 4.40 -26.66
CA VAL F 180 -43.25 3.59 -27.85
C VAL F 180 -42.78 2.21 -27.39
N LEU F 181 -43.72 1.27 -27.18
CA LEU F 181 -43.45 -0.14 -26.99
C LEU F 181 -42.94 -0.75 -28.31
N SER F 182 -41.65 -1.18 -28.30
CA SER F 182 -40.91 -1.74 -29.42
C SER F 182 -40.65 -3.23 -29.00
N PHE F 183 -40.91 -4.19 -29.92
CA PHE F 183 -40.88 -5.60 -29.66
C PHE F 183 -39.82 -6.28 -30.55
N GLU F 184 -39.07 -7.22 -29.94
CA GLU F 184 -38.04 -7.99 -30.63
C GLU F 184 -37.89 -9.34 -29.94
N LEU F 185 -37.34 -10.29 -30.73
CA LEU F 185 -37.52 -11.71 -30.48
C LEU F 185 -36.37 -12.37 -31.25
N LEU F 186 -35.22 -12.43 -30.57
CA LEU F 186 -33.87 -12.72 -31.06
C LEU F 186 -33.40 -14.15 -30.74
N HIS F 187 -32.09 -14.50 -30.96
CA HIS F 187 -31.51 -15.86 -30.90
C HIS F 187 -31.89 -16.70 -29.64
N ALA F 188 -32.07 -16.08 -28.44
CA ALA F 188 -32.33 -16.73 -27.15
C ALA F 188 -33.83 -16.88 -26.80
N PRO F 189 -34.30 -17.50 -25.66
CA PRO F 189 -35.73 -17.69 -25.40
C PRO F 189 -36.54 -16.49 -24.87
N ALA F 190 -37.86 -16.71 -24.81
CA ALA F 190 -38.90 -15.81 -24.36
C ALA F 190 -38.65 -15.25 -22.95
N THR F 191 -38.96 -13.97 -22.69
CA THR F 191 -39.00 -13.38 -21.33
C THR F 191 -40.19 -12.46 -20.99
N VAL F 192 -41.17 -12.20 -21.90
CA VAL F 192 -42.26 -11.24 -21.69
C VAL F 192 -43.51 -11.74 -22.42
N CYS F 193 -44.58 -12.13 -21.68
CA CYS F 193 -45.84 -12.62 -22.29
C CYS F 193 -47.04 -12.27 -21.44
N GLY F 194 -48.23 -12.66 -21.93
CA GLY F 194 -49.16 -13.47 -21.14
C GLY F 194 -50.23 -12.70 -20.33
N PRO F 195 -50.87 -13.25 -19.24
CA PRO F 195 -50.58 -14.58 -18.63
C PRO F 195 -50.16 -15.86 -19.41
N GLU G 1 -32.39 14.46 -7.26
CA GLU G 1 -31.94 14.97 -8.58
C GLU G 1 -30.91 16.10 -8.30
N VAL G 2 -30.68 16.94 -9.31
CA VAL G 2 -30.15 18.29 -9.15
C VAL G 2 -31.26 19.27 -8.77
N GLN G 3 -30.98 20.04 -7.72
CA GLN G 3 -31.51 21.39 -7.56
C GLN G 3 -30.37 22.34 -7.96
N LEU G 4 -30.51 23.05 -9.11
CA LEU G 4 -29.75 24.28 -9.36
C LEU G 4 -30.35 25.51 -8.65
N VAL G 5 -29.50 26.54 -8.40
CA VAL G 5 -29.95 27.84 -7.89
C VAL G 5 -28.99 28.92 -8.41
N GLU G 6 -29.48 30.04 -8.96
CA GLU G 6 -28.64 31.19 -9.36
C GLU G 6 -28.39 32.07 -8.11
N SER G 7 -27.46 33.04 -8.25
CA SER G 7 -27.22 34.08 -7.25
C SER G 7 -26.30 35.21 -7.77
N GLY G 8 -26.34 36.34 -7.07
CA GLY G 8 -25.38 37.43 -7.24
C GLY G 8 -25.76 38.37 -8.38
N GLY G 9 -27.03 38.83 -8.34
CA GLY G 9 -27.63 39.77 -9.29
C GLY G 9 -28.03 41.06 -8.58
N GLY G 10 -28.81 41.90 -9.32
CA GLY G 10 -29.46 43.09 -8.80
C GLY G 10 -29.09 44.32 -9.65
N SER G 11 -29.33 45.52 -9.10
CA SER G 11 -29.12 46.78 -9.86
C SER G 11 -27.62 47.07 -9.98
N VAL G 12 -27.18 47.58 -11.13
CA VAL G 12 -25.80 48.05 -11.35
C VAL G 12 -25.76 49.21 -12.36
N GLN G 13 -24.76 50.11 -12.23
CA GLN G 13 -24.30 51.06 -13.22
C GLN G 13 -24.03 50.46 -14.59
N ALA G 14 -24.50 51.05 -15.70
CA ALA G 14 -23.94 50.76 -17.04
C ALA G 14 -22.45 51.06 -17.13
N GLY G 15 -21.71 50.34 -18.00
CA GLY G 15 -20.25 50.27 -17.91
C GLY G 15 -19.69 49.26 -16.89
N GLY G 16 -20.30 49.04 -15.70
CA GLY G 16 -19.75 48.17 -14.66
C GLY G 16 -19.81 46.66 -14.96
N SER G 17 -19.61 45.84 -13.89
CA SER G 17 -19.49 44.39 -13.98
C SER G 17 -20.47 43.69 -13.07
N LEU G 18 -20.86 42.43 -13.44
CA LEU G 18 -21.28 41.48 -12.43
C LEU G 18 -20.90 40.02 -12.71
N ARG G 19 -20.74 39.27 -11.60
CA ARG G 19 -20.46 37.85 -11.52
C ARG G 19 -21.74 37.13 -11.05
N LEU G 20 -22.29 36.23 -11.89
CA LEU G 20 -23.38 35.36 -11.51
C LEU G 20 -22.84 34.01 -11.10
N SER G 21 -23.53 33.40 -10.13
CA SER G 21 -23.08 32.20 -9.44
C SER G 21 -24.23 31.20 -9.53
N CYS G 22 -24.04 30.07 -10.24
CA CYS G 22 -25.00 28.96 -10.24
C CYS G 22 -24.43 27.85 -9.36
N VAL G 23 -24.96 27.78 -8.14
CA VAL G 23 -24.73 26.70 -7.18
C VAL G 23 -25.52 25.46 -7.63
N ALA G 24 -24.88 24.27 -7.70
CA ALA G 24 -25.57 22.98 -7.89
C ALA G 24 -26.18 22.39 -6.59
N SER G 25 -26.69 21.12 -6.63
CA SER G 25 -26.51 20.10 -5.56
C SER G 25 -26.59 18.65 -6.12
N GLY G 26 -25.60 18.49 -7.07
CA GLY G 26 -25.38 17.42 -8.05
C GLY G 26 -25.35 16.07 -7.35
N TYR G 27 -26.25 15.17 -7.76
CA TYR G 27 -26.23 13.78 -7.36
C TYR G 27 -26.64 12.94 -8.55
N THR G 28 -26.06 13.22 -9.74
CA THR G 28 -26.48 12.58 -10.98
C THR G 28 -25.31 12.39 -11.96
N TYR G 29 -25.25 11.23 -12.69
CA TYR G 29 -24.09 10.37 -12.90
C TYR G 29 -23.42 10.67 -14.25
N CYS G 30 -22.76 11.85 -14.32
CA CYS G 30 -22.68 12.67 -15.53
C CYS G 30 -21.67 13.82 -15.43
N SER G 31 -20.98 14.06 -16.55
CA SER G 31 -20.53 15.39 -16.93
C SER G 31 -21.68 16.10 -17.67
N TYR G 32 -22.47 16.90 -16.91
CA TYR G 32 -23.37 17.86 -17.51
C TYR G 32 -22.54 19.02 -18.10
N ASP G 33 -22.64 19.29 -19.42
CA ASP G 33 -22.43 20.59 -20.02
C ASP G 33 -23.38 21.62 -19.36
N MET G 34 -22.96 22.91 -19.23
CA MET G 34 -23.78 23.93 -18.57
C MET G 34 -23.80 25.22 -19.40
N SER G 35 -24.95 25.94 -19.30
CA SER G 35 -25.23 27.17 -20.05
C SER G 35 -25.94 28.27 -19.23
N TRP G 36 -25.77 29.52 -19.74
CA TRP G 36 -26.55 30.68 -19.29
C TRP G 36 -27.52 31.18 -20.36
N TYR G 37 -28.70 31.63 -19.90
CA TYR G 37 -29.78 32.18 -20.69
C TYR G 37 -30.42 33.38 -19.96
N ARG G 38 -31.13 34.24 -20.70
CA ARG G 38 -31.81 35.41 -20.13
C ARG G 38 -33.17 35.68 -20.81
N GLN G 39 -34.04 36.41 -20.09
CA GLN G 39 -35.39 36.79 -20.50
C GLN G 39 -35.46 38.33 -20.55
N ALA G 40 -35.30 38.95 -21.77
CA ALA G 40 -35.50 40.42 -21.98
C ALA G 40 -36.98 40.93 -21.83
N PRO G 41 -37.51 41.13 -20.57
CA PRO G 41 -38.75 40.47 -20.11
C PRO G 41 -39.92 40.95 -20.98
N GLY G 42 -40.64 40.04 -21.66
CA GLY G 42 -41.27 40.28 -22.96
C GLY G 42 -40.65 39.43 -24.08
N LYS G 43 -39.58 39.96 -24.75
CA LYS G 43 -38.73 39.12 -25.63
C LYS G 43 -38.35 37.80 -24.90
N GLU G 44 -38.53 36.63 -25.58
CA GLU G 44 -38.65 35.29 -24.97
C GLU G 44 -37.30 34.89 -24.33
N ARG G 45 -37.20 33.66 -23.76
CA ARG G 45 -35.98 33.13 -23.12
C ARG G 45 -34.97 32.82 -24.25
N GLU G 46 -33.75 33.41 -24.15
CA GLU G 46 -32.76 33.51 -25.23
C GLU G 46 -31.37 33.07 -24.69
N PHE G 47 -30.60 32.47 -25.64
CA PHE G 47 -29.33 31.79 -25.37
C PHE G 47 -28.29 32.84 -25.06
N VAL G 48 -27.50 32.67 -23.96
CA VAL G 48 -26.37 33.58 -23.70
C VAL G 48 -25.00 32.93 -24.03
N SER G 49 -24.72 31.77 -23.39
CA SER G 49 -23.44 31.05 -23.52
C SER G 49 -23.51 29.60 -23.00
N ILE G 50 -22.45 28.81 -23.31
CA ILE G 50 -22.26 27.43 -22.86
C ILE G 50 -20.78 27.23 -22.49
N ILE G 51 -20.52 26.30 -21.54
CA ILE G 51 -19.29 25.51 -21.38
C ILE G 51 -19.70 24.03 -21.44
N ARG G 52 -18.91 23.21 -22.14
CA ARG G 52 -19.21 21.79 -22.27
C ARG G 52 -18.42 21.08 -21.17
N ARG G 53 -18.66 19.75 -21.06
CA ARG G 53 -17.71 18.76 -20.52
C ARG G 53 -16.33 18.95 -21.13
N ASP G 54 -16.25 18.87 -22.48
CA ASP G 54 -15.01 19.05 -23.22
C ASP G 54 -14.40 20.46 -23.01
N GLY G 55 -15.08 21.43 -22.39
CA GLY G 55 -14.43 22.63 -21.91
C GLY G 55 -14.48 23.77 -22.94
N SER G 56 -14.81 23.50 -24.24
CA SER G 56 -15.13 24.54 -25.21
C SER G 56 -16.31 25.39 -24.73
N THR G 57 -16.06 26.71 -24.70
CA THR G 57 -17.12 27.68 -24.75
C THR G 57 -17.62 27.85 -26.19
N ALA G 58 -18.89 28.27 -26.22
CA ALA G 58 -19.41 29.16 -27.24
C ALA G 58 -20.32 30.24 -26.57
N TYR G 59 -20.32 31.42 -27.21
CA TYR G 59 -21.06 32.59 -26.75
C TYR G 59 -22.02 33.02 -27.86
N THR G 60 -23.13 33.64 -27.47
CA THR G 60 -24.02 34.29 -28.42
C THR G 60 -23.34 35.58 -28.89
N ASP G 61 -23.56 35.97 -30.17
CA ASP G 61 -22.85 37.09 -30.81
C ASP G 61 -23.05 38.41 -30.04
N ALA G 62 -24.21 38.60 -29.37
CA ALA G 62 -24.55 39.72 -28.49
C ALA G 62 -23.42 40.11 -27.53
N VAL G 63 -22.85 39.13 -26.84
CA VAL G 63 -22.01 39.37 -25.66
C VAL G 63 -20.54 38.96 -25.93
N LYS G 64 -20.16 38.80 -27.22
CA LYS G 64 -18.86 38.25 -27.58
C LYS G 64 -17.78 39.27 -27.18
N GLY G 65 -16.77 38.83 -26.41
CA GLY G 65 -15.65 39.66 -25.99
C GLY G 65 -16.07 40.70 -24.95
N ARG G 66 -16.98 40.31 -24.05
CA ARG G 66 -17.62 41.15 -23.04
C ARG G 66 -18.03 40.32 -21.83
N PHE G 67 -18.70 39.18 -22.10
CA PHE G 67 -18.97 38.12 -21.11
C PHE G 67 -18.05 36.90 -21.23
N ALA G 68 -18.02 36.13 -20.12
CA ALA G 68 -17.09 35.05 -19.87
C ALA G 68 -17.74 34.00 -18.95
N ILE G 69 -17.66 32.71 -19.35
CA ILE G 69 -18.26 31.60 -18.59
C ILE G 69 -17.17 30.68 -18.04
N SER G 70 -17.30 30.23 -16.77
CA SER G 70 -16.28 29.42 -16.13
C SER G 70 -16.91 28.50 -15.09
N ARG G 71 -16.29 27.32 -14.86
CA ARG G 71 -16.69 26.46 -13.76
C ARG G 71 -15.45 26.08 -12.93
N ASP G 72 -15.72 26.06 -11.62
CA ASP G 72 -14.85 25.52 -10.59
C ASP G 72 -15.45 24.21 -10.03
N ASN G 73 -15.07 23.09 -10.68
CA ASN G 73 -15.71 21.79 -10.49
C ASN G 73 -15.55 21.24 -9.09
N ALA G 74 -14.54 21.81 -8.36
CA ALA G 74 -14.44 21.75 -6.91
C ALA G 74 -15.75 22.08 -6.19
N LYS G 75 -16.34 23.25 -6.47
CA LYS G 75 -17.63 23.63 -5.88
C LYS G 75 -18.78 22.99 -6.67
N ASN G 76 -18.58 22.61 -7.93
CA ASN G 76 -19.56 22.29 -8.96
C ASN G 76 -20.52 23.49 -9.16
N THR G 77 -19.83 24.63 -9.39
CA THR G 77 -20.39 25.96 -9.33
C THR G 77 -19.93 26.68 -10.60
N LEU G 78 -20.85 27.51 -11.13
CA LEU G 78 -20.75 28.03 -12.47
C LEU G 78 -20.83 29.53 -12.42
N TYR G 79 -19.87 30.17 -13.11
CA TYR G 79 -19.65 31.60 -13.08
C TYR G 79 -19.97 32.16 -14.47
N LEU G 80 -20.81 33.23 -14.49
CA LEU G 80 -20.89 34.20 -15.58
C LEU G 80 -20.31 35.53 -15.07
N GLN G 81 -19.12 35.86 -15.61
CA GLN G 81 -18.53 37.18 -15.55
C GLN G 81 -19.09 38.00 -16.73
N MET G 82 -19.62 39.19 -16.41
CA MET G 82 -20.21 40.14 -17.34
C MET G 82 -19.49 41.46 -17.15
N ASN G 83 -18.70 41.88 -18.16
CA ASN G 83 -18.01 43.16 -18.22
C ASN G 83 -18.72 44.06 -19.23
N SER G 84 -18.61 45.38 -19.07
CA SER G 84 -19.09 46.37 -20.04
C SER G 84 -20.59 46.16 -20.29
N LEU G 85 -21.34 46.18 -19.18
CA LEU G 85 -22.79 46.01 -19.19
C LEU G 85 -23.46 47.25 -19.81
N GLU G 86 -24.41 47.01 -20.75
CA GLU G 86 -25.36 48.03 -21.21
C GLU G 86 -26.74 47.72 -20.62
N PRO G 87 -27.70 48.68 -20.70
CA PRO G 87 -29.11 48.38 -20.37
C PRO G 87 -29.82 47.24 -21.12
N GLU G 88 -29.43 46.87 -22.39
CA GLU G 88 -29.91 45.69 -23.13
C GLU G 88 -29.75 44.37 -22.36
N ASP G 89 -28.65 44.27 -21.61
CA ASP G 89 -28.29 43.11 -20.80
C ASP G 89 -29.03 43.10 -19.45
N THR G 90 -30.03 43.98 -19.20
CA THR G 90 -31.08 43.73 -18.21
C THR G 90 -31.94 42.57 -18.67
N ALA G 91 -32.42 41.78 -17.68
CA ALA G 91 -33.18 40.55 -17.86
C ALA G 91 -33.15 39.77 -16.56
N MET G 92 -34.06 38.79 -16.43
CA MET G 92 -33.90 37.64 -15.54
C MET G 92 -32.96 36.66 -16.25
N TYR G 93 -31.84 36.33 -15.57
CA TYR G 93 -30.80 35.44 -16.06
C TYR G 93 -31.03 34.06 -15.43
N TYR G 94 -30.89 32.99 -16.25
CA TYR G 94 -31.06 31.59 -15.85
C TYR G 94 -29.85 30.73 -16.23
N CYS G 95 -29.41 29.82 -15.33
CA CYS G 95 -28.48 28.73 -15.65
C CYS G 95 -29.24 27.45 -16.05
N LYS G 96 -28.55 26.63 -16.86
CA LYS G 96 -29.08 25.48 -17.55
C LYS G 96 -28.04 24.40 -17.50
N SER G 97 -28.36 23.32 -16.76
CA SER G 97 -27.73 22.02 -16.95
C SER G 97 -28.32 21.41 -18.19
N TRP G 98 -27.52 20.76 -19.05
CA TRP G 98 -28.01 20.05 -20.19
C TRP G 98 -28.19 18.59 -19.92
N ALA G 99 -28.81 17.95 -20.94
CA ALA G 99 -28.80 16.52 -20.96
C ALA G 99 -27.34 16.05 -21.30
N CYS G 100 -27.06 14.99 -20.55
CA CYS G 100 -26.19 13.88 -20.96
C CYS G 100 -26.60 12.58 -20.23
N SER G 101 -26.55 11.39 -20.84
CA SER G 101 -26.41 10.08 -20.15
C SER G 101 -25.08 9.40 -20.46
N SER G 102 -24.93 8.16 -19.94
CA SER G 102 -23.93 7.76 -18.98
C SER G 102 -23.47 6.35 -19.38
N GLY G 103 -24.31 5.48 -18.85
CA GLY G 103 -24.86 4.40 -19.64
C GLY G 103 -26.37 4.54 -19.79
N GLU G 104 -27.08 4.80 -18.67
CA GLU G 104 -28.54 4.66 -18.65
C GLU G 104 -29.16 5.39 -17.45
N TYR G 105 -28.59 6.52 -16.93
CA TYR G 105 -29.36 7.32 -15.95
C TYR G 105 -30.23 8.32 -16.77
N LEU G 106 -29.64 9.03 -17.72
CA LEU G 106 -30.30 9.80 -18.78
C LEU G 106 -30.11 11.27 -18.43
N TYR G 107 -29.84 11.77 -17.20
CA TYR G 107 -30.11 13.12 -16.80
C TYR G 107 -30.57 14.07 -17.93
N GLN G 108 -31.85 14.52 -17.82
CA GLN G 108 -32.42 15.54 -18.66
C GLN G 108 -31.81 16.84 -18.11
N GLY G 109 -32.05 17.93 -18.79
CA GLY G 109 -31.82 19.28 -18.24
C GLY G 109 -32.45 19.58 -16.86
N ASP G 110 -31.98 20.69 -16.28
CA ASP G 110 -32.69 21.45 -15.26
C ASP G 110 -32.40 22.93 -15.56
N TRP G 111 -33.39 23.78 -15.23
CA TRP G 111 -33.18 25.20 -15.04
C TRP G 111 -33.34 25.56 -13.57
N GLY G 112 -32.77 26.75 -13.25
CA GLY G 112 -32.92 27.39 -11.93
C GLY G 112 -33.96 28.50 -11.93
N GLN G 113 -34.10 29.15 -10.77
CA GLN G 113 -35.17 30.13 -10.49
C GLN G 113 -34.93 31.42 -11.25
N GLY G 114 -33.65 31.79 -11.39
CA GLY G 114 -33.19 32.97 -12.07
C GLY G 114 -32.85 34.08 -11.04
N THR G 115 -32.14 35.10 -11.53
CA THR G 115 -31.85 36.32 -10.78
C THR G 115 -31.95 37.52 -11.76
N GLN G 116 -32.59 38.61 -11.28
CA GLN G 116 -32.79 39.83 -12.06
C GLN G 116 -31.50 40.67 -12.05
N VAL G 117 -30.94 40.92 -13.24
CA VAL G 117 -29.86 41.86 -13.51
C VAL G 117 -30.47 43.07 -14.20
N THR G 118 -30.03 44.30 -13.87
CA THR G 118 -30.75 45.55 -14.11
C THR G 118 -29.75 46.72 -14.28
N VAL G 119 -29.81 47.56 -15.35
CA VAL G 119 -28.70 48.44 -15.83
C VAL G 119 -29.25 49.78 -16.38
N SER G 120 -28.51 50.93 -16.23
CA SER G 120 -28.94 52.29 -16.57
C SER G 120 -27.95 52.98 -17.57
N ASN H 2 -67.46 34.04 24.64
CA ASN H 2 -66.93 34.52 23.33
C ASN H 2 -65.41 34.78 23.38
N LEU H 3 -64.81 35.15 24.57
CA LEU H 3 -63.41 35.47 24.86
C LEU H 3 -62.55 34.23 24.63
N CYS H 4 -61.26 34.49 24.37
CA CYS H 4 -60.23 33.46 24.06
C CYS H 4 -59.79 32.63 25.29
N PRO H 5 -59.14 31.41 25.14
CA PRO H 5 -58.56 30.62 26.24
C PRO H 5 -57.07 30.88 26.41
N PHE H 6 -56.72 32.14 26.51
CA PHE H 6 -55.33 32.51 26.38
C PHE H 6 -54.66 32.28 27.73
N GLY H 7 -55.31 32.78 28.80
CA GLY H 7 -54.98 32.55 30.20
C GLY H 7 -54.64 31.09 30.53
N GLU H 8 -55.28 30.14 29.84
CA GLU H 8 -54.87 28.75 29.89
C GLU H 8 -53.53 28.49 29.19
N VAL H 9 -53.13 29.08 28.06
CA VAL H 9 -51.79 28.90 27.42
C VAL H 9 -50.73 29.42 28.39
N PHE H 10 -50.90 30.69 28.80
CA PHE H 10 -49.85 31.43 29.44
C PHE H 10 -49.74 31.03 30.90
N ASN H 11 -50.84 31.22 31.67
CA ASN H 11 -50.90 30.88 33.11
C ASN H 11 -51.20 29.36 33.24
N ALA H 12 -50.43 28.49 32.52
CA ALA H 12 -50.52 27.03 32.53
C ALA H 12 -49.67 26.37 33.61
N THR H 13 -50.08 25.20 34.10
CA THR H 13 -49.50 24.55 35.27
C THR H 13 -48.12 23.99 34.98
N ARG H 14 -48.03 23.29 33.83
CA ARG H 14 -46.80 22.72 33.27
C ARG H 14 -46.68 23.20 31.81
N PHE H 15 -45.46 23.13 31.29
CA PHE H 15 -45.12 23.60 29.95
C PHE H 15 -44.27 22.56 29.25
N ALA H 16 -44.19 22.73 27.91
CA ALA H 16 -43.54 21.72 27.08
C ALA H 16 -42.04 21.76 27.22
N SER H 17 -41.41 20.55 27.28
CA SER H 17 -40.02 20.42 26.80
C SER H 17 -39.85 20.94 25.35
N VAL H 18 -38.68 21.40 24.97
CA VAL H 18 -38.50 22.24 23.76
C VAL H 18 -38.60 21.43 22.46
N TYR H 19 -37.97 20.23 22.39
CA TYR H 19 -38.15 19.26 21.28
C TYR H 19 -39.60 18.88 21.06
N ALA H 20 -40.33 18.85 22.19
CA ALA H 20 -41.64 18.28 22.43
C ALA H 20 -42.69 19.38 22.58
N TRP H 21 -42.66 20.28 21.63
CA TRP H 21 -43.27 21.59 21.81
C TRP H 21 -44.76 21.50 21.58
N ASN H 22 -45.53 21.99 22.57
CA ASN H 22 -46.95 22.12 22.48
C ASN H 22 -47.34 23.12 21.40
N ARG H 23 -48.62 23.03 21.08
CA ARG H 23 -49.36 24.04 20.34
C ARG H 23 -50.80 23.95 20.85
N LYS H 24 -51.46 25.09 20.99
CA LYS H 24 -52.90 25.20 20.75
C LYS H 24 -53.08 25.99 19.46
N ARG H 25 -54.04 25.60 18.62
CA ARG H 25 -54.75 26.54 17.75
C ARG H 25 -55.76 27.32 18.60
N ILE H 26 -55.90 28.64 18.36
CA ILE H 26 -56.89 29.53 18.92
C ILE H 26 -57.81 29.93 17.76
N SER H 27 -59.13 29.72 18.04
CA SER H 27 -60.18 29.99 17.06
C SER H 27 -61.54 30.39 17.67
N ASN H 28 -62.34 31.10 16.84
CA ASN H 28 -63.74 31.52 17.12
C ASN H 28 -63.80 32.30 18.44
N CYS H 29 -63.02 33.40 18.43
CA CYS H 29 -62.79 34.27 19.56
C CYS H 29 -62.29 35.69 19.18
N VAL H 30 -62.22 36.55 20.20
CA VAL H 30 -62.05 37.99 20.15
C VAL H 30 -60.62 38.41 20.44
N ALA H 31 -59.82 37.73 21.31
CA ALA H 31 -58.41 37.97 21.69
C ALA H 31 -58.30 38.93 22.90
N ASP H 32 -58.05 40.18 22.56
CA ASP H 32 -57.38 41.18 23.38
C ASP H 32 -55.92 40.82 23.66
N TYR H 33 -55.06 41.23 22.74
CA TYR H 33 -53.62 41.23 22.81
C TYR H 33 -53.03 42.23 23.85
N SER H 34 -53.78 43.29 24.28
CA SER H 34 -53.19 44.34 25.13
C SER H 34 -52.83 43.80 26.52
N VAL H 35 -53.64 42.87 27.03
CA VAL H 35 -53.35 42.15 28.26
C VAL H 35 -52.19 41.15 28.09
N LEU H 36 -51.53 41.05 26.90
CA LEU H 36 -50.16 40.53 26.73
C LEU H 36 -49.03 41.59 26.73
N TYR H 37 -49.15 42.63 25.89
CA TYR H 37 -47.97 43.46 25.51
C TYR H 37 -47.72 44.35 26.75
N ASN H 38 -48.72 45.14 27.15
CA ASN H 38 -48.84 45.80 28.44
C ASN H 38 -49.27 44.99 29.66
N SER H 39 -49.13 43.66 29.63
CA SER H 39 -49.16 42.83 30.84
C SER H 39 -47.91 43.15 31.62
N ALA H 40 -46.76 43.02 30.93
CA ALA H 40 -45.46 43.47 31.40
C ALA H 40 -44.96 42.68 32.61
N SER H 41 -45.73 41.70 33.15
CA SER H 41 -45.32 40.36 33.54
C SER H 41 -44.25 39.73 32.59
N PHE H 42 -44.43 39.86 31.25
CA PHE H 42 -43.60 39.12 30.28
C PHE H 42 -42.28 39.87 30.07
N SER H 43 -41.12 39.27 30.45
CA SER H 43 -39.76 39.66 30.01
C SER H 43 -39.65 40.08 28.52
N THR H 44 -39.55 39.14 27.54
CA THR H 44 -39.34 39.53 26.13
C THR H 44 -40.71 39.47 25.41
N PHE H 45 -40.79 40.20 24.26
CA PHE H 45 -42.02 40.39 23.46
C PHE H 45 -41.69 41.13 22.14
N LYS H 46 -41.46 40.40 21.05
CA LYS H 46 -40.90 40.91 19.80
C LYS H 46 -41.82 40.37 18.69
N CYS H 47 -42.46 41.27 17.89
CA CYS H 47 -43.39 40.97 16.80
C CYS H 47 -42.74 41.27 15.43
N TYR H 48 -42.87 40.32 14.49
CA TYR H 48 -41.97 40.32 13.30
C TYR H 48 -42.56 40.85 11.98
N GLY H 49 -43.54 40.29 11.25
CA GLY H 49 -44.01 40.91 10.01
C GLY H 49 -45.02 42.07 10.23
N VAL H 50 -45.08 42.70 11.40
CA VAL H 50 -46.28 43.21 12.12
C VAL H 50 -45.86 44.37 13.03
N SER H 51 -46.66 45.44 13.19
CA SER H 51 -46.59 46.35 14.33
C SER H 51 -47.18 45.69 15.57
N PRO H 52 -46.46 45.58 16.72
CA PRO H 52 -47.04 45.00 17.94
C PRO H 52 -48.26 45.63 18.63
N THR H 53 -48.61 46.91 18.28
CA THR H 53 -49.84 47.51 18.72
C THR H 53 -50.98 46.93 17.88
N LYS H 54 -50.93 47.16 16.57
CA LYS H 54 -52.12 47.40 15.73
C LYS H 54 -52.98 46.14 15.54
N LEU H 55 -52.33 44.94 15.61
CA LEU H 55 -53.05 43.69 15.90
C LEU H 55 -53.77 43.92 17.25
N ASN H 56 -55.03 43.52 17.30
CA ASN H 56 -56.00 43.84 18.35
C ASN H 56 -57.15 44.70 17.77
N ASP H 57 -56.90 45.35 16.63
CA ASP H 57 -57.91 45.53 15.61
C ASP H 57 -57.32 45.05 14.29
N LEU H 58 -56.96 43.75 14.19
CA LEU H 58 -56.67 43.10 12.92
C LEU H 58 -57.02 41.59 12.99
N CYS H 59 -57.36 41.08 11.79
CA CYS H 59 -58.15 39.87 11.58
C CYS H 59 -57.36 38.81 10.83
N PHE H 60 -57.47 37.54 11.30
CA PHE H 60 -56.75 36.35 10.85
C PHE H 60 -57.63 35.10 11.03
N THR H 61 -57.42 34.16 10.06
CA THR H 61 -58.14 32.90 9.97
C THR H 61 -57.86 32.07 11.23
N ASN H 62 -56.56 31.86 11.54
CA ASN H 62 -56.17 31.21 12.79
C ASN H 62 -54.86 31.74 13.39
N VAL H 63 -54.89 31.77 14.75
CA VAL H 63 -53.79 32.10 15.63
C VAL H 63 -53.34 30.81 16.35
N TYR H 64 -52.03 30.49 16.34
CA TYR H 64 -51.46 29.28 16.93
C TYR H 64 -50.36 29.64 17.93
N ALA H 65 -50.30 28.94 19.09
CA ALA H 65 -49.58 29.30 20.30
C ALA H 65 -48.66 28.17 20.81
N ASP H 66 -47.39 28.26 20.43
CA ASP H 66 -46.41 27.19 20.57
C ASP H 66 -45.74 27.28 21.94
N SER H 67 -46.40 26.67 22.98
CA SER H 67 -45.99 26.73 24.37
C SER H 67 -44.75 25.84 24.58
N PHE H 68 -43.57 26.36 25.03
CA PHE H 68 -42.45 25.51 25.47
C PHE H 68 -41.37 26.21 26.30
N VAL H 69 -40.29 25.49 26.71
CA VAL H 69 -39.37 25.90 27.79
C VAL H 69 -37.94 25.53 27.38
N ILE H 70 -37.10 26.60 27.40
CA ILE H 70 -35.67 26.62 27.13
C ILE H 70 -34.90 27.36 28.25
N ARG H 71 -33.56 27.35 28.11
CA ARG H 71 -32.65 28.23 28.85
C ARG H 71 -32.76 29.65 28.21
N GLY H 72 -32.60 30.68 29.08
CA GLY H 72 -32.63 32.06 28.68
C GLY H 72 -31.70 32.46 27.53
N ASP H 73 -30.43 32.01 27.56
CA ASP H 73 -29.50 32.37 26.47
C ASP H 73 -30.00 31.82 25.10
N GLU H 74 -30.82 30.73 25.03
CA GLU H 74 -31.35 30.15 23.81
C GLU H 74 -32.52 30.97 23.19
N VAL H 75 -33.08 31.98 23.91
CA VAL H 75 -34.28 32.70 23.39
C VAL H 75 -33.89 33.58 22.18
N ARG H 76 -32.62 33.98 22.07
CA ARG H 76 -31.93 34.36 20.81
C ARG H 76 -32.49 33.60 19.58
N GLN H 77 -32.64 32.27 19.69
CA GLN H 77 -32.87 31.39 18.58
C GLN H 77 -34.35 31.27 18.13
N ILE H 78 -35.31 31.76 18.93
CA ILE H 78 -36.75 31.69 18.67
C ILE H 78 -37.14 32.90 17.79
N ALA H 79 -36.55 32.91 16.61
CA ALA H 79 -36.50 34.08 15.79
C ALA H 79 -35.93 33.67 14.44
N PRO H 80 -36.43 34.27 13.33
CA PRO H 80 -35.90 33.99 11.97
C PRO H 80 -34.40 34.06 11.73
N GLY H 81 -33.94 33.40 10.67
CA GLY H 81 -32.53 33.25 10.28
C GLY H 81 -31.58 32.65 11.34
N GLN H 82 -32.07 32.06 12.46
CA GLN H 82 -31.24 31.76 13.63
C GLN H 82 -30.68 30.34 13.54
N THR H 83 -29.74 30.05 14.45
CA THR H 83 -28.78 28.99 14.33
C THR H 83 -28.42 28.42 15.71
N GLY H 84 -27.97 27.15 15.73
CA GLY H 84 -27.58 26.40 16.91
C GLY H 84 -28.67 25.44 17.40
N LYS H 85 -28.34 24.74 18.52
CA LYS H 85 -29.14 23.72 19.25
C LYS H 85 -30.63 23.71 18.87
N ILE H 86 -31.33 24.84 19.07
CA ILE H 86 -32.78 24.86 19.18
C ILE H 86 -33.43 25.09 17.81
N ALA H 87 -33.10 26.18 17.11
CA ALA H 87 -33.57 26.45 15.75
C ALA H 87 -33.21 25.32 14.80
N ASP H 88 -32.03 24.69 14.98
CA ASP H 88 -31.64 23.51 14.21
C ASP H 88 -32.43 22.24 14.58
N TYR H 89 -32.57 21.88 15.89
CA TYR H 89 -32.94 20.52 16.36
C TYR H 89 -34.25 20.42 17.22
N ASN H 90 -34.95 21.48 17.58
CA ASN H 90 -36.03 21.36 18.57
C ASN H 90 -37.28 22.03 18.05
N TYR H 91 -37.14 23.35 17.78
CA TYR H 91 -38.14 24.24 17.19
C TYR H 91 -37.50 25.32 16.29
N LYS H 92 -37.79 25.27 14.98
CA LYS H 92 -37.33 26.32 14.07
C LYS H 92 -38.41 27.38 14.04
N LEU H 93 -38.04 28.62 13.66
CA LEU H 93 -38.99 29.55 13.03
C LEU H 93 -38.59 29.81 11.58
N PRO H 94 -39.58 30.01 10.67
CA PRO H 94 -39.30 30.16 9.24
C PRO H 94 -38.71 31.54 9.03
N ASP H 95 -38.04 31.69 7.88
CA ASP H 95 -37.23 32.86 7.57
C ASP H 95 -38.11 34.12 7.32
N ASP H 96 -39.38 33.95 6.92
CA ASP H 96 -40.34 35.00 6.61
C ASP H 96 -41.44 35.07 7.67
N PHE H 97 -41.09 34.96 8.98
CA PHE H 97 -42.12 34.66 10.01
C PHE H 97 -43.01 35.91 10.22
N THR H 98 -44.32 35.67 10.41
CA THR H 98 -45.32 36.65 10.77
C THR H 98 -45.90 36.17 12.10
N GLY H 99 -45.74 37.00 13.15
CA GLY H 99 -46.14 36.64 14.50
C GLY H 99 -45.33 37.31 15.61
N CYS H 100 -45.66 36.91 16.87
CA CYS H 100 -45.06 37.41 18.10
C CYS H 100 -44.33 36.30 18.87
N VAL H 101 -43.35 36.68 19.70
CA VAL H 101 -42.44 35.79 20.43
C VAL H 101 -42.39 36.29 21.90
N ILE H 102 -43.14 35.63 22.78
CA ILE H 102 -43.28 36.00 24.19
C ILE H 102 -42.41 35.02 24.98
N ALA H 103 -41.66 35.55 25.95
CA ALA H 103 -41.07 34.74 26.99
C ALA H 103 -41.10 35.47 28.32
N TRP H 104 -40.90 34.65 29.36
CA TRP H 104 -40.66 35.10 30.72
C TRP H 104 -39.78 34.12 31.49
N ASN H 105 -38.97 34.69 32.38
CA ASN H 105 -38.11 33.91 33.25
C ASN H 105 -38.97 33.21 34.29
N SER H 106 -38.69 31.94 34.48
CA SER H 106 -39.56 31.02 35.17
C SER H 106 -38.73 30.22 36.16
N ASN H 107 -37.78 30.86 36.84
CA ASN H 107 -36.77 30.20 37.69
C ASN H 107 -37.41 29.90 39.06
N ASN H 108 -38.05 30.92 39.62
CA ASN H 108 -39.12 30.86 40.61
C ASN H 108 -40.10 29.68 40.46
N LEU H 109 -40.51 29.26 39.22
CA LEU H 109 -41.38 28.10 38.95
C LEU H 109 -40.63 26.77 38.71
N ASP H 110 -39.86 26.71 37.61
CA ASP H 110 -39.41 25.54 36.91
C ASP H 110 -37.96 25.12 37.25
N SER H 111 -37.33 25.74 38.28
CA SER H 111 -36.16 25.18 38.95
C SER H 111 -36.58 24.50 40.26
N LYS H 112 -35.84 23.43 40.60
CA LYS H 112 -36.05 22.60 41.76
C LYS H 112 -34.67 22.48 42.42
N VAL H 113 -34.58 22.73 43.75
CA VAL H 113 -33.60 22.21 44.69
C VAL H 113 -32.91 20.91 44.25
N GLY H 114 -31.71 21.00 43.61
CA GLY H 114 -31.07 19.82 43.02
C GLY H 114 -31.62 19.31 41.66
N GLY H 115 -32.40 20.15 40.93
CA GLY H 115 -32.54 20.18 39.48
C GLY H 115 -33.84 19.53 38.98
N ASN H 116 -34.78 20.30 38.36
CA ASN H 116 -35.95 19.69 37.68
C ASN H 116 -35.38 19.01 36.40
N TYR H 117 -35.63 17.68 36.26
CA TYR H 117 -35.16 16.96 35.07
C TYR H 117 -36.15 17.09 33.87
N ASN H 118 -37.36 17.61 34.12
CA ASN H 118 -38.56 17.24 33.39
C ASN H 118 -38.72 18.08 32.13
N TYR H 119 -37.94 19.19 31.96
CA TYR H 119 -37.80 19.91 30.70
C TYR H 119 -36.53 19.42 30.04
N LEU H 120 -36.58 19.44 28.69
CA LEU H 120 -35.64 18.61 27.92
C LEU H 120 -35.46 19.18 26.51
N TYR H 121 -34.33 18.75 25.88
CA TYR H 121 -33.83 19.26 24.60
C TYR H 121 -33.02 18.25 23.78
N ARG H 122 -33.15 18.42 22.46
CA ARG H 122 -32.69 17.50 21.45
C ARG H 122 -31.30 18.03 21.15
N LEU H 123 -30.30 17.30 21.60
CA LEU H 123 -28.93 17.73 21.54
C LEU H 123 -28.26 17.47 20.18
N PHE H 124 -28.78 16.53 19.37
CA PHE H 124 -28.22 16.14 18.08
C PHE H 124 -29.37 15.67 17.18
N ARG H 125 -29.10 15.72 15.84
CA ARG H 125 -30.03 15.16 14.85
C ARG H 125 -29.36 15.18 13.47
N LYS H 126 -29.77 14.22 12.63
CA LYS H 126 -29.14 13.81 11.38
C LYS H 126 -29.03 15.00 10.41
N SER H 127 -30.09 15.81 10.30
CA SER H 127 -30.08 17.13 9.67
C SER H 127 -31.07 18.06 10.39
N ASN H 128 -31.00 19.35 10.01
CA ASN H 128 -31.71 20.42 10.67
C ASN H 128 -33.18 20.39 10.32
N LEU H 129 -34.00 20.91 11.25
CA LEU H 129 -35.46 20.90 11.20
C LEU H 129 -35.95 21.89 10.17
N LYS H 130 -37.02 21.48 9.44
CA LYS H 130 -37.66 22.41 8.52
C LYS H 130 -38.61 23.24 9.37
N PRO H 131 -39.06 24.47 8.93
CA PRO H 131 -39.88 25.38 9.78
C PRO H 131 -41.09 24.76 10.46
N PHE H 132 -41.20 24.87 11.78
CA PHE H 132 -42.19 24.22 12.63
C PHE H 132 -42.21 22.69 12.53
N GLU H 133 -41.01 22.10 12.29
CA GLU H 133 -40.87 20.65 12.44
C GLU H 133 -40.83 20.45 13.96
N ARG H 134 -41.44 19.31 14.38
CA ARG H 134 -41.28 18.71 15.67
C ARG H 134 -40.58 17.36 15.54
N ASP H 135 -39.77 17.04 16.53
CA ASP H 135 -39.23 15.70 16.54
C ASP H 135 -39.31 15.22 17.96
N ILE H 136 -39.78 13.94 18.10
CA ILE H 136 -39.95 13.25 19.39
C ILE H 136 -39.32 11.85 19.45
N SER H 137 -38.42 11.50 18.45
CA SER H 137 -37.76 10.19 18.31
C SER H 137 -36.97 9.94 19.60
N THR H 138 -36.96 8.71 20.12
CA THR H 138 -35.78 8.21 20.86
C THR H 138 -34.72 7.91 19.79
N GLU H 139 -34.04 6.74 19.70
CA GLU H 139 -33.25 6.43 18.48
C GLU H 139 -31.92 7.25 18.22
N ILE H 140 -30.86 6.44 18.33
CA ILE H 140 -29.54 6.90 18.79
C ILE H 140 -28.81 7.66 17.67
N TYR H 141 -27.95 8.60 18.09
CA TYR H 141 -27.21 9.45 17.16
C TYR H 141 -25.88 8.80 16.82
N GLN H 142 -25.59 8.69 15.53
CA GLN H 142 -24.47 7.85 15.08
C GLN H 142 -23.11 8.52 15.10
N ALA H 143 -23.01 9.83 14.92
CA ALA H 143 -21.71 10.53 15.08
C ALA H 143 -20.72 10.21 13.93
N GLY H 144 -19.65 9.42 14.15
CA GLY H 144 -18.64 9.13 13.16
C GLY H 144 -19.14 8.13 12.11
N SER H 145 -18.22 7.31 11.57
CA SER H 145 -18.45 5.92 11.12
C SER H 145 -19.04 5.00 12.17
N THR H 146 -19.38 3.73 11.86
CA THR H 146 -19.45 2.57 12.80
C THR H 146 -20.87 2.49 13.41
N PRO H 147 -21.64 1.36 13.22
CA PRO H 147 -23.05 1.27 13.66
C PRO H 147 -23.27 1.28 15.18
N CYS H 148 -24.41 1.76 15.65
CA CYS H 148 -24.60 2.03 17.10
C CYS H 148 -25.41 0.94 17.83
N ASN H 149 -26.20 0.14 17.13
CA ASN H 149 -26.66 -1.19 17.54
C ASN H 149 -27.43 -1.27 18.87
N GLY H 150 -28.01 -0.13 19.25
CA GLY H 150 -28.49 0.11 20.60
C GLY H 150 -27.44 -0.22 21.68
N VAL H 151 -26.25 0.34 21.54
CA VAL H 151 -25.32 0.58 22.65
C VAL H 151 -25.10 2.10 22.71
N GLU H 152 -25.44 2.70 23.87
CA GLU H 152 -24.99 4.06 24.17
C GLU H 152 -23.51 3.96 24.55
N GLY H 153 -22.62 4.84 24.07
CA GLY H 153 -21.18 4.57 24.01
C GLY H 153 -20.39 5.78 23.52
N PHE H 154 -19.11 5.57 23.22
CA PHE H 154 -18.29 6.59 22.52
C PHE H 154 -18.87 6.73 21.10
N ASN H 155 -19.18 7.95 20.64
CA ASN H 155 -19.74 8.23 19.31
C ASN H 155 -21.14 7.61 19.06
N CYS H 156 -21.89 7.39 20.14
CA CYS H 156 -23.17 6.71 20.14
C CYS H 156 -24.00 7.24 21.29
N TYR H 157 -24.79 8.29 21.03
CA TYR H 157 -25.35 9.18 22.04
C TYR H 157 -26.87 9.15 21.90
N PHE H 158 -27.58 9.05 23.05
CA PHE H 158 -29.04 9.03 23.12
C PHE H 158 -29.50 10.49 22.97
N PRO H 159 -30.20 10.90 21.88
CA PRO H 159 -30.17 12.32 21.45
C PRO H 159 -31.00 13.37 22.20
N LEU H 160 -31.72 13.00 23.29
CA LEU H 160 -32.36 13.98 24.16
C LEU H 160 -31.60 14.17 25.45
N GLN H 161 -31.61 15.41 26.00
CA GLN H 161 -31.10 15.68 27.34
C GLN H 161 -32.07 16.48 28.20
N SER H 162 -31.99 16.23 29.52
CA SER H 162 -32.50 17.14 30.55
C SER H 162 -31.60 18.37 30.70
N TYR H 163 -32.19 19.58 30.70
CA TYR H 163 -31.52 20.75 31.28
C TYR H 163 -31.25 20.82 32.79
N GLY H 164 -32.20 20.40 33.66
CA GLY H 164 -31.81 20.15 35.04
C GLY H 164 -31.73 21.43 35.89
N PHE H 165 -32.67 22.34 35.66
CA PHE H 165 -32.71 23.68 36.21
C PHE H 165 -32.69 23.67 37.76
N GLN H 166 -31.53 24.09 38.33
CA GLN H 166 -31.38 24.45 39.74
C GLN H 166 -31.61 25.96 39.93
N PRO H 167 -32.12 26.46 41.10
CA PRO H 167 -32.09 27.92 41.39
C PRO H 167 -30.65 28.50 41.50
N THR H 168 -29.63 27.72 41.91
CA THR H 168 -28.20 27.98 41.88
C THR H 168 -27.61 28.53 40.55
N ASN H 169 -28.24 28.19 39.40
CA ASN H 169 -27.83 28.60 38.04
C ASN H 169 -27.67 30.11 37.88
N GLY H 170 -26.80 30.54 36.94
CA GLY H 170 -26.80 31.89 36.39
C GLY H 170 -27.90 32.12 35.35
N VAL H 171 -28.19 33.40 35.04
CA VAL H 171 -29.43 33.89 34.45
C VAL H 171 -29.71 33.33 33.06
N GLY H 172 -28.65 33.12 32.25
CA GLY H 172 -28.73 32.54 30.92
C GLY H 172 -29.05 31.04 30.94
N TYR H 173 -28.50 30.27 31.90
CA TYR H 173 -28.85 28.87 32.19
C TYR H 173 -30.12 28.75 33.11
N GLN H 174 -30.86 29.83 33.43
CA GLN H 174 -32.17 29.70 34.04
C GLN H 174 -33.25 29.40 32.97
N PRO H 175 -34.42 28.84 33.39
CA PRO H 175 -35.48 28.50 32.45
C PRO H 175 -36.33 29.69 32.04
N TYR H 176 -36.55 29.85 30.71
CA TYR H 176 -37.62 30.72 30.21
C TYR H 176 -38.76 29.92 29.57
N ARG H 177 -39.99 30.27 29.99
CA ARG H 177 -41.26 29.90 29.37
C ARG H 177 -41.61 30.79 28.15
N VAL H 178 -41.91 30.17 27.02
CA VAL H 178 -41.96 30.75 25.70
C VAL H 178 -43.31 30.42 25.07
N VAL H 179 -43.95 31.42 24.46
CA VAL H 179 -45.02 31.21 23.52
C VAL H 179 -44.63 31.86 22.21
N VAL H 180 -45.14 31.31 21.11
CA VAL H 180 -44.90 31.85 19.77
C VAL H 180 -46.25 31.89 19.06
N LEU H 181 -46.92 33.05 19.12
CA LEU H 181 -48.11 33.36 18.32
C LEU H 181 -47.71 33.52 16.84
N SER H 182 -48.20 32.59 16.00
CA SER H 182 -48.04 32.60 14.56
C SER H 182 -49.42 32.84 13.95
N PHE H 183 -49.42 33.69 12.90
CA PHE H 183 -50.62 34.21 12.24
C PHE H 183 -50.63 33.75 10.79
N GLU H 184 -51.84 33.36 10.34
CA GLU H 184 -52.13 33.02 8.97
C GLU H 184 -53.58 33.39 8.63
N LEU H 185 -53.84 33.56 7.32
CA LEU H 185 -54.85 34.53 6.84
C LEU H 185 -55.35 34.20 5.44
N LEU H 186 -55.64 32.87 5.18
CA LEU H 186 -55.70 32.31 3.81
C LEU H 186 -57.16 32.10 3.30
N HIS H 187 -57.43 31.28 2.23
CA HIS H 187 -58.51 31.50 1.24
C HIS H 187 -59.93 31.61 1.85
N ALA H 188 -60.22 30.89 2.97
CA ALA H 188 -61.54 30.78 3.65
C ALA H 188 -61.74 31.81 4.77
N PRO H 189 -62.93 31.94 5.43
CA PRO H 189 -63.27 33.18 6.16
C PRO H 189 -62.69 33.33 7.58
N ALA H 190 -62.91 34.50 8.19
CA ALA H 190 -63.36 34.67 9.56
C ALA H 190 -62.31 34.28 10.60
N THR H 191 -62.74 34.35 11.88
CA THR H 191 -62.61 33.54 13.15
C THR H 191 -61.80 34.24 14.27
N VAL H 192 -60.90 35.26 14.01
CA VAL H 192 -60.20 35.97 15.06
C VAL H 192 -60.01 37.46 14.70
N CYS H 193 -60.53 38.45 15.50
CA CYS H 193 -59.97 39.84 15.52
C CYS H 193 -59.93 40.44 16.92
N GLY H 194 -59.75 41.78 17.10
CA GLY H 194 -60.33 42.53 18.24
C GLY H 194 -61.35 43.61 17.83
N PRO H 195 -62.49 43.88 18.59
CA PRO H 195 -63.79 44.22 17.99
C PRO H 195 -63.92 45.66 17.47
N GLU I 1 -53.55 12.83 34.44
CA GLU I 1 -52.31 12.55 33.68
C GLU I 1 -51.78 11.14 34.10
N VAL I 2 -50.48 10.87 33.87
CA VAL I 2 -49.81 9.71 34.42
C VAL I 2 -49.28 10.03 35.83
N GLN I 3 -49.59 9.11 36.75
CA GLN I 3 -48.78 8.84 37.92
C GLN I 3 -47.94 7.58 37.60
N LEU I 4 -46.60 7.70 37.36
CA LEU I 4 -45.67 6.57 37.48
C LEU I 4 -45.25 6.32 38.93
N VAL I 5 -44.86 5.06 39.23
CA VAL I 5 -44.34 4.68 40.54
C VAL I 5 -43.30 3.56 40.31
N GLU I 6 -42.06 3.64 40.87
CA GLU I 6 -41.13 2.49 40.88
C GLU I 6 -41.48 1.58 42.07
N SER I 7 -40.84 0.39 42.09
CA SER I 7 -40.85 -0.54 43.23
C SER I 7 -39.82 -1.69 43.03
N GLY I 8 -39.53 -2.46 44.10
CA GLY I 8 -38.33 -3.32 44.20
C GLY I 8 -37.08 -2.47 44.51
N GLY I 9 -36.03 -3.12 45.07
CA GLY I 9 -34.73 -2.53 45.36
C GLY I 9 -34.65 -2.10 46.84
N GLY I 10 -34.00 -2.95 47.67
CA GLY I 10 -33.30 -2.60 48.91
C GLY I 10 -31.79 -2.70 48.67
N SER I 11 -31.06 -3.59 49.37
CA SER I 11 -29.63 -3.81 49.12
C SER I 11 -29.35 -5.30 48.87
N VAL I 12 -28.32 -5.63 48.03
CA VAL I 12 -27.50 -6.84 48.22
C VAL I 12 -26.11 -6.57 47.60
N GLN I 13 -25.03 -7.14 48.21
CA GLN I 13 -23.69 -7.07 47.65
C GLN I 13 -23.65 -7.96 46.37
N ALA I 14 -22.65 -7.60 45.55
CA ALA I 14 -22.24 -8.05 44.21
C ALA I 14 -22.65 -9.47 43.84
N GLY I 15 -22.79 -9.71 42.54
CA GLY I 15 -23.21 -10.99 42.01
C GLY I 15 -24.74 -11.16 41.92
N GLY I 16 -25.57 -10.58 42.83
CA GLY I 16 -27.01 -10.87 42.92
C GLY I 16 -27.86 -10.41 41.72
N SER I 17 -29.19 -10.59 41.86
CA SER I 17 -30.16 -10.08 40.89
C SER I 17 -31.17 -9.17 41.56
N LEU I 18 -31.74 -8.22 40.76
CA LEU I 18 -33.10 -7.81 41.08
C LEU I 18 -33.89 -7.31 39.86
N ARG I 19 -35.22 -7.35 40.09
CA ARG I 19 -36.30 -6.94 39.21
C ARG I 19 -36.90 -5.64 39.74
N LEU I 20 -36.86 -4.56 38.92
CA LEU I 20 -37.54 -3.31 39.21
C LEU I 20 -38.86 -3.30 38.45
N SER I 21 -39.85 -2.68 39.09
CA SER I 21 -41.23 -2.70 38.66
C SER I 21 -41.68 -1.25 38.60
N CYS I 22 -41.99 -0.74 37.37
CA CYS I 22 -42.57 0.59 37.22
C CYS I 22 -44.04 0.38 36.85
N VAL I 23 -44.89 0.57 37.88
CA VAL I 23 -46.34 0.64 37.76
C VAL I 23 -46.74 1.97 37.12
N ALA I 24 -47.57 1.96 36.03
CA ALA I 24 -48.15 3.18 35.47
C ALA I 24 -49.43 3.66 36.22
N SER I 25 -50.06 4.73 35.68
CA SER I 25 -51.51 4.99 35.72
C SER I 25 -51.93 5.79 34.45
N GLY I 26 -51.57 5.18 33.28
CA GLY I 26 -52.23 5.12 31.97
C GLY I 26 -53.70 5.54 31.98
N TYR I 27 -53.86 6.85 31.95
CA TYR I 27 -55.01 7.44 31.31
C TYR I 27 -54.34 8.45 30.37
N THR I 28 -54.07 7.98 29.15
CA THR I 28 -53.48 8.74 28.06
C THR I 28 -53.84 8.13 26.71
N TYR I 29 -53.62 8.94 25.65
CA TYR I 29 -54.05 8.68 24.28
C TYR I 29 -52.77 8.46 23.46
N CYS I 30 -52.03 7.39 23.78
CA CYS I 30 -50.65 7.20 23.38
C CYS I 30 -50.10 5.81 23.76
N SER I 31 -49.35 5.22 22.82
CA SER I 31 -48.22 4.34 23.11
C SER I 31 -46.98 5.23 23.40
N TYR I 32 -46.70 5.44 24.72
CA TYR I 32 -45.45 5.95 25.25
C TYR I 32 -44.35 4.90 25.14
N ASP I 33 -43.24 5.22 24.48
CA ASP I 33 -41.92 4.58 24.73
C ASP I 33 -41.53 4.76 26.21
N MET I 34 -40.81 3.80 26.83
CA MET I 34 -40.45 3.87 28.25
C MET I 34 -38.97 3.51 28.43
N SER I 35 -38.35 4.13 29.46
CA SER I 35 -36.92 4.00 29.78
C SER I 35 -36.62 3.90 31.28
N TRP I 36 -35.42 3.34 31.56
CA TRP I 36 -34.81 3.37 32.88
C TRP I 36 -33.56 4.27 32.91
N TYR I 37 -33.39 4.98 34.03
CA TYR I 37 -32.28 5.87 34.34
C TYR I 37 -31.87 5.74 35.81
N ARG I 38 -30.65 6.17 36.16
CA ARG I 38 -30.13 6.11 37.52
C ARG I 38 -29.25 7.33 37.87
N GLN I 39 -29.09 7.58 39.18
CA GLN I 39 -28.31 8.65 39.77
C GLN I 39 -27.13 8.07 40.58
N ALA I 40 -25.90 7.97 39.98
CA ALA I 40 -24.65 7.55 40.67
C ALA I 40 -24.12 8.55 41.74
N PRO I 41 -24.69 8.57 43.00
CA PRO I 41 -25.27 9.82 43.59
C PRO I 41 -24.15 10.84 43.78
N GLY I 42 -24.26 12.05 43.15
CA GLY I 42 -23.10 12.83 42.69
C GLY I 42 -22.98 12.94 41.17
N LYS I 43 -22.30 11.96 40.51
CA LYS I 43 -22.40 11.85 39.03
C LYS I 43 -23.89 11.85 38.61
N GLU I 44 -24.31 12.67 37.59
CA GLU I 44 -25.69 13.18 37.52
C GLU I 44 -26.65 12.06 37.06
N ARG I 45 -27.92 12.41 36.73
CA ARG I 45 -28.94 11.44 36.27
C ARG I 45 -28.57 11.00 34.83
N GLU I 46 -28.42 9.66 34.62
CA GLU I 46 -27.75 9.04 33.47
C GLU I 46 -28.61 7.86 32.93
N PHE I 47 -28.48 7.67 31.59
CA PHE I 47 -29.33 6.82 30.79
C PHE I 47 -29.00 5.35 31.06
N VAL I 48 -30.00 4.49 31.34
CA VAL I 48 -29.72 3.04 31.48
C VAL I 48 -30.17 2.24 30.23
N SER I 49 -31.46 2.37 29.86
CA SER I 49 -32.08 1.63 28.75
C SER I 49 -33.44 2.19 28.32
N ILE I 50 -33.95 1.71 27.16
CA ILE I 50 -35.27 2.03 26.61
C ILE I 50 -35.91 0.75 26.04
N ILE I 51 -37.24 0.70 26.06
CA ILE I 51 -38.11 -0.06 25.14
C ILE I 51 -39.04 0.96 24.46
N ARG I 52 -39.25 0.81 23.15
CA ARG I 52 -40.11 1.73 22.41
C ARG I 52 -41.51 1.08 22.39
N ARG I 53 -42.48 1.85 21.85
CA ARG I 53 -43.73 1.29 21.27
C ARG I 53 -43.43 0.17 20.25
N ASP I 54 -42.55 0.48 19.25
CA ASP I 54 -42.12 -0.49 18.27
C ASP I 54 -41.37 -1.68 18.90
N GLY I 55 -41.03 -1.69 20.19
CA GLY I 55 -40.57 -2.89 20.88
C GLY I 55 -39.04 -3.08 20.84
N SER I 56 -38.29 -2.38 19.94
CA SER I 56 -36.83 -2.30 19.99
C SER I 56 -36.36 -1.75 21.35
N THR I 57 -35.46 -2.54 21.97
CA THR I 57 -34.59 -2.05 23.02
C THR I 57 -33.40 -1.35 22.35
N ALA I 58 -32.89 -0.42 23.16
CA ALA I 58 -31.47 -0.09 23.21
C ALA I 58 -31.04 0.06 24.70
N TYR I 59 -29.77 -0.34 24.94
CA TYR I 59 -29.17 -0.32 26.24
C TYR I 59 -27.94 0.60 26.20
N THR I 60 -27.60 1.17 27.37
CA THR I 60 -26.33 1.90 27.53
C THR I 60 -25.23 0.83 27.62
N ASP I 61 -24.01 1.18 27.13
CA ASP I 61 -22.84 0.33 27.00
C ASP I 61 -22.51 -0.51 28.25
N ALA I 62 -22.65 0.18 29.41
CA ALA I 62 -22.40 -0.26 30.77
C ALA I 62 -22.99 -1.62 31.08
N VAL I 63 -24.27 -1.81 30.71
CA VAL I 63 -25.04 -2.94 31.25
C VAL I 63 -25.38 -3.98 30.17
N LYS I 64 -24.60 -3.96 29.04
CA LYS I 64 -24.77 -4.83 27.90
C LYS I 64 -24.59 -6.29 28.33
N GLY I 65 -25.60 -7.13 28.07
CA GLY I 65 -25.55 -8.56 28.34
C GLY I 65 -25.56 -8.87 29.84
N ARG I 66 -26.32 -8.06 30.60
CA ARG I 66 -26.32 -8.09 32.07
C ARG I 66 -27.73 -7.71 32.57
N PHE I 67 -28.23 -6.55 32.04
CA PHE I 67 -29.59 -6.06 32.24
C PHE I 67 -30.51 -6.23 31.01
N ALA I 68 -31.84 -6.15 31.30
CA ALA I 68 -32.90 -6.56 30.39
C ALA I 68 -34.20 -5.80 30.72
N ILE I 69 -34.83 -5.18 29.69
CA ILE I 69 -36.03 -4.35 29.86
C ILE I 69 -37.24 -4.98 29.16
N SER I 70 -38.42 -4.96 29.82
CA SER I 70 -39.60 -5.65 29.32
C SER I 70 -40.88 -5.01 29.82
N ARG I 71 -41.92 -5.05 28.95
CA ARG I 71 -43.22 -4.47 29.22
C ARG I 71 -44.29 -5.56 29.07
N ASP I 72 -45.12 -5.72 30.14
CA ASP I 72 -46.35 -6.48 30.17
C ASP I 72 -47.59 -5.54 30.17
N ASN I 73 -48.04 -5.19 28.94
CA ASN I 73 -48.93 -4.04 28.74
C ASN I 73 -50.37 -4.46 29.14
N ALA I 74 -50.61 -5.74 29.53
CA ALA I 74 -51.64 -6.15 30.48
C ALA I 74 -51.70 -5.28 31.74
N LYS I 75 -50.58 -5.19 32.47
CA LYS I 75 -50.55 -4.31 33.65
C LYS I 75 -50.25 -2.87 33.23
N ASN I 76 -49.66 -2.65 32.06
CA ASN I 76 -48.99 -1.43 31.61
C ASN I 76 -47.85 -1.10 32.56
N THR I 77 -47.01 -2.13 32.76
CA THR I 77 -46.04 -2.26 33.83
C THR I 77 -44.71 -2.66 33.18
N LEU I 78 -43.64 -2.12 33.75
CA LEU I 78 -42.33 -2.11 33.13
C LEU I 78 -41.37 -2.77 34.08
N TYR I 79 -40.59 -3.71 33.51
CA TYR I 79 -39.65 -4.53 34.23
C TYR I 79 -38.24 -4.15 33.77
N LEU I 80 -37.34 -3.90 34.76
CA LEU I 80 -35.89 -4.00 34.63
C LEU I 80 -35.38 -5.20 35.44
N GLN I 81 -34.97 -6.24 34.69
CA GLN I 81 -34.21 -7.36 35.21
C GLN I 81 -32.72 -6.98 35.15
N MET I 82 -32.03 -7.16 36.30
CA MET I 82 -30.63 -6.83 36.50
C MET I 82 -29.96 -8.09 37.06
N ASN I 83 -29.06 -8.70 36.25
CA ASN I 83 -28.22 -9.83 36.63
C ASN I 83 -26.79 -9.32 36.82
N SER I 84 -26.02 -9.99 37.70
CA SER I 84 -24.58 -9.80 37.87
C SER I 84 -24.33 -8.32 38.19
N LEU I 85 -24.97 -7.90 39.30
CA LEU I 85 -24.84 -6.57 39.85
C LEU I 85 -23.44 -6.40 40.43
N GLU I 86 -22.77 -5.27 40.12
CA GLU I 86 -21.59 -4.78 40.83
C GLU I 86 -21.96 -3.57 41.70
N PRO I 87 -21.08 -3.14 42.63
CA PRO I 87 -21.28 -1.88 43.35
C PRO I 87 -21.44 -0.56 42.56
N GLU I 88 -20.88 -0.42 41.33
CA GLU I 88 -21.07 0.74 40.40
C GLU I 88 -22.56 0.96 40.08
N ASP I 89 -23.33 -0.14 39.97
CA ASP I 89 -24.76 -0.13 39.68
C ASP I 89 -25.60 0.18 40.93
N THR I 90 -25.02 0.59 42.07
CA THR I 90 -25.71 1.35 43.11
C THR I 90 -26.08 2.72 42.55
N ALA I 91 -27.23 3.24 43.01
CA ALA I 91 -27.85 4.48 42.59
C ALA I 91 -29.32 4.48 43.02
N MET I 92 -29.95 5.66 42.99
CA MET I 92 -31.41 5.79 42.87
C MET I 92 -31.76 5.56 41.39
N TYR I 93 -32.62 4.57 41.13
CA TYR I 93 -33.08 4.19 39.79
C TYR I 93 -34.44 4.82 39.53
N TYR I 94 -34.65 5.37 38.32
CA TYR I 94 -35.87 6.01 37.88
C TYR I 94 -36.39 5.42 36.57
N CYS I 95 -37.74 5.22 36.45
CA CYS I 95 -38.41 5.00 35.17
C CYS I 95 -38.89 6.30 34.54
N LYS I 96 -39.03 6.25 33.21
CA LYS I 96 -39.24 7.42 32.36
C LYS I 96 -40.20 7.01 31.27
N SER I 97 -41.41 7.57 31.30
CA SER I 97 -42.29 7.67 30.15
C SER I 97 -41.76 8.77 29.26
N TRP I 98 -41.75 8.63 27.94
CA TRP I 98 -41.31 9.66 27.01
C TRP I 98 -42.45 10.46 26.36
N ALA I 99 -42.00 11.55 25.71
CA ALA I 99 -42.88 12.33 24.88
C ALA I 99 -43.15 11.58 23.57
N CYS I 100 -44.47 11.56 23.33
CA CYS I 100 -45.19 10.77 22.34
C CYS I 100 -46.46 11.58 21.94
N SER I 101 -47.01 11.33 20.71
CA SER I 101 -48.02 12.19 20.05
C SER I 101 -49.42 11.52 19.96
N SER I 102 -50.34 12.19 19.24
CA SER I 102 -51.47 11.68 18.43
C SER I 102 -52.25 12.92 17.95
N GLY I 103 -51.58 13.76 17.14
CA GLY I 103 -52.17 14.86 16.38
C GLY I 103 -52.39 16.22 17.09
N GLU I 104 -53.31 16.26 18.07
CA GLU I 104 -53.39 17.37 19.01
C GLU I 104 -52.61 16.91 20.22
N TYR I 105 -53.22 15.96 20.99
CA TYR I 105 -52.80 15.64 22.36
C TYR I 105 -51.33 15.15 22.33
N LEU I 106 -50.53 15.70 23.23
CA LEU I 106 -49.08 15.64 23.18
C LEU I 106 -48.76 15.34 24.62
N TYR I 107 -48.55 14.05 24.93
CA TYR I 107 -48.03 13.63 26.21
C TYR I 107 -46.55 14.03 26.32
N GLN I 108 -46.16 14.88 27.30
CA GLN I 108 -44.75 15.07 27.63
C GLN I 108 -44.30 13.85 28.44
N GLY I 109 -43.00 13.73 28.75
CA GLY I 109 -42.55 12.75 29.74
C GLY I 109 -43.25 12.82 31.13
N ASP I 110 -42.97 11.78 31.91
CA ASP I 110 -43.05 11.79 33.36
C ASP I 110 -41.88 10.94 33.86
N TRP I 111 -41.38 11.31 35.05
CA TRP I 111 -40.53 10.43 35.87
C TRP I 111 -41.31 10.01 37.12
N GLY I 112 -40.80 8.92 37.74
CA GLY I 112 -41.29 8.40 39.03
C GLY I 112 -40.39 8.84 40.20
N GLN I 113 -40.69 8.34 41.40
CA GLN I 113 -40.07 8.72 42.67
C GLN I 113 -38.62 8.23 42.74
N GLY I 114 -38.43 7.01 42.23
CA GLY I 114 -37.20 6.27 42.22
C GLY I 114 -37.19 5.24 43.37
N THR I 115 -36.22 4.33 43.29
CA THR I 115 -35.90 3.34 44.30
C THR I 115 -34.39 3.20 44.42
N GLN I 116 -33.86 3.15 45.66
CA GLN I 116 -32.44 2.99 45.91
C GLN I 116 -32.06 1.49 45.77
N VAL I 117 -31.14 1.21 44.82
CA VAL I 117 -30.47 -0.08 44.63
C VAL I 117 -29.05 0.09 45.14
N THR I 118 -28.52 -0.93 45.88
CA THR I 118 -27.34 -0.78 46.73
C THR I 118 -26.53 -2.08 46.76
N VAL I 119 -25.23 -1.95 46.38
CA VAL I 119 -24.35 -3.05 45.98
C VAL I 119 -22.89 -2.76 46.43
N ASN J 2 61.09 -41.43 -11.41
CA ASN J 2 59.92 -42.27 -11.03
C ASN J 2 58.73 -41.50 -10.42
N LEU J 3 58.87 -40.35 -9.65
CA LEU J 3 57.90 -39.77 -8.66
C LEU J 3 58.36 -38.42 -8.05
N CYS J 4 57.50 -37.43 -7.54
CA CYS J 4 57.89 -36.15 -6.81
C CYS J 4 57.10 -35.73 -5.51
N PRO J 5 57.68 -34.97 -4.52
CA PRO J 5 57.27 -34.95 -3.11
C PRO J 5 56.48 -33.71 -2.73
N PHE J 6 55.44 -33.48 -3.50
CA PHE J 6 54.78 -32.19 -3.46
C PHE J 6 53.84 -32.18 -2.27
N GLY J 7 53.05 -33.26 -2.15
CA GLY J 7 52.17 -33.56 -1.02
C GLY J 7 52.82 -33.35 0.34
N GLU J 8 54.14 -33.55 0.45
CA GLU J 8 54.90 -33.12 1.62
C GLU J 8 54.91 -31.58 1.79
N VAL J 9 55.17 -30.77 0.74
CA VAL J 9 55.23 -29.29 0.84
C VAL J 9 53.85 -28.77 1.24
N PHE J 10 52.83 -29.16 0.45
CA PHE J 10 51.54 -28.50 0.45
C PHE J 10 50.74 -29.09 1.61
N ASN J 11 50.50 -30.43 1.65
CA ASN J 11 49.68 -31.06 2.70
C ASN J 11 50.59 -31.29 3.95
N ALA J 12 51.38 -30.27 4.37
CA ALA J 12 52.21 -30.19 5.58
C ALA J 12 51.43 -29.62 6.75
N THR J 13 51.69 -30.03 8.01
CA THR J 13 50.69 -29.77 9.07
C THR J 13 51.10 -28.61 10.00
N ARG J 14 52.33 -28.03 9.90
CA ARG J 14 52.61 -26.63 10.27
C ARG J 14 53.38 -26.00 9.11
N PHE J 15 53.36 -24.67 9.03
CA PHE J 15 53.97 -23.90 7.97
C PHE J 15 54.73 -22.74 8.58
N ALA J 16 55.60 -22.15 7.76
CA ALA J 16 56.51 -21.11 8.25
C ALA J 16 55.79 -19.79 8.54
N SER J 17 56.13 -19.16 9.68
CA SER J 17 56.08 -17.71 9.83
C SER J 17 56.86 -17.00 8.73
N VAL J 18 56.44 -15.79 8.37
CA VAL J 18 56.78 -15.28 7.05
C VAL J 18 58.21 -14.70 6.98
N TYR J 19 58.74 -14.04 8.03
CA TYR J 19 60.17 -13.68 8.15
C TYR J 19 61.12 -14.88 8.05
N ALA J 20 60.58 -16.02 8.53
CA ALA J 20 61.23 -17.26 8.85
C ALA J 20 60.86 -18.34 7.83
N TRP J 21 60.97 -17.95 6.57
CA TRP J 21 60.25 -18.66 5.52
C TRP J 21 61.00 -19.91 5.13
N ASN J 22 60.27 -21.05 5.14
CA ASN J 22 60.78 -22.33 4.72
C ASN J 22 61.11 -22.28 3.23
N ARG J 23 61.84 -23.32 2.86
CA ARG J 23 62.11 -23.70 1.49
C ARG J 23 62.32 -25.21 1.55
N LYS J 24 61.87 -25.92 0.52
CA LYS J 24 62.52 -27.14 0.05
C LYS J 24 63.16 -26.78 -1.31
N ARG J 25 64.37 -27.25 -1.59
CA ARG J 25 64.77 -27.58 -2.96
C ARG J 25 64.13 -28.91 -3.35
N ILE J 26 63.59 -29.00 -4.59
CA ILE J 26 63.04 -30.24 -5.15
C ILE J 26 63.86 -30.60 -6.40
N SER J 27 64.20 -31.91 -6.57
CA SER J 27 65.09 -32.39 -7.64
C SER J 27 64.89 -33.89 -7.97
N ASN J 28 65.37 -34.29 -9.20
CA ASN J 28 65.54 -35.68 -9.66
C ASN J 28 64.21 -36.44 -9.52
N CYS J 29 63.19 -35.90 -10.20
CA CYS J 29 61.82 -36.38 -10.13
C CYS J 29 60.93 -35.85 -11.28
N VAL J 30 59.76 -36.51 -11.40
CA VAL J 30 58.73 -36.16 -12.39
C VAL J 30 57.64 -35.38 -11.66
N ALA J 31 57.27 -34.22 -12.25
CA ALA J 31 56.44 -33.19 -11.65
C ALA J 31 55.19 -32.96 -12.49
N ASP J 32 54.06 -33.62 -12.13
CA ASP J 32 52.72 -33.30 -12.62
C ASP J 32 52.20 -32.14 -11.77
N TYR J 33 52.37 -30.93 -12.32
CA TYR J 33 51.84 -29.71 -11.73
C TYR J 33 50.35 -29.54 -12.10
N SER J 34 49.69 -30.34 -13.00
CA SER J 34 48.27 -30.15 -13.36
C SER J 34 47.35 -30.40 -12.18
N VAL J 35 47.70 -31.37 -11.33
CA VAL J 35 47.02 -31.58 -10.07
C VAL J 35 47.30 -30.50 -9.02
N LEU J 36 48.04 -29.40 -9.34
CA LEU J 36 48.01 -28.10 -8.67
C LEU J 36 47.11 -27.03 -9.30
N TYR J 37 47.20 -26.81 -10.64
CA TYR J 37 46.65 -25.59 -11.26
C TYR J 37 45.12 -25.70 -11.22
N ASN J 38 44.56 -26.73 -11.86
CA ASN J 38 43.14 -27.05 -11.76
C ASN J 38 42.95 -28.16 -10.71
N SER J 39 43.73 -28.15 -9.59
CA SER J 39 43.29 -28.72 -8.32
C SER J 39 42.15 -27.86 -7.80
N ALA J 40 42.41 -26.54 -7.75
CA ALA J 40 41.40 -25.51 -7.56
C ALA J 40 40.73 -25.60 -6.17
N SER J 41 41.10 -26.56 -5.31
CA SER J 41 41.30 -26.36 -3.88
C SER J 41 42.19 -25.14 -3.55
N PHE J 42 43.19 -24.76 -4.37
CA PHE J 42 44.00 -23.55 -4.12
C PHE J 42 43.23 -22.30 -4.58
N SER J 43 42.85 -21.40 -3.64
CA SER J 43 42.43 -20.00 -3.86
C SER J 43 43.23 -19.25 -4.96
N THR J 44 44.46 -18.72 -4.73
CA THR J 44 45.24 -17.94 -5.70
C THR J 44 46.20 -18.86 -6.48
N PHE J 45 46.65 -18.43 -7.70
CA PHE J 45 47.57 -19.20 -8.55
C PHE J 45 47.99 -18.39 -9.77
N LYS J 46 49.12 -17.69 -9.71
CA LYS J 46 49.53 -16.67 -10.69
C LYS J 46 50.97 -17.01 -11.09
N CYS J 47 51.24 -17.34 -12.37
CA CYS J 47 52.54 -17.73 -12.92
C CYS J 47 53.14 -16.62 -13.80
N TYR J 48 54.42 -16.31 -13.58
CA TYR J 48 55.11 -15.13 -14.05
C TYR J 48 56.35 -15.69 -14.76
N GLY J 49 56.61 -15.30 -16.01
CA GLY J 49 57.54 -16.00 -16.89
C GLY J 49 57.00 -17.32 -17.47
N VAL J 50 55.73 -17.73 -17.18
CA VAL J 50 55.28 -19.10 -17.44
C VAL J 50 53.82 -19.18 -17.93
N SER J 51 53.55 -19.93 -19.03
CA SER J 51 52.23 -20.47 -19.34
C SER J 51 51.96 -21.67 -18.45
N PRO J 52 50.84 -21.75 -17.67
CA PRO J 52 50.58 -22.96 -16.87
C PRO J 52 50.20 -24.28 -17.59
N THR J 53 50.11 -24.37 -18.94
CA THR J 53 50.29 -25.66 -19.61
C THR J 53 51.78 -26.01 -19.62
N LYS J 54 52.58 -25.13 -20.25
CA LYS J 54 53.88 -25.43 -20.87
C LYS J 54 54.95 -25.85 -19.86
N LEU J 55 54.84 -25.42 -18.59
CA LEU J 55 55.61 -25.98 -17.47
C LEU J 55 55.49 -27.51 -17.36
N ASN J 56 54.29 -28.07 -17.61
CA ASN J 56 53.94 -29.44 -17.29
C ASN J 56 54.54 -30.40 -18.32
N ASP J 57 55.15 -29.87 -19.39
CA ASP J 57 56.06 -30.60 -20.24
C ASP J 57 57.31 -29.75 -20.49
N LEU J 58 58.00 -29.26 -19.43
CA LEU J 58 59.28 -28.54 -19.59
C LEU J 58 60.15 -28.72 -18.33
N CYS J 59 61.48 -28.57 -18.57
CA CYS J 59 62.57 -29.11 -17.80
C CYS J 59 63.45 -28.03 -17.16
N PHE J 60 63.91 -28.31 -15.91
CA PHE J 60 64.67 -27.40 -15.06
C PHE J 60 65.75 -28.10 -14.23
N THR J 61 66.85 -27.36 -13.94
CA THR J 61 67.92 -27.81 -13.05
C THR J 61 67.32 -28.03 -11.65
N ASN J 62 66.62 -27.01 -11.11
CA ASN J 62 65.93 -27.16 -9.84
C ASN J 62 64.66 -26.31 -9.73
N VAL J 63 63.70 -26.87 -8.95
CA VAL J 63 62.50 -26.24 -8.42
C VAL J 63 62.67 -25.99 -6.93
N TYR J 64 62.39 -24.76 -6.44
CA TYR J 64 62.48 -24.38 -5.03
C TYR J 64 61.16 -23.80 -4.52
N ALA J 65 60.74 -24.17 -3.30
CA ALA J 65 59.31 -24.17 -2.87
C ALA J 65 59.09 -23.52 -1.49
N ASP J 66 58.84 -22.20 -1.51
CA ASP J 66 59.03 -21.32 -0.35
C ASP J 66 57.73 -21.30 0.45
N SER J 67 57.57 -22.30 1.36
CA SER J 67 56.38 -22.55 2.15
C SER J 67 56.27 -21.48 3.24
N PHE J 68 55.21 -20.60 3.31
CA PHE J 68 54.99 -19.73 4.48
C PHE J 68 53.59 -19.08 4.58
N VAL J 69 53.32 -18.20 5.60
CA VAL J 69 51.99 -17.89 6.10
C VAL J 69 51.93 -16.41 6.53
N ILE J 70 50.95 -15.72 5.90
CA ILE J 70 50.60 -14.32 6.05
C ILE J 70 49.06 -14.16 6.25
N ARG J 71 48.66 -12.88 6.47
CA ARG J 71 47.29 -12.38 6.32
C ARG J 71 46.90 -12.34 4.86
N GLY J 72 45.61 -12.63 4.57
CA GLY J 72 45.03 -12.53 3.23
C GLY J 72 45.29 -11.21 2.51
N ASP J 73 45.06 -10.08 3.20
CA ASP J 73 45.38 -8.74 2.68
C ASP J 73 46.77 -8.59 2.05
N GLU J 74 47.78 -9.25 2.67
CA GLU J 74 49.19 -9.15 2.31
C GLU J 74 49.56 -9.98 1.07
N VAL J 75 48.62 -10.82 0.51
CA VAL J 75 48.98 -11.69 -0.63
C VAL J 75 49.24 -10.87 -1.91
N ARG J 76 48.65 -9.64 -1.98
CA ARG J 76 49.13 -8.46 -2.75
C ARG J 76 50.66 -8.56 -3.03
N GLN J 77 51.45 -8.76 -1.95
CA GLN J 77 52.89 -8.48 -1.93
C GLN J 77 53.76 -9.62 -2.49
N ILE J 78 53.20 -10.82 -2.74
CA ILE J 78 53.96 -12.03 -3.08
C ILE J 78 54.17 -12.07 -4.61
N ALA J 79 54.77 -11.04 -5.13
CA ALA J 79 54.59 -10.69 -6.53
C ALA J 79 55.53 -9.53 -6.84
N PRO J 80 56.18 -9.53 -8.04
CA PRO J 80 57.23 -8.54 -8.38
C PRO J 80 56.86 -7.06 -8.22
N GLY J 81 57.90 -6.21 -8.08
CA GLY J 81 57.79 -4.76 -7.89
C GLY J 81 56.93 -4.27 -6.71
N GLN J 82 56.54 -5.15 -5.75
CA GLN J 82 55.55 -4.85 -4.72
C GLN J 82 56.25 -4.27 -3.49
N THR J 83 55.41 -3.82 -2.52
CA THR J 83 55.76 -2.81 -1.56
C THR J 83 55.01 -3.06 -0.24
N GLY J 84 55.61 -2.57 0.86
CA GLY J 84 55.09 -2.68 2.22
C GLY J 84 55.71 -3.83 3.00
N LYS J 85 55.24 -3.94 4.27
CA LYS J 85 55.59 -4.92 5.32
C LYS J 85 56.42 -6.13 4.81
N ILE J 86 55.85 -6.90 3.87
CA ILE J 86 56.29 -8.27 3.60
C ILE J 86 57.36 -8.31 2.50
N ALA J 87 57.09 -7.78 1.31
CA ALA J 87 58.06 -7.66 0.22
C ALA J 87 59.29 -6.85 0.67
N ASP J 88 59.11 -5.82 1.52
CA ASP J 88 60.22 -5.08 2.11
C ASP J 88 61.02 -5.87 3.17
N TYR J 89 60.35 -6.52 4.16
CA TYR J 89 60.99 -6.98 5.42
C TYR J 89 60.91 -8.50 5.73
N ASN J 90 60.27 -9.36 4.93
CA ASN J 90 60.03 -10.75 5.36
C ASN J 90 60.46 -11.70 4.25
N TYR J 91 59.80 -11.54 3.09
CA TYR J 91 60.07 -12.23 1.84
C TYR J 91 59.89 -11.34 0.59
N LYS J 92 60.97 -11.06 -0.13
CA LYS J 92 60.90 -10.35 -1.39
C LYS J 92 60.78 -11.41 -2.47
N LEU J 93 60.25 -11.02 -3.65
CA LEU J 93 60.55 -11.67 -4.93
C LEU J 93 61.23 -10.67 -5.84
N PRO J 94 62.10 -11.11 -6.80
CA PRO J 94 62.85 -10.18 -7.66
C PRO J 94 61.91 -9.67 -8.74
N ASP J 95 62.33 -8.57 -9.37
CA ASP J 95 61.53 -7.85 -10.35
C ASP J 95 61.32 -8.67 -11.65
N ASP J 96 62.24 -9.59 -11.99
CA ASP J 96 62.21 -10.42 -13.19
C ASP J 96 61.97 -11.90 -12.80
N PHE J 97 60.98 -12.13 -11.92
CA PHE J 97 60.77 -13.45 -11.32
C PHE J 97 60.24 -14.43 -12.39
N THR J 98 60.69 -15.69 -12.31
CA THR J 98 60.26 -16.82 -13.10
C THR J 98 59.71 -17.84 -12.12
N GLY J 99 58.40 -18.16 -12.17
CA GLY J 99 57.76 -19.06 -11.21
C GLY J 99 56.26 -18.80 -10.99
N CYS J 100 55.69 -19.58 -10.04
CA CYS J 100 54.27 -19.55 -9.64
C CYS J 100 54.11 -19.14 -8.17
N VAL J 101 52.95 -18.56 -7.82
CA VAL J 101 52.55 -18.03 -6.51
C VAL J 101 51.19 -18.65 -6.13
N ILE J 102 51.20 -19.66 -5.27
CA ILE J 102 50.02 -20.39 -4.83
C ILE J 102 49.71 -19.91 -3.42
N ALA J 103 48.42 -19.69 -3.14
CA ALA J 103 47.92 -19.58 -1.78
C ALA J 103 46.56 -20.22 -1.61
N TRP J 104 46.24 -20.44 -0.32
CA TRP J 104 44.92 -20.85 0.14
C TRP J 104 44.62 -20.33 1.53
N ASN J 105 43.35 -20.02 1.75
CA ASN J 105 42.86 -19.58 3.04
C ASN J 105 42.86 -20.77 3.99
N SER J 106 43.37 -20.52 5.19
CA SER J 106 43.75 -21.56 6.12
C SER J 106 43.20 -21.22 7.50
N ASN J 107 41.98 -20.69 7.57
CA ASN J 107 41.39 -20.13 8.79
C ASN J 107 40.84 -21.27 9.67
N ASN J 108 40.09 -22.16 9.01
CA ASN J 108 39.83 -23.55 9.37
C ASN J 108 41.03 -24.30 10.01
N LEU J 109 42.30 -24.10 9.56
CA LEU J 109 43.52 -24.69 10.17
C LEU J 109 44.19 -23.83 11.28
N ASP J 110 44.70 -22.65 10.87
CA ASP J 110 45.73 -21.87 11.55
C ASP J 110 45.17 -20.71 12.38
N SER J 111 43.84 -20.62 12.61
CA SER J 111 43.24 -19.85 13.68
C SER J 111 42.88 -20.74 14.85
N LYS J 112 43.00 -20.19 16.07
CA LYS J 112 42.73 -20.84 17.34
C LYS J 112 41.77 -19.91 18.10
N VAL J 113 40.68 -20.46 18.67
CA VAL J 113 39.89 -19.93 19.79
C VAL J 113 40.70 -19.03 20.73
N GLY J 114 40.63 -17.71 20.58
CA GLY J 114 41.50 -16.78 21.33
C GLY J 114 42.98 -16.67 20.87
N GLY J 115 43.29 -17.06 19.61
CA GLY J 115 44.36 -16.50 18.76
C GLY J 115 45.62 -17.37 18.70
N ASN J 116 45.96 -17.99 17.55
CA ASN J 116 47.26 -18.67 17.36
C ASN J 116 48.32 -17.54 17.26
N TYR J 117 49.32 -17.55 18.17
CA TYR J 117 50.40 -16.56 18.12
C TYR J 117 51.55 -16.99 17.19
N ASN J 118 51.52 -18.23 16.69
CA ASN J 118 52.71 -19.01 16.34
C ASN J 118 53.17 -18.69 14.92
N TYR J 119 52.35 -17.95 14.11
CA TYR J 119 52.83 -17.34 12.85
C TYR J 119 53.16 -15.89 13.17
N LEU J 120 54.12 -15.35 12.41
CA LEU J 120 54.83 -14.15 12.84
C LEU J 120 55.46 -13.41 11.66
N TYR J 121 55.73 -12.10 11.91
CA TYR J 121 56.14 -11.13 10.88
C TYR J 121 57.01 -9.97 11.40
N ARG J 122 57.91 -9.55 10.49
CA ARG J 122 59.02 -8.66 10.77
C ARG J 122 58.40 -7.32 10.42
N LEU J 123 58.11 -6.53 11.45
CA LEU J 123 57.37 -5.29 11.30
C LEU J 123 58.27 -4.11 10.90
N PHE J 124 59.59 -4.18 11.13
CA PHE J 124 60.56 -3.13 10.84
C PHE J 124 61.91 -3.77 10.48
N ARG J 125 62.76 -3.00 9.78
CA ARG J 125 64.14 -3.39 9.50
C ARG J 125 64.91 -2.22 8.88
N LYS J 126 66.23 -2.19 9.15
CA LYS J 126 67.13 -1.07 8.89
C LYS J 126 67.13 -0.70 7.39
N SER J 127 67.13 -1.70 6.49
CA SER J 127 66.84 -1.52 5.07
C SER J 127 66.03 -2.70 4.52
N ASN J 128 65.54 -2.53 3.28
CA ASN J 128 64.67 -3.49 2.64
C ASN J 128 65.47 -4.69 2.14
N LEU J 129 64.77 -5.83 2.04
CA LEU J 129 65.35 -7.13 1.72
C LEU J 129 65.72 -7.20 0.24
N LYS J 130 66.83 -7.90 -0.04
CA LYS J 130 67.15 -8.27 -1.42
C LYS J 130 66.26 -9.47 -1.77
N PRO J 131 66.06 -9.77 -3.09
CA PRO J 131 65.46 -11.00 -3.66
C PRO J 131 64.95 -12.13 -2.79
N PHE J 132 65.73 -13.18 -2.48
CA PHE J 132 65.31 -14.20 -1.52
C PHE J 132 66.08 -14.02 -0.26
N GLU J 133 66.11 -12.81 0.28
CA GLU J 133 66.70 -12.59 1.60
C GLU J 133 65.65 -13.13 2.59
N ARG J 134 66.16 -13.77 3.65
CA ARG J 134 65.45 -14.08 4.87
C ARG J 134 66.18 -13.40 6.00
N ASP J 135 65.45 -13.00 7.03
CA ASP J 135 66.12 -12.53 8.22
C ASP J 135 65.38 -13.12 9.40
N ILE J 136 66.17 -13.53 10.43
CA ILE J 136 65.63 -14.03 11.72
C ILE J 136 66.09 -13.26 13.00
N SER J 137 66.94 -12.19 12.85
CA SER J 137 67.70 -11.55 13.93
C SER J 137 66.71 -10.93 14.93
N THR J 138 66.96 -11.12 16.24
CA THR J 138 66.06 -10.64 17.30
C THR J 138 66.65 -9.37 17.95
N GLU J 139 67.26 -8.48 17.14
CA GLU J 139 68.02 -7.33 17.60
C GLU J 139 67.14 -6.10 17.34
N ILE J 140 67.06 -5.18 18.32
CA ILE J 140 65.96 -4.19 18.44
C ILE J 140 66.06 -3.13 17.33
N TYR J 141 64.89 -2.53 16.97
CA TYR J 141 64.81 -1.55 15.91
C TYR J 141 64.99 -0.16 16.49
N GLN J 142 65.94 0.59 15.88
CA GLN J 142 66.22 1.97 16.19
C GLN J 142 65.24 2.79 15.38
N ALA J 143 64.23 3.34 16.08
CA ALA J 143 63.37 4.37 15.53
C ALA J 143 64.08 5.72 15.67
N GLY J 144 64.49 6.08 16.90
CA GLY J 144 65.00 7.42 17.16
C GLY J 144 66.42 7.60 16.63
N SER J 145 66.91 8.84 16.75
CA SER J 145 68.32 9.18 16.97
C SER J 145 68.93 8.41 18.15
N THR J 146 68.10 8.36 19.20
CA THR J 146 68.34 7.75 20.49
C THR J 146 68.79 6.28 20.36
N PRO J 147 69.92 5.84 21.00
CA PRO J 147 70.35 4.42 21.03
C PRO J 147 69.43 3.50 21.82
N CYS J 148 69.39 2.17 21.52
CA CYS J 148 68.26 1.37 22.04
C CYS J 148 68.57 0.47 23.26
N ASN J 149 69.85 0.31 23.65
CA ASN J 149 70.24 0.03 25.04
C ASN J 149 69.81 -1.36 25.53
N GLY J 150 69.17 -2.21 24.70
CA GLY J 150 68.22 -3.22 25.18
C GLY J 150 67.20 -2.67 26.19
N VAL J 151 66.50 -1.57 25.84
CA VAL J 151 65.22 -1.24 26.47
C VAL J 151 64.18 -1.21 25.34
N GLU J 152 63.10 -2.00 25.48
CA GLU J 152 61.91 -1.80 24.64
C GLU J 152 61.19 -0.57 25.18
N GLY J 153 60.74 0.37 24.32
CA GLY J 153 60.07 1.57 24.78
C GLY J 153 59.57 2.43 23.63
N PHE J 154 59.38 3.73 23.89
CA PHE J 154 59.22 4.71 22.81
C PHE J 154 60.49 4.73 21.94
N ASN J 155 60.34 4.63 20.62
CA ASN J 155 61.42 4.70 19.63
C ASN J 155 62.38 3.51 19.70
N CYS J 156 61.93 2.37 20.28
CA CYS J 156 62.79 1.22 20.52
C CYS J 156 61.91 -0.02 20.58
N TYR J 157 61.81 -0.73 19.43
CA TYR J 157 60.73 -1.65 19.12
C TYR J 157 61.36 -3.01 18.81
N PHE J 158 60.72 -4.08 19.35
CA PHE J 158 61.22 -5.44 19.20
C PHE J 158 60.76 -5.98 17.86
N PRO J 159 61.62 -6.20 16.83
CA PRO J 159 61.18 -6.10 15.42
C PRO J 159 60.31 -7.19 14.78
N LEU J 160 60.00 -8.27 15.50
CA LEU J 160 59.08 -9.32 15.07
C LEU J 160 57.77 -9.20 15.85
N GLN J 161 56.64 -9.55 15.22
CA GLN J 161 55.36 -9.69 15.89
C GLN J 161 54.62 -10.97 15.52
N SER J 162 53.80 -11.46 16.46
CA SER J 162 52.71 -12.40 16.20
C SER J 162 51.51 -11.73 15.50
N TYR J 163 51.02 -12.30 14.39
CA TYR J 163 49.61 -12.18 14.01
C TYR J 163 48.86 -13.18 14.88
N GLY J 164 47.65 -12.84 15.30
CA GLY J 164 47.02 -13.54 16.41
C GLY J 164 45.74 -14.20 15.94
N PHE J 165 45.81 -15.01 14.88
CA PHE J 165 44.65 -15.45 14.10
C PHE J 165 43.55 -16.12 14.98
N GLN J 166 42.44 -15.38 15.20
CA GLN J 166 41.17 -15.92 15.73
C GLN J 166 40.24 -16.31 14.56
N PRO J 167 39.34 -17.34 14.69
CA PRO J 167 38.31 -17.59 13.67
C PRO J 167 37.29 -16.45 13.49
N THR J 168 37.00 -15.64 14.54
CA THR J 168 36.02 -14.54 14.36
C THR J 168 36.63 -13.33 13.60
N ASN J 169 37.92 -13.31 13.14
CA ASN J 169 38.48 -12.35 12.17
C ASN J 169 37.69 -12.22 10.87
N GLY J 170 37.77 -11.04 10.23
CA GLY J 170 37.39 -10.84 8.84
C GLY J 170 38.45 -11.35 7.86
N VAL J 171 38.04 -11.51 6.59
CA VAL J 171 38.65 -12.38 5.57
C VAL J 171 40.10 -11.96 5.23
N GLY J 172 40.39 -10.64 5.22
CA GLY J 172 41.71 -10.10 4.95
C GLY J 172 42.69 -10.31 6.11
N TYR J 173 42.22 -10.21 7.38
CA TYR J 173 42.95 -10.61 8.59
C TYR J 173 42.87 -12.13 8.90
N GLN J 174 42.34 -12.98 8.02
CA GLN J 174 42.48 -14.42 8.13
C GLN J 174 43.86 -14.87 7.57
N PRO J 175 44.34 -16.07 8.01
CA PRO J 175 45.64 -16.58 7.55
C PRO J 175 45.56 -17.23 6.17
N TYR J 176 46.48 -16.87 5.25
CA TYR J 176 46.71 -17.64 4.04
C TYR J 176 48.09 -18.35 4.04
N ARG J 177 48.04 -19.66 3.74
CA ARG J 177 49.17 -20.49 3.38
C ARG J 177 49.65 -20.34 1.91
N VAL J 178 50.93 -20.11 1.72
CA VAL J 178 51.56 -19.62 0.50
C VAL J 178 52.71 -20.55 0.12
N VAL J 179 52.77 -20.92 -1.14
CA VAL J 179 53.95 -21.54 -1.73
C VAL J 179 54.40 -20.68 -2.89
N VAL J 180 55.70 -20.69 -3.16
CA VAL J 180 56.30 -19.95 -4.27
C VAL J 180 57.26 -20.87 -5.00
N LEU J 181 56.74 -21.57 -6.02
CA LEU J 181 57.55 -22.44 -6.90
C LEU J 181 58.37 -21.54 -7.84
N SER J 182 59.72 -21.56 -7.69
CA SER J 182 60.66 -20.74 -8.43
C SER J 182 61.54 -21.69 -9.25
N PHE J 183 61.81 -21.30 -10.52
CA PHE J 183 62.37 -22.14 -11.56
C PHE J 183 63.69 -21.56 -12.06
N GLU J 184 64.70 -22.44 -12.26
CA GLU J 184 66.04 -22.04 -12.71
C GLU J 184 66.72 -23.21 -13.44
N LEU J 185 67.78 -22.84 -14.21
CA LEU J 185 68.55 -23.79 -15.01
C LEU J 185 70.00 -23.32 -15.37
N LEU J 186 71.05 -24.13 -15.05
CA LEU J 186 72.47 -23.73 -15.05
C LEU J 186 73.24 -24.32 -16.26
N HIS J 187 74.61 -24.21 -16.35
CA HIS J 187 75.50 -25.03 -17.25
C HIS J 187 75.24 -26.56 -17.18
N ALA J 188 74.80 -27.08 -16.01
CA ALA J 188 74.56 -28.50 -15.67
C ALA J 188 73.10 -28.95 -15.93
N PRO J 189 72.73 -30.27 -15.81
CA PRO J 189 71.61 -30.82 -16.60
C PRO J 189 70.19 -30.56 -16.10
N ALA J 190 69.22 -30.94 -16.93
CA ALA J 190 67.81 -31.08 -16.55
C ALA J 190 67.62 -32.11 -15.42
N THR J 191 66.73 -31.85 -14.43
CA THR J 191 66.37 -32.83 -13.40
C THR J 191 64.87 -32.85 -13.00
N VAL J 192 63.97 -32.01 -13.60
CA VAL J 192 62.57 -31.89 -13.19
C VAL J 192 61.68 -31.54 -14.40
N CYS J 193 60.77 -32.44 -14.86
CA CYS J 193 59.90 -32.26 -16.02
C CYS J 193 58.62 -33.11 -15.87
N GLY J 194 57.80 -33.28 -16.96
CA GLY J 194 57.09 -34.52 -17.31
C GLY J 194 55.62 -34.60 -16.84
N PRO J 195 54.78 -35.66 -17.09
CA PRO J 195 55.18 -36.94 -17.68
C PRO J 195 55.31 -36.90 -19.21
N LYS J 196 56.56 -37.00 -19.67
CA LYS J 196 57.00 -36.45 -20.94
C LYS J 196 56.87 -37.58 -21.99
C1 NAG K . 17.28 -0.56 7.69
C2 NAG K . 16.80 -1.02 9.10
C3 NAG K . 15.58 -0.15 9.56
C4 NAG K . 15.73 1.41 9.61
C5 NAG K . 16.74 1.89 8.53
C6 NAG K . 17.90 2.73 9.16
C7 NAG K . 17.32 -3.56 9.41
C8 NAG K . 17.49 -3.94 10.86
N2 NAG K . 16.54 -2.48 9.16
O3 NAG K . 15.31 -0.72 10.85
O4 NAG K . 14.43 2.35 9.56
O5 NAG K . 17.39 0.88 7.66
O6 NAG K . 18.64 3.66 8.29
O7 NAG K . 17.78 -4.30 8.50
C1 NAG K . 13.73 3.22 10.51
C2 NAG K . 12.29 3.91 10.72
C3 NAG K . 12.05 4.00 12.27
C4 NAG K . 11.99 2.58 12.85
C5 NAG K . 13.35 1.89 12.60
C6 NAG K . 13.48 0.39 12.88
C7 NAG K . 10.46 5.76 10.15
C8 NAG K . 10.13 7.08 10.82
N2 NAG K . 11.76 5.22 10.23
O3 NAG K . 10.93 4.73 12.81
O4 NAG K . 11.63 2.71 14.24
O5 NAG K . 13.65 1.96 11.20
O6 NAG K . 12.79 -0.13 13.97
O7 NAG K . 9.54 5.21 9.52
C1 NAG L . -52.48 4.85 -12.93
C2 NAG L . -52.64 3.34 -13.08
C3 NAG L . -54.17 3.12 -13.04
C4 NAG L . -54.94 3.57 -11.79
C5 NAG L . -54.27 4.80 -11.10
C6 NAG L . -53.95 4.57 -9.60
C7 NAG L . -51.46 3.04 -15.47
C8 NAG L . -52.51 3.60 -16.44
N2 NAG L . -51.83 2.70 -14.17
O3 NAG L . -54.25 1.71 -13.18
O4 NAG L . -56.46 3.84 -12.00
O5 NAG L . -53.01 5.28 -11.66
O6 NAG L . -53.80 5.79 -8.82
O7 NAG L . -50.29 2.83 -15.89
C1 NAG L . -57.37 3.58 -10.94
C2 NAG L . -58.84 4.09 -10.68
C3 NAG L . -59.51 3.27 -9.54
C4 NAG L . -59.47 1.75 -9.82
C5 NAG L . -58.02 1.38 -10.10
C6 NAG L . -57.88 -0.07 -10.49
C7 NAG L . -60.11 6.26 -10.20
C8 NAG L . -60.03 7.51 -9.36
N2 NAG L . -58.97 5.54 -10.43
O3 NAG L . -60.87 3.59 -9.23
O4 NAG L . -60.00 0.96 -8.73
O5 NAG L . -57.49 2.18 -11.19
O6 NAG L . -56.82 -0.20 -11.43
O7 NAG L . -61.19 5.88 -10.65
C1 NAG M . -52.94 35.41 34.91
C2 NAG M . -53.46 36.67 34.25
C3 NAG M . -53.62 37.71 35.35
C4 NAG M . -54.56 37.22 36.49
C5 NAG M . -54.33 35.76 36.93
C6 NAG M . -55.56 35.01 37.51
C7 NAG M . -52.36 36.47 32.15
C8 NAG M . -50.92 36.65 31.74
N2 NAG M . -52.70 37.25 33.17
O3 NAG M . -54.06 38.88 34.64
O4 NAG M . -54.40 38.10 37.65
O5 NAG M . -53.99 34.98 35.78
O6 NAG M . -55.62 34.70 38.92
O7 NAG M . -53.17 35.66 31.68
C1 NAG M . -54.98 39.37 37.49
C2 NAG M . -56.11 39.77 38.43
C3 NAG M . -56.56 41.21 38.01
C4 NAG M . -55.41 42.20 37.84
C5 NAG M . -54.31 41.58 36.96
C6 NAG M . -53.06 42.42 36.81
C7 NAG M . -57.29 37.54 38.99
C8 NAG M . -58.55 36.72 38.80
N2 NAG M . -57.18 38.77 38.39
O3 NAG M . -57.52 41.85 38.86
O4 NAG M . -55.96 43.40 37.27
O5 NAG M . -53.90 40.31 37.53
O6 NAG M . -52.43 42.06 35.57
O7 NAG M . -56.37 37.08 39.67
C1 NAG N . -8.90 2.75 -26.95
C2 NAG N . -8.41 3.05 -28.42
C3 NAG N . -9.51 3.30 -29.53
C4 NAG N . -10.52 2.15 -29.51
C5 NAG N . -11.03 1.91 -28.07
C6 NAG N . -11.07 0.39 -27.67
C7 NAG N . -6.18 4.16 -28.22
C8 NAG N . -5.25 4.76 -29.26
N2 NAG N . -7.51 4.20 -28.45
O3 NAG N . -9.17 3.51 -30.95
O4 NAG N . -11.59 2.46 -30.44
O5 NAG N . -10.34 2.66 -26.98
O6 NAG N . -10.43 -0.60 -28.57
O7 NAG N . -5.80 3.66 -27.17
C1 NAG O . 46.11 -33.67 -0.43
C2 NAG O . 46.70 -34.07 -1.80
C3 NAG O . 45.62 -34.55 -2.83
C4 NAG O . 44.59 -35.57 -2.32
C5 NAG O . 44.01 -35.00 -1.00
C6 NAG O . 43.16 -36.02 -0.25
C7 NAG O . 48.81 -32.90 -2.76
C8 NAG O . 49.40 -31.56 -3.15
N2 NAG O . 47.56 -32.93 -2.18
O3 NAG O . 46.20 -35.18 -3.97
O4 NAG O . 43.61 -35.90 -3.36
O5 NAG O . 45.05 -34.60 -0.06
O6 NAG O . 43.88 -36.78 0.79
O7 NAG O . 49.42 -33.94 -3.02
#